data_6X9A
#
_entry.id   6X9A
#
_cell.length_a   101.146
_cell.length_b   102.005
_cell.length_c   126.751
_cell.angle_alpha   90.000
_cell.angle_beta   106.450
_cell.angle_gamma   90.000
#
_symmetry.space_group_name_H-M   'P 1 21 1'
#
loop_
_entity.id
_entity.type
_entity.pdbx_description
1 polymer 'Bifunctional protein PutA'
2 non-polymer 'FLAVIN-ADENINE DINUCLEOTIDE'
3 non-polymer 'FORMIC ACID'
4 non-polymer DI(HYDROXYETHYL)ETHER
5 non-polymer (4S)-4-hydroxy-D-proline
6 non-polymer 'SULFATE ION'
7 non-polymer 'TRIETHYLENE GLYCOL'
8 water water
#
_entity_poly.entity_id   1
_entity_poly.type   'polypeptide(L)'
_entity_poly.pdbx_seq_one_letter_code
;SMMSPNPLQKPAIDAAPAPFADFAPPVRPQSTLRRAITAAYRRPETECLPPLVEAATQSKEIRDAAASTARKLIEALRGK
HSGSGVEGLVQEYSLSSQEGVALMCLAEALLRIPDTATRDALIRDKIADGNWKSHLGGSRSLFVNAATWGLVVTGKLTST
VNDRSLAAALTRLISRCGEPVIRRGVDMAMRMMGEQFVTGETIREALKRSKELEEKGFSYSYDMLGEAATTAADAERYYR
DYESAIHAIGKASAGRGIYEGPGISIKLSALHPRYSRAQAARVMGELLPRVKALALLAKNYDIGLNIDAEEADRLELSLD
LLEVLCLDGDLSGWNGMGFVVQAYGKRCPFVLDFIIDLARRSGRRIMVRLVKGAYWDAEIKRAQLDGLADFPVFTRKIHT
DVSYIACAAKLLAATDVVFPQFATHNAQTLAAIYHMAGKDFHVGKYEFQCLHGMGEPLYEEVVGRGKLDRPCRIYAPVGT
HETLLAYLVRRLLENGANSSFVHRINDPKVSIDELIADPVEVVRAMPVVGAKHDRIALPAELFGDARTNSAGLDLSNEET
LASLTEALRESAAMKWTALPQLATGPAAGETRTVLNPGDHRDVVGSVTETSEEDARRAVRLAADAAPDWAAVPPSERAAC
LDRAAELMQARMPTLLGLIIREAGKSALNAIAEVREAIDFLRYYAEQTRRTLGPGHGPLGPIVCISPWNFPLAIFTGQIA
AALVAGNPVLAKPAEETPLIAAEGVRILREAGIPASALQLLPGDGRVGAALVAAAETAGVMFTGSTEVARLIQAQLADRL
SPAGRPIPLIAETGGQNAMIVDSSALAEQVVGDVITSAFDSAGQRCSALRVLCLQEDVADRILTMLKGALHELHIGRTDR
LSVDVGPVITSEAKDNIEKHIERMRGLGRKVEQIGLASETGVGTFVPPTIIELEKLSDLQREVFGPVLHVIRYRRDDLDR
LVDDVNATGYGLTFGLHTRLDETIAHVTSRIKAGNLYINRNIIGAVVGVQPFGGRGLSGTGPKAGGPLYLGRLVTTAPVP
PQHSSVHTDPVLLDFAKWLDGKGARAEAEAARNAGSSSALGLDLELPGPVGERNLYTLHARGRILLVPATESGLYHQLAA
ALATGNSVAIDAASGLQASLKNLPQTVGLRVSWSKDWAADGPFAGALVEGDAERIRAVNKAIAALPGPLLLVQAASSGEI
ARNPDAYCLNWLVEEVSASINTAAAGGNASLMAIG
;
_entity_poly.pdbx_strand_id   A,B
#
loop_
_chem_comp.id
_chem_comp.type
_chem_comp.name
_chem_comp.formula
FAD non-polymer 'FLAVIN-ADENINE DINUCLEOTIDE' 'C27 H33 N9 O15 P2'
FMT non-polymer 'FORMIC ACID' 'C H2 O2'
PEG non-polymer DI(HYDROXYETHYL)ETHER 'C4 H10 O3'
PGE non-polymer 'TRIETHYLENE GLYCOL' 'C6 H14 O4'
SO4 non-polymer 'SULFATE ION' 'O4 S -2'
#
# COMPACT_ATOMS: atom_id res chain seq x y z
N ALA A 16 37.61 -23.37 42.19
CA ALA A 16 37.18 -22.89 40.88
C ALA A 16 36.24 -23.90 40.21
N PRO A 17 34.97 -23.52 40.05
CA PRO A 17 33.99 -24.45 39.46
C PRO A 17 34.38 -24.82 38.04
N ALA A 18 34.17 -26.09 37.69
CA ALA A 18 34.55 -26.55 36.36
C ALA A 18 33.64 -25.89 35.32
N PRO A 19 34.19 -25.50 34.17
CA PRO A 19 33.37 -24.81 33.17
C PRO A 19 32.20 -25.67 32.70
N PHE A 20 31.01 -25.08 32.75
CA PHE A 20 29.77 -25.67 32.26
C PHE A 20 29.31 -26.89 33.06
N ALA A 21 29.91 -27.14 34.22
CA ALA A 21 29.49 -28.27 35.04
C ALA A 21 28.08 -28.09 35.58
N ASP A 22 27.56 -26.87 35.60
CA ASP A 22 26.22 -26.58 36.11
C ASP A 22 25.45 -25.74 35.12
N PHE A 23 25.65 -26.00 33.82
CA PHE A 23 25.11 -25.10 32.80
C PHE A 23 23.58 -25.02 32.85
N ALA A 24 22.91 -26.18 32.75
CA ALA A 24 21.45 -26.16 32.70
C ALA A 24 20.85 -27.49 33.14
N PRO A 25 21.18 -27.99 34.33
CA PRO A 25 20.64 -29.29 34.74
C PRO A 25 19.12 -29.22 34.85
N PRO A 26 18.42 -30.26 34.42
CA PRO A 26 16.96 -30.25 34.51
C PRO A 26 16.48 -30.32 35.96
N VAL A 27 15.23 -29.90 36.15
CA VAL A 27 14.61 -29.96 37.48
C VAL A 27 14.64 -31.38 38.02
N ARG A 28 14.43 -32.36 37.16
CA ARG A 28 14.42 -33.76 37.54
C ARG A 28 14.86 -34.59 36.34
N PRO A 29 15.32 -35.83 36.56
CA PRO A 29 15.61 -36.70 35.43
C PRO A 29 14.34 -36.87 34.60
N GLN A 30 14.52 -36.85 33.29
CA GLN A 30 13.38 -36.88 32.38
C GLN A 30 12.91 -38.32 32.21
N SER A 31 11.67 -38.58 32.61
CA SER A 31 11.08 -39.91 32.47
C SER A 31 10.84 -40.22 31.00
N THR A 32 10.50 -41.49 30.73
CA THR A 32 10.13 -41.87 29.37
C THR A 32 8.98 -41.02 28.86
N LEU A 33 7.96 -40.81 29.69
CA LEU A 33 6.82 -39.99 29.28
C LEU A 33 7.24 -38.54 29.04
N ARG A 34 8.12 -38.00 29.88
CA ARG A 34 8.59 -36.63 29.67
C ARG A 34 9.43 -36.51 28.41
N ARG A 35 10.26 -37.52 28.12
CA ARG A 35 11.07 -37.45 26.91
C ARG A 35 10.22 -37.54 25.65
N ALA A 36 9.10 -38.29 25.70
CA ALA A 36 8.21 -38.35 24.54
C ALA A 36 7.60 -36.98 24.25
N ILE A 37 7.33 -36.20 25.30
CA ILE A 37 6.86 -34.83 25.10
C ILE A 37 7.90 -34.01 24.38
N THR A 38 9.13 -33.99 24.91
CA THR A 38 10.17 -33.14 24.34
C THR A 38 10.46 -33.55 22.90
N ALA A 39 10.40 -34.85 22.61
CA ALA A 39 10.69 -35.33 21.26
C ALA A 39 9.73 -34.75 20.23
N ALA A 40 8.52 -34.38 20.64
CA ALA A 40 7.50 -33.88 19.73
C ALA A 40 7.48 -32.36 19.61
N TYR A 41 8.37 -31.65 20.31
CA TYR A 41 8.28 -30.20 20.44
C TYR A 41 8.09 -29.53 19.09
N ARG A 42 8.93 -29.86 18.12
CA ARG A 42 8.89 -29.24 16.80
C ARG A 42 8.78 -30.29 15.69
N ARG A 43 8.08 -31.37 15.97
CA ARG A 43 7.96 -32.45 14.99
C ARG A 43 7.31 -31.93 13.72
N PRO A 44 7.78 -32.35 12.54
CA PRO A 44 7.15 -31.91 11.30
C PRO A 44 5.65 -32.16 11.32
N GLU A 45 4.92 -31.18 10.77
CA GLU A 45 3.47 -31.21 10.78
C GLU A 45 2.92 -32.45 10.07
N THR A 46 3.57 -32.86 8.98
CA THR A 46 3.15 -34.06 8.25
C THR A 46 3.31 -35.32 9.10
N GLU A 47 4.18 -35.30 10.09
CA GLU A 47 4.35 -36.46 10.97
C GLU A 47 3.38 -36.46 12.14
N CYS A 48 2.91 -35.28 12.57
CA CYS A 48 2.01 -35.19 13.72
C CYS A 48 0.61 -35.66 13.35
N LEU A 49 0.16 -35.38 12.13
CA LEU A 49 -1.26 -35.48 11.82
C LEU A 49 -1.79 -36.91 11.68
N PRO A 50 -1.10 -37.84 11.02
CA PRO A 50 -1.69 -39.18 10.79
C PRO A 50 -2.16 -39.86 12.07
N PRO A 51 -1.36 -39.89 13.15
CA PRO A 51 -1.89 -40.53 14.37
C PRO A 51 -3.06 -39.78 14.98
N LEU A 52 -3.13 -38.46 14.79
CA LEU A 52 -4.28 -37.70 15.27
C LEU A 52 -5.53 -38.05 14.45
N VAL A 53 -5.41 -38.11 13.13
CA VAL A 53 -6.52 -38.53 12.28
C VAL A 53 -7.06 -39.88 12.72
N GLU A 54 -6.15 -40.83 13.00
CA GLU A 54 -6.58 -42.17 13.41
C GLU A 54 -7.31 -42.13 14.75
N ALA A 55 -6.78 -41.38 15.72
CA ALA A 55 -7.37 -41.33 17.05
C ALA A 55 -8.74 -40.65 17.02
N ALA A 56 -8.94 -39.73 16.09
CA ALA A 56 -10.17 -38.94 16.01
C ALA A 56 -11.23 -39.56 15.12
N THR A 57 -10.96 -40.71 14.54
CA THR A 57 -11.91 -41.34 13.63
C THR A 57 -13.09 -41.92 14.41
N GLN A 58 -14.30 -41.72 13.88
CA GLN A 58 -15.51 -42.27 14.47
C GLN A 58 -16.34 -42.93 13.37
N SER A 59 -17.31 -43.74 13.77
CA SER A 59 -18.13 -44.48 12.82
C SER A 59 -18.94 -43.51 11.95
N LYS A 60 -19.33 -44.00 10.77
CA LYS A 60 -20.20 -43.22 9.90
C LYS A 60 -21.50 -42.85 10.61
N GLU A 61 -22.06 -43.78 11.39
CA GLU A 61 -23.27 -43.48 12.13
C GLU A 61 -23.05 -42.33 13.12
N ILE A 62 -21.93 -42.35 13.83
CA ILE A 62 -21.63 -41.25 14.75
C ILE A 62 -21.39 -39.96 13.99
N ARG A 63 -20.67 -40.03 12.86
CA ARG A 63 -20.39 -38.82 12.11
C ARG A 63 -21.68 -38.17 11.60
N ASP A 64 -22.62 -38.98 11.12
CA ASP A 64 -23.91 -38.45 10.71
C ASP A 64 -24.67 -37.86 11.89
N ALA A 65 -24.66 -38.55 13.04
CA ALA A 65 -25.37 -38.03 14.21
C ALA A 65 -24.75 -36.73 14.69
N ALA A 66 -23.42 -36.66 14.70
CA ALA A 66 -22.75 -35.44 15.14
C ALA A 66 -23.05 -34.27 14.22
N ALA A 67 -23.04 -34.50 12.89
CA ALA A 67 -23.35 -33.42 11.98
C ALA A 67 -24.78 -32.94 12.18
N SER A 68 -25.70 -33.84 12.47
CA SER A 68 -27.08 -33.46 12.74
C SER A 68 -27.17 -32.60 14.00
N THR A 69 -26.48 -33.00 15.08
CA THR A 69 -26.47 -32.21 16.29
C THR A 69 -25.81 -30.86 16.07
N ALA A 70 -24.69 -30.83 15.36
CA ALA A 70 -24.04 -29.57 15.07
C ALA A 70 -24.96 -28.65 14.27
N ARG A 71 -25.68 -29.20 13.29
CA ARG A 71 -26.59 -28.39 12.49
C ARG A 71 -27.72 -27.82 13.35
N LYS A 72 -28.28 -28.64 14.24
CA LYS A 72 -29.32 -28.16 15.15
C LYS A 72 -28.81 -27.04 16.04
N LEU A 73 -27.60 -27.19 16.59
CA LEU A 73 -27.02 -26.13 17.41
C LEU A 73 -26.80 -24.86 16.60
N ILE A 74 -26.32 -24.98 15.37
CA ILE A 74 -26.00 -23.81 14.56
C ILE A 74 -27.28 -23.12 14.10
N GLU A 75 -28.32 -23.88 13.80
CA GLU A 75 -29.60 -23.28 13.46
C GLU A 75 -30.16 -22.50 14.64
N ALA A 76 -30.04 -23.04 15.85
CA ALA A 76 -30.48 -22.29 17.03
C ALA A 76 -29.65 -21.02 17.22
N LEU A 77 -28.35 -21.09 16.97
CA LEU A 77 -27.51 -19.92 17.14
C LEU A 77 -27.85 -18.82 16.14
N ARG A 78 -27.97 -19.19 14.86
CA ARG A 78 -28.33 -18.20 13.85
C ARG A 78 -29.77 -17.72 13.98
N GLY A 79 -30.63 -18.52 14.62
CA GLY A 79 -32.02 -18.12 14.81
C GLY A 79 -32.24 -17.10 15.91
N LYS A 80 -31.28 -16.93 16.81
CA LYS A 80 -31.40 -15.94 17.87
C LYS A 80 -30.26 -14.93 17.79
N GLY A 85 -25.30 -4.48 19.89
CA GLY A 85 -25.04 -3.34 20.75
C GLY A 85 -24.34 -2.20 20.03
N VAL A 86 -23.04 -2.37 19.80
CA VAL A 86 -22.27 -1.35 19.09
C VAL A 86 -22.84 -1.13 17.70
N GLU A 87 -23.26 -2.21 17.03
CA GLU A 87 -23.79 -2.07 15.68
C GLU A 87 -25.08 -1.27 15.66
N GLY A 88 -25.93 -1.45 16.68
CA GLY A 88 -27.16 -0.66 16.74
C GLY A 88 -26.90 0.80 17.00
N LEU A 89 -25.84 1.11 17.74
CA LEU A 89 -25.47 2.49 18.01
C LEU A 89 -24.91 3.16 16.76
N VAL A 90 -24.00 2.46 16.06
CA VAL A 90 -23.49 2.95 14.78
C VAL A 90 -24.63 3.20 13.80
N GLN A 91 -25.64 2.32 13.80
CA GLN A 91 -26.77 2.49 12.90
C GLN A 91 -27.61 3.70 13.29
N GLU A 92 -27.90 3.85 14.59
CA GLU A 92 -28.81 4.90 15.02
C GLU A 92 -28.26 6.29 14.69
N TYR A 93 -26.95 6.48 14.87
CA TYR A 93 -26.35 7.79 14.68
C TYR A 93 -25.58 7.91 13.37
N SER A 94 -25.71 6.93 12.48
CA SER A 94 -25.06 6.96 11.16
C SER A 94 -23.56 7.20 11.29
N LEU A 95 -22.94 6.48 12.21
CA LEU A 95 -21.53 6.68 12.49
C LEU A 95 -20.67 5.97 11.45
N SER A 96 -19.58 6.61 11.06
CA SER A 96 -18.53 5.88 10.36
C SER A 96 -17.80 4.96 11.34
N SER A 97 -16.98 4.06 10.80
CA SER A 97 -16.17 3.20 11.66
C SER A 97 -15.30 4.02 12.60
N GLN A 98 -14.62 5.03 12.06
CA GLN A 98 -13.73 5.86 12.89
C GLN A 98 -14.52 6.63 13.94
N GLU A 99 -15.72 7.09 13.60
CA GLU A 99 -16.57 7.75 14.60
C GLU A 99 -16.97 6.76 15.70
N GLY A 100 -17.33 5.54 15.32
CA GLY A 100 -17.66 4.55 16.33
C GLY A 100 -16.49 4.28 17.26
N VAL A 101 -15.30 4.09 16.71
CA VAL A 101 -14.10 3.89 17.53
C VAL A 101 -13.85 5.10 18.42
N ALA A 102 -13.91 6.30 17.85
CA ALA A 102 -13.63 7.50 18.63
C ALA A 102 -14.62 7.66 19.77
N LEU A 103 -15.89 7.35 19.50
CA LEU A 103 -16.93 7.46 20.52
C LEU A 103 -16.65 6.51 21.68
N MET A 104 -16.24 5.27 21.38
CA MET A 104 -15.97 4.32 22.46
C MET A 104 -14.74 4.74 23.25
N CYS A 105 -13.74 5.32 22.59
CA CYS A 105 -12.59 5.86 23.32
C CYS A 105 -13.01 6.99 24.25
N LEU A 106 -13.87 7.89 23.77
CA LEU A 106 -14.40 8.95 24.63
C LEU A 106 -15.16 8.35 25.81
N ALA A 107 -16.03 7.38 25.54
CA ALA A 107 -16.77 6.73 26.62
C ALA A 107 -15.83 6.11 27.64
N GLU A 108 -14.79 5.40 27.18
CA GLU A 108 -13.81 4.83 28.10
C GLU A 108 -13.18 5.91 28.97
N ALA A 109 -12.82 7.06 28.38
CA ALA A 109 -12.20 8.13 29.14
C ALA A 109 -13.17 8.73 30.15
N LEU A 110 -14.42 8.94 29.76
CA LEU A 110 -15.42 9.47 30.68
C LEU A 110 -15.65 8.53 31.86
N LEU A 111 -15.56 7.22 31.62
CA LEU A 111 -15.70 6.25 32.69
C LEU A 111 -14.51 6.22 33.63
N ARG A 112 -13.37 6.83 33.25
CA ARG A 112 -12.28 7.01 34.19
C ARG A 112 -12.62 8.04 35.26
N ILE A 113 -13.65 8.86 35.03
CA ILE A 113 -14.14 9.80 36.02
C ILE A 113 -15.01 9.04 37.01
N PRO A 114 -14.60 8.92 38.28
CA PRO A 114 -15.30 8.02 39.20
C PRO A 114 -16.72 8.44 39.57
N ASP A 115 -16.93 9.71 39.90
CA ASP A 115 -18.22 10.15 40.39
C ASP A 115 -19.19 10.34 39.22
N THR A 116 -20.34 9.66 39.30
CA THR A 116 -21.30 9.68 38.20
C THR A 116 -21.81 11.10 37.93
N ALA A 117 -22.13 11.85 38.99
CA ALA A 117 -22.65 13.19 38.79
C ALA A 117 -21.63 14.11 38.16
N THR A 118 -20.35 13.98 38.55
CA THR A 118 -19.32 14.79 37.93
C THR A 118 -19.21 14.47 36.44
N ARG A 119 -19.31 13.19 36.09
CA ARG A 119 -19.20 12.78 34.70
C ARG A 119 -20.37 13.33 33.88
N ASP A 120 -21.60 13.16 34.38
CA ASP A 120 -22.77 13.64 33.64
C ASP A 120 -22.75 15.15 33.47
N ALA A 121 -22.22 15.87 34.47
CA ALA A 121 -22.10 17.32 34.34
C ALA A 121 -21.10 17.69 33.26
N LEU A 122 -19.95 17.00 33.23
CA LEU A 122 -18.95 17.28 32.20
C LEU A 122 -19.51 17.01 30.81
N ILE A 123 -20.24 15.90 30.65
CA ILE A 123 -20.88 15.60 29.37
C ILE A 123 -21.85 16.71 28.98
N ARG A 124 -22.70 17.11 29.92
CA ARG A 124 -23.76 18.07 29.60
C ARG A 124 -23.21 19.47 29.38
N ASP A 125 -22.26 19.89 30.21
CA ASP A 125 -21.83 21.29 30.24
C ASP A 125 -20.54 21.57 29.48
N LYS A 126 -19.77 20.55 29.13
CA LYS A 126 -18.46 20.79 28.53
C LYS A 126 -18.24 19.97 27.26
N ILE A 127 -18.54 18.66 27.33
CA ILE A 127 -18.21 17.77 26.21
C ILE A 127 -19.15 17.98 25.05
N ALA A 128 -20.45 18.08 25.32
CA ALA A 128 -21.44 18.13 24.25
C ALA A 128 -21.44 19.48 23.54
N ASP A 129 -21.15 20.55 24.26
CA ASP A 129 -21.32 21.91 23.74
C ASP A 129 -20.14 22.37 22.89
N GLY A 130 -19.05 21.62 22.84
CA GLY A 130 -17.95 22.04 22.00
C GLY A 130 -16.68 21.22 22.16
N ASN A 131 -15.59 21.88 22.51
CA ASN A 131 -14.28 21.24 22.55
C ASN A 131 -14.25 20.16 23.61
N TRP A 132 -14.01 18.92 23.19
CA TRP A 132 -13.72 17.85 24.13
C TRP A 132 -12.24 17.84 24.51
N LYS A 133 -11.38 18.34 23.63
CA LYS A 133 -9.94 18.35 23.91
C LYS A 133 -9.63 19.21 25.13
N SER A 134 -10.33 20.33 25.26
CA SER A 134 -10.09 21.23 26.39
C SER A 134 -10.36 20.56 27.74
N HIS A 135 -11.12 19.47 27.77
CA HIS A 135 -11.53 18.87 29.03
C HIS A 135 -11.06 17.44 29.24
N LEU A 136 -10.60 16.74 28.20
CA LEU A 136 -10.13 15.37 28.36
C LEU A 136 -8.81 15.14 27.61
N SER A 139 -2.61 14.75 29.01
CA SER A 139 -1.47 13.91 29.39
C SER A 139 -1.54 12.53 28.73
N ARG A 140 -2.76 12.07 28.49
CA ARG A 140 -3.01 10.74 27.94
C ARG A 140 -3.99 10.90 26.79
N SER A 141 -3.59 10.46 25.59
CA SER A 141 -4.50 10.49 24.46
C SER A 141 -5.78 9.75 24.81
N LEU A 142 -6.92 10.32 24.37
CA LEU A 142 -8.17 9.58 24.50
C LEU A 142 -8.10 8.24 23.80
N PHE A 143 -7.19 8.09 22.84
CA PHE A 143 -7.25 7.01 21.88
C PHE A 143 -6.21 5.93 22.16
N VAL A 144 -5.68 5.89 23.38
CA VAL A 144 -4.63 4.92 23.70
CA VAL A 144 -4.65 4.91 23.76
C VAL A 144 -5.09 3.49 23.43
N ASN A 145 -6.34 3.17 23.70
CA ASN A 145 -6.85 1.82 23.48
C ASN A 145 -7.66 1.68 22.20
N ALA A 146 -7.48 2.60 21.24
CA ALA A 146 -8.32 2.55 20.05
C ALA A 146 -8.08 1.31 19.19
N ALA A 147 -6.93 0.65 19.28
CA ALA A 147 -6.77 -0.60 18.55
C ALA A 147 -7.75 -1.64 19.07
N THR A 148 -8.00 -1.63 20.38
CA THR A 148 -8.97 -2.55 20.96
C THR A 148 -10.38 -2.20 20.51
N TRP A 149 -10.77 -0.92 20.65
CA TRP A 149 -12.10 -0.51 20.21
C TRP A 149 -12.27 -0.67 18.70
N GLY A 150 -11.19 -0.52 17.93
CA GLY A 150 -11.25 -0.83 16.51
C GLY A 150 -11.64 -2.28 16.25
N LEU A 151 -11.08 -3.21 17.03
CA LEU A 151 -11.50 -4.61 16.91
C LEU A 151 -12.98 -4.78 17.24
N VAL A 152 -13.44 -4.09 18.29
CA VAL A 152 -14.83 -4.19 18.70
C VAL A 152 -15.78 -3.65 17.63
N VAL A 153 -15.43 -2.50 17.05
CA VAL A 153 -16.32 -1.82 16.12
C VAL A 153 -16.29 -2.46 14.74
N THR A 154 -15.10 -2.78 14.24
CA THR A 154 -14.93 -3.19 12.85
C THR A 154 -14.59 -4.66 12.67
N GLY A 155 -14.18 -5.36 13.72
CA GLY A 155 -13.70 -6.72 13.60
C GLY A 155 -12.29 -6.84 13.04
N LYS A 156 -11.64 -5.73 12.72
CA LYS A 156 -10.31 -5.75 12.16
C LYS A 156 -9.34 -5.12 13.15
N LEU A 157 -8.13 -5.66 13.22
CA LEU A 157 -7.08 -5.16 14.09
C LEU A 157 -6.14 -4.26 13.31
N THR A 158 -5.97 -3.02 13.79
CA THR A 158 -4.98 -2.10 13.28
C THR A 158 -4.00 -1.82 14.41
N SER A 159 -2.71 -2.10 14.18
CA SER A 159 -1.74 -2.19 15.27
C SER A 159 -1.46 -0.84 15.93
N THR A 160 -1.48 0.25 15.17
CA THR A 160 -1.30 1.58 15.74
C THR A 160 -2.55 2.40 15.44
N VAL A 161 -2.64 3.53 16.14
CA VAL A 161 -3.86 4.32 16.23
C VAL A 161 -3.66 5.57 15.40
N ASN A 162 -4.56 5.82 14.43
CA ASN A 162 -4.52 7.09 13.72
C ASN A 162 -5.26 8.10 14.57
N ASP A 163 -4.53 8.71 15.51
CA ASP A 163 -5.15 9.58 16.50
C ASP A 163 -5.66 10.90 15.90
N ARG A 164 -5.09 11.34 14.78
CA ARG A 164 -5.62 12.55 14.16
C ARG A 164 -6.94 12.27 13.45
N SER A 165 -7.06 11.09 12.83
CA SER A 165 -8.34 10.69 12.23
C SER A 165 -9.41 10.51 13.31
N LEU A 166 -9.04 9.90 14.43
CA LEU A 166 -10.01 9.72 15.50
C LEU A 166 -10.41 11.05 16.13
N ALA A 167 -9.45 11.97 16.27
CA ALA A 167 -9.81 13.29 16.83
C ALA A 167 -10.78 14.02 15.90
N ALA A 168 -10.51 13.96 14.60
CA ALA A 168 -11.42 14.58 13.64
C ALA A 168 -12.81 13.94 13.72
N ALA A 169 -12.86 12.61 13.80
CA ALA A 169 -14.13 11.91 13.83
C ALA A 169 -14.91 12.22 15.11
N LEU A 170 -14.20 12.35 16.23
CA LEU A 170 -14.88 12.66 17.49
C LEU A 170 -15.48 14.06 17.45
N THR A 171 -14.70 15.05 16.98
CA THR A 171 -15.25 16.39 16.83
C THR A 171 -16.47 16.37 15.91
N ARG A 172 -16.36 15.65 14.79
CA ARG A 172 -17.45 15.59 13.83
C ARG A 172 -18.70 14.99 14.44
N LEU A 173 -18.57 13.85 15.14
CA LEU A 173 -19.77 13.19 15.63
C LEU A 173 -20.40 14.00 16.76
N ILE A 174 -19.59 14.63 17.61
CA ILE A 174 -20.16 15.42 18.69
C ILE A 174 -20.85 16.66 18.14
N SER A 175 -20.22 17.33 17.19
CA SER A 175 -20.84 18.52 16.61
C SER A 175 -22.11 18.18 15.85
N ARG A 176 -22.20 16.96 15.31
CA ARG A 176 -23.37 16.56 14.55
C ARG A 176 -24.49 16.06 15.46
N CYS A 177 -24.17 15.29 16.50
CA CYS A 177 -25.19 14.59 17.27
C CYS A 177 -25.26 14.95 18.74
N GLY A 178 -24.24 15.59 19.30
CA GLY A 178 -24.37 16.17 20.63
C GLY A 178 -24.42 15.16 21.78
N GLU A 179 -25.00 15.65 22.88
CA GLU A 179 -25.09 14.83 24.09
C GLU A 179 -25.74 13.46 23.88
N PRO A 180 -26.84 13.33 23.14
CA PRO A 180 -27.46 12.00 23.02
C PRO A 180 -26.51 10.90 22.56
N VAL A 181 -25.62 11.19 21.59
CA VAL A 181 -24.71 10.13 21.15
C VAL A 181 -23.65 9.85 22.21
N ILE A 182 -23.20 10.88 22.93
CA ILE A 182 -22.23 10.66 24.01
C ILE A 182 -22.84 9.79 25.09
N ARG A 183 -24.06 10.11 25.50
CA ARG A 183 -24.78 9.32 26.51
C ARG A 183 -24.88 7.85 26.09
N ARG A 184 -25.29 7.60 24.84
CA ARG A 184 -25.42 6.24 24.37
C ARG A 184 -24.07 5.52 24.34
N GLY A 185 -23.01 6.23 23.95
CA GLY A 185 -21.69 5.63 23.97
C GLY A 185 -21.22 5.27 25.36
N VAL A 186 -21.42 6.19 26.32
CA VAL A 186 -21.01 5.93 27.71
C VAL A 186 -21.73 4.71 28.26
N ASP A 187 -23.04 4.63 28.04
CA ASP A 187 -23.81 3.51 28.58
C ASP A 187 -23.40 2.20 27.92
N MET A 188 -23.12 2.24 26.62
CA MET A 188 -22.65 1.04 25.93
C MET A 188 -21.30 0.57 26.46
N ALA A 189 -20.34 1.49 26.57
CA ALA A 189 -19.03 1.10 27.08
C ALA A 189 -19.13 0.62 28.52
N MET A 190 -20.01 1.23 29.31
CA MET A 190 -20.19 0.81 30.70
C MET A 190 -20.69 -0.61 30.77
N ARG A 191 -21.68 -0.97 29.92
CA ARG A 191 -22.18 -2.33 29.89
C ARG A 191 -21.12 -3.31 29.42
N MET A 192 -20.42 -2.97 28.33
CA MET A 192 -19.42 -3.89 27.78
C MET A 192 -18.29 -4.12 28.77
N MET A 193 -17.75 -3.05 29.35
CA MET A 193 -16.59 -3.19 30.21
C MET A 193 -16.95 -3.68 31.61
N GLY A 194 -18.23 -3.62 31.98
CA GLY A 194 -18.63 -4.04 33.31
C GLY A 194 -19.33 -5.39 33.34
N GLU A 195 -19.91 -5.81 32.22
CA GLU A 195 -20.77 -6.99 32.19
C GLU A 195 -20.49 -7.97 31.05
N GLN A 196 -19.77 -7.58 30.00
CA GLN A 196 -19.55 -8.44 28.84
C GLN A 196 -18.11 -8.94 28.78
N PHE A 197 -17.14 -8.03 28.75
CA PHE A 197 -15.73 -8.41 28.75
C PHE A 197 -15.31 -8.98 30.09
N VAL A 198 -16.04 -8.67 31.16
CA VAL A 198 -15.84 -9.29 32.46
C VAL A 198 -17.20 -9.68 33.01
N THR A 199 -17.19 -10.68 33.89
CA THR A 199 -18.42 -11.00 34.61
C THR A 199 -18.70 -9.95 35.67
N GLY A 200 -17.66 -9.36 36.25
CA GLY A 200 -17.81 -8.26 37.16
C GLY A 200 -16.47 -7.60 37.38
N GLU A 201 -16.52 -6.40 37.98
CA GLU A 201 -15.30 -5.65 38.24
C GLU A 201 -14.49 -6.28 39.36
N THR A 202 -15.18 -6.84 40.36
CA THR A 202 -14.56 -7.48 41.49
C THR A 202 -15.11 -8.89 41.60
N ILE A 203 -14.42 -9.71 42.39
CA ILE A 203 -14.87 -11.10 42.57
C ILE A 203 -16.26 -11.14 43.21
N ARG A 204 -16.53 -10.23 44.16
CA ARG A 204 -17.85 -10.22 44.79
C ARG A 204 -18.95 -9.88 43.80
N GLU A 205 -18.70 -8.91 42.91
CA GLU A 205 -19.67 -8.57 41.88
C GLU A 205 -19.86 -9.73 40.91
N ALA A 206 -18.77 -10.36 40.50
CA ALA A 206 -18.86 -11.49 39.59
C ALA A 206 -19.65 -12.64 40.21
N LEU A 207 -19.39 -12.92 41.49
CA LEU A 207 -20.12 -13.99 42.18
C LEU A 207 -21.61 -13.69 42.26
N LYS A 208 -21.98 -12.43 42.53
CA LYS A 208 -23.38 -12.06 42.56
C LYS A 208 -24.05 -12.35 41.22
N ARG A 209 -23.37 -12.04 40.12
CA ARG A 209 -23.93 -12.18 38.78
C ARG A 209 -23.88 -13.61 38.25
N SER A 210 -23.27 -14.54 38.98
CA SER A 210 -23.17 -15.93 38.53
C SER A 210 -24.35 -16.78 38.94
N LYS A 211 -25.17 -16.31 39.89
CA LYS A 211 -26.24 -17.14 40.44
C LYS A 211 -27.26 -17.49 39.35
N GLU A 212 -27.55 -16.54 38.46
CA GLU A 212 -28.58 -16.75 37.45
C GLU A 212 -28.30 -17.98 36.60
N LEU A 213 -27.09 -18.10 36.06
CA LEU A 213 -26.78 -19.24 35.20
C LEU A 213 -26.42 -20.49 35.99
N GLU A 214 -25.95 -20.36 37.23
CA GLU A 214 -25.76 -21.55 38.05
C GLU A 214 -27.08 -22.25 38.33
N GLU A 215 -28.17 -21.47 38.46
CA GLU A 215 -29.49 -22.07 38.65
C GLU A 215 -29.97 -22.81 37.41
N LYS A 216 -29.40 -22.51 36.24
CA LYS A 216 -29.74 -23.19 35.01
C LYS A 216 -28.83 -24.38 34.70
N GLY A 217 -27.83 -24.64 35.55
CA GLY A 217 -26.96 -25.78 35.38
C GLY A 217 -25.54 -25.47 34.95
N PHE A 218 -25.18 -24.20 34.79
CA PHE A 218 -23.80 -23.85 34.52
C PHE A 218 -22.99 -23.82 35.80
N SER A 219 -21.67 -23.89 35.64
CA SER A 219 -20.73 -23.64 36.72
C SER A 219 -19.78 -22.54 36.28
N TYR A 220 -18.86 -22.15 37.17
CA TYR A 220 -17.96 -21.03 36.90
C TYR A 220 -16.53 -21.36 37.26
N SER A 221 -15.60 -20.77 36.51
CA SER A 221 -14.19 -20.69 36.91
C SER A 221 -13.76 -19.25 36.68
N TYR A 222 -13.25 -18.59 37.72
CA TYR A 222 -12.99 -17.16 37.66
C TYR A 222 -11.55 -16.87 37.26
N ASP A 223 -11.39 -15.98 36.29
CA ASP A 223 -10.09 -15.58 35.76
C ASP A 223 -9.82 -14.17 36.23
N MET A 224 -8.86 -14.02 37.16
CA MET A 224 -8.56 -12.71 37.75
C MET A 224 -7.70 -11.81 36.86
N LEU A 225 -7.39 -12.26 35.63
CA LEU A 225 -6.81 -11.43 34.58
C LEU A 225 -5.36 -11.03 34.82
N GLY A 226 -4.70 -11.58 35.84
CA GLY A 226 -3.29 -11.29 36.06
C GLY A 226 -2.40 -12.14 35.17
N GLU A 227 -1.31 -11.55 34.70
CA GLU A 227 -0.29 -12.29 33.97
C GLU A 227 0.95 -11.43 33.84
N ALA A 228 2.06 -12.09 33.53
CA ALA A 228 3.31 -11.44 33.15
C ALA A 228 3.76 -10.44 34.21
N ALA A 229 3.95 -10.94 35.43
CA ALA A 229 4.57 -10.11 36.46
C ALA A 229 5.95 -9.65 36.01
N THR A 230 6.23 -8.35 36.22
CA THR A 230 7.51 -7.75 35.84
C THR A 230 8.44 -7.57 37.04
N THR A 231 7.87 -7.47 38.23
CA THR A 231 8.63 -7.21 39.45
C THR A 231 8.12 -8.12 40.55
N ALA A 232 8.93 -8.26 41.59
CA ALA A 232 8.50 -9.01 42.76
C ALA A 232 7.22 -8.42 43.34
N ALA A 233 7.11 -7.09 43.35
CA ALA A 233 5.92 -6.45 43.92
C ALA A 233 4.67 -6.79 43.11
N ASP A 234 4.80 -6.82 41.77
CA ASP A 234 3.70 -7.23 40.91
C ASP A 234 3.26 -8.65 41.26
N ALA A 235 4.23 -9.55 41.36
CA ALA A 235 3.90 -10.95 41.62
C ALA A 235 3.22 -11.09 42.97
N GLU A 236 3.67 -10.32 43.96
CA GLU A 236 3.04 -10.35 45.27
C GLU A 236 1.62 -9.81 45.19
N ARG A 237 1.40 -8.78 44.38
CA ARG A 237 0.06 -8.24 44.18
C ARG A 237 -0.85 -9.28 43.54
N TYR A 238 -0.37 -9.95 42.51
CA TYR A 238 -1.20 -10.97 41.89
C TYR A 238 -1.47 -12.11 42.85
N TYR A 239 -0.48 -12.46 43.68
CA TYR A 239 -0.68 -13.49 44.69
C TYR A 239 -1.81 -13.12 45.64
N ARG A 240 -1.76 -11.91 46.21
CA ARG A 240 -2.79 -11.58 47.18
C ARG A 240 -4.16 -11.42 46.52
N ASP A 241 -4.19 -11.06 45.24
CA ASP A 241 -5.45 -11.04 44.50
C ASP A 241 -6.03 -12.45 44.34
N TYR A 242 -5.19 -13.43 43.98
CA TYR A 242 -5.68 -14.80 43.89
C TYR A 242 -6.14 -15.32 45.24
N GLU A 243 -5.38 -15.04 46.29
CA GLU A 243 -5.74 -15.52 47.63
C GLU A 243 -7.08 -14.94 48.06
N SER A 244 -7.28 -13.63 47.89
CA SER A 244 -8.55 -13.04 48.27
C SER A 244 -9.68 -13.60 47.42
N ALA A 245 -9.44 -13.84 46.12
CA ALA A 245 -10.47 -14.41 45.27
C ALA A 245 -10.81 -15.84 45.71
N ILE A 246 -9.82 -16.64 46.08
CA ILE A 246 -10.12 -18.00 46.54
C ILE A 246 -11.02 -17.96 47.77
N HIS A 247 -10.77 -17.04 48.69
CA HIS A 247 -11.65 -16.93 49.85
C HIS A 247 -13.08 -16.60 49.43
N ALA A 248 -13.25 -15.62 48.52
CA ALA A 248 -14.59 -15.24 48.11
C ALA A 248 -15.30 -16.38 47.40
N ILE A 249 -14.58 -17.05 46.49
CA ILE A 249 -15.15 -18.16 45.74
C ILE A 249 -15.46 -19.33 46.67
N GLY A 250 -14.56 -19.64 47.60
CA GLY A 250 -14.80 -20.76 48.50
C GLY A 250 -15.94 -20.50 49.47
N LYS A 251 -16.05 -19.28 49.98
CA LYS A 251 -17.19 -18.93 50.81
C LYS A 251 -18.50 -19.09 50.04
N ALA A 252 -18.51 -18.64 48.79
CA ALA A 252 -19.70 -18.74 47.94
C ALA A 252 -20.00 -20.18 47.55
N SER A 253 -18.95 -20.96 47.29
CA SER A 253 -19.16 -22.35 46.92
C SER A 253 -19.96 -23.08 47.98
N ALA A 254 -19.66 -22.80 49.25
CA ALA A 254 -20.46 -23.28 50.37
C ALA A 254 -20.63 -24.80 50.34
N GLY A 255 -19.53 -25.49 50.06
CA GLY A 255 -19.55 -26.94 50.10
C GLY A 255 -20.13 -27.63 48.88
N ARG A 256 -20.35 -26.91 47.78
CA ARG A 256 -20.87 -27.54 46.57
C ARG A 256 -19.87 -28.46 45.90
N GLY A 257 -18.59 -28.35 46.22
CA GLY A 257 -17.59 -29.23 45.66
C GLY A 257 -17.03 -28.74 44.35
N ILE A 258 -16.10 -29.52 43.79
CA ILE A 258 -15.31 -29.03 42.67
C ILE A 258 -16.04 -29.10 41.33
N TYR A 259 -17.10 -29.91 41.22
CA TYR A 259 -17.81 -30.02 39.94
C TYR A 259 -19.02 -29.09 39.87
N GLU A 260 -19.90 -29.13 40.87
CA GLU A 260 -21.04 -28.23 40.85
C GLU A 260 -20.62 -26.81 41.21
N GLY A 261 -19.64 -26.65 42.09
CA GLY A 261 -19.32 -25.35 42.60
C GLY A 261 -18.24 -24.66 41.79
N PRO A 262 -18.06 -23.38 42.05
CA PRO A 262 -17.13 -22.56 41.27
C PRO A 262 -15.69 -22.82 41.66
N GLY A 263 -14.80 -22.44 40.74
CA GLY A 263 -13.37 -22.54 40.96
C GLY A 263 -12.64 -21.30 40.49
N ILE A 264 -11.31 -21.36 40.53
CA ILE A 264 -10.46 -20.26 40.10
C ILE A 264 -9.47 -20.77 39.07
N SER A 265 -9.00 -19.87 38.22
CA SER A 265 -7.95 -20.15 37.25
C SER A 265 -6.81 -19.16 37.51
N ILE A 266 -5.58 -19.63 37.40
CA ILE A 266 -4.40 -18.82 37.66
C ILE A 266 -3.44 -18.97 36.50
N LYS A 267 -2.58 -17.96 36.34
CA LYS A 267 -1.48 -18.02 35.39
C LYS A 267 -0.16 -17.99 36.15
N LEU A 268 0.70 -18.98 35.89
CA LEU A 268 1.98 -19.03 36.59
C LEU A 268 2.82 -17.78 36.33
N SER A 269 2.71 -17.18 35.15
CA SER A 269 3.49 -15.98 34.86
C SER A 269 3.09 -14.80 35.74
N ALA A 270 1.91 -14.83 36.36
CA ALA A 270 1.54 -13.77 37.29
C ALA A 270 2.23 -13.89 38.62
N LEU A 271 2.73 -15.07 38.96
CA LEU A 271 3.18 -15.36 40.31
C LEU A 271 4.68 -15.27 40.49
N HIS A 272 5.43 -14.98 39.42
CA HIS A 272 6.86 -14.81 39.56
C HIS A 272 7.36 -13.98 38.40
N PRO A 273 8.23 -13.00 38.62
CA PRO A 273 8.71 -12.15 37.51
C PRO A 273 9.70 -12.84 36.59
N ARG A 274 10.23 -14.00 36.96
CA ARG A 274 11.20 -14.72 36.13
C ARG A 274 10.74 -16.15 35.90
N TYR A 275 9.51 -16.30 35.39
CA TYR A 275 8.95 -17.62 35.11
C TYR A 275 9.46 -18.09 33.74
N SER A 276 10.56 -18.85 33.76
CA SER A 276 11.17 -19.31 32.53
C SER A 276 12.07 -20.51 32.83
N ARG A 277 12.29 -21.33 31.79
CA ARG A 277 13.20 -22.46 31.94
C ARG A 277 14.60 -22.01 32.34
N ALA A 278 15.05 -20.84 31.87
CA ALA A 278 16.38 -20.37 32.23
C ALA A 278 16.48 -20.13 33.72
N GLN A 279 15.36 -19.82 34.38
CA GLN A 279 15.32 -19.56 35.81
C GLN A 279 14.62 -20.68 36.56
N ALA A 280 14.76 -21.92 36.08
CA ALA A 280 14.00 -23.04 36.63
C ALA A 280 14.23 -23.22 38.12
N ALA A 281 15.48 -23.05 38.60
CA ALA A 281 15.74 -23.19 40.02
C ALA A 281 14.97 -22.16 40.85
N ARG A 282 14.93 -20.90 40.39
CA ARG A 282 14.12 -19.91 41.10
C ARG A 282 12.64 -20.24 41.02
N VAL A 283 12.19 -20.76 39.88
CA VAL A 283 10.79 -21.13 39.73
C VAL A 283 10.40 -22.20 40.75
N MET A 284 11.20 -23.27 40.84
CA MET A 284 10.87 -24.33 41.78
C MET A 284 11.03 -23.86 43.23
N GLY A 285 12.00 -22.98 43.50
CA GLY A 285 12.24 -22.55 44.87
C GLY A 285 11.29 -21.49 45.35
N GLU A 286 10.81 -20.63 44.44
CA GLU A 286 10.07 -19.44 44.83
C GLU A 286 8.65 -19.42 44.31
N LEU A 287 8.43 -19.88 43.08
CA LEU A 287 7.08 -19.88 42.54
C LEU A 287 6.28 -21.06 43.08
N LEU A 288 6.86 -22.26 43.06
CA LEU A 288 6.16 -23.45 43.55
C LEU A 288 5.53 -23.28 44.92
N PRO A 289 6.23 -22.78 45.95
CA PRO A 289 5.59 -22.61 47.25
C PRO A 289 4.38 -21.69 47.23
N ARG A 290 4.37 -20.70 46.34
CA ARG A 290 3.21 -19.82 46.24
C ARG A 290 2.01 -20.55 45.67
N VAL A 291 2.22 -21.35 44.62
CA VAL A 291 1.11 -22.12 44.08
C VAL A 291 0.62 -23.11 45.13
N LYS A 292 1.55 -23.72 45.85
CA LYS A 292 1.16 -24.66 46.91
C LYS A 292 0.27 -23.98 47.94
N ALA A 293 0.61 -22.75 48.34
CA ALA A 293 -0.19 -22.09 49.37
C ALA A 293 -1.59 -21.78 48.86
N LEU A 294 -1.70 -21.35 47.60
CA LEU A 294 -3.03 -21.13 47.02
C LEU A 294 -3.80 -22.43 46.92
N ALA A 295 -3.12 -23.51 46.51
CA ALA A 295 -3.78 -24.80 46.37
C ALA A 295 -4.26 -25.32 47.71
N LEU A 296 -3.50 -25.09 48.79
CA LEU A 296 -3.94 -25.52 50.11
C LEU A 296 -5.23 -24.82 50.50
N LEU A 297 -5.36 -23.54 50.16
CA LEU A 297 -6.59 -22.82 50.45
C LEU A 297 -7.75 -23.34 49.61
N ALA A 298 -7.51 -23.61 48.32
CA ALA A 298 -8.55 -24.19 47.47
C ALA A 298 -8.97 -25.56 48.00
N LYS A 299 -8.01 -26.36 48.48
CA LYS A 299 -8.32 -27.64 49.10
C LYS A 299 -9.24 -27.44 50.31
N ASN A 300 -8.98 -26.43 51.15
CA ASN A 300 -9.80 -26.31 52.35
C ASN A 300 -11.24 -25.97 52.02
N TYR A 301 -11.46 -25.14 50.99
CA TYR A 301 -12.82 -24.83 50.56
C TYR A 301 -13.40 -25.86 49.60
N ASP A 302 -12.58 -26.79 49.11
CA ASP A 302 -12.95 -27.80 48.11
C ASP A 302 -13.48 -27.16 46.83
N ILE A 303 -12.64 -26.30 46.23
CA ILE A 303 -12.93 -25.67 44.95
C ILE A 303 -11.85 -26.08 43.96
N GLY A 304 -12.16 -25.89 42.68
CA GLY A 304 -11.15 -26.13 41.65
C GLY A 304 -10.14 -25.01 41.61
N LEU A 305 -8.91 -25.39 41.28
CA LEU A 305 -7.83 -24.43 41.01
C LEU A 305 -7.13 -24.89 39.74
N ASN A 306 -7.31 -24.14 38.65
CA ASN A 306 -6.83 -24.52 37.33
C ASN A 306 -5.59 -23.70 37.00
N ILE A 307 -4.55 -24.36 36.50
CA ILE A 307 -3.37 -23.69 35.97
C ILE A 307 -3.56 -23.47 34.48
N ASP A 308 -3.72 -22.20 34.07
CA ASP A 308 -3.86 -21.85 32.67
C ASP A 308 -2.56 -22.12 31.92
N ALA A 309 -2.68 -22.43 30.63
CA ALA A 309 -1.52 -22.67 29.76
C ALA A 309 -1.15 -21.38 29.02
N GLU A 310 0.16 -21.15 28.89
CA GLU A 310 0.67 -19.91 28.29
C GLU A 310 1.55 -20.22 27.09
N GLU A 311 2.70 -19.57 26.98
CA GLU A 311 3.53 -19.75 25.79
C GLU A 311 4.12 -21.15 25.73
N ALA A 312 4.49 -21.56 24.51
CA ALA A 312 4.98 -22.93 24.30
C ALA A 312 6.24 -23.21 25.10
N ASP A 313 7.11 -22.21 25.29
CA ASP A 313 8.36 -22.42 26.03
C ASP A 313 8.15 -22.52 27.54
N ARG A 314 6.90 -22.44 28.01
CA ARG A 314 6.60 -22.64 29.42
C ARG A 314 5.87 -23.93 29.69
N LEU A 315 5.48 -24.66 28.65
CA LEU A 315 4.69 -25.88 28.85
C LEU A 315 5.44 -26.88 29.71
N GLU A 316 6.64 -27.28 29.29
CA GLU A 316 7.30 -28.37 30.01
C GLU A 316 7.71 -27.96 31.42
N LEU A 317 8.12 -26.69 31.61
CA LEU A 317 8.42 -26.20 32.95
C LEU A 317 7.21 -26.33 33.87
N SER A 318 6.02 -25.97 33.35
CA SER A 318 4.82 -26.05 34.18
C SER A 318 4.54 -27.48 34.62
N LEU A 319 4.95 -28.47 33.83
CA LEU A 319 4.75 -29.87 34.21
C LEU A 319 5.53 -30.22 35.47
N ASP A 320 6.71 -29.62 35.66
CA ASP A 320 7.47 -29.87 36.88
C ASP A 320 6.73 -29.37 38.11
N LEU A 321 6.04 -28.23 37.99
CA LEU A 321 5.23 -27.75 39.10
C LEU A 321 4.02 -28.65 39.33
N LEU A 322 3.36 -29.07 38.25
CA LEU A 322 2.21 -29.96 38.39
C LEU A 322 2.62 -31.26 39.06
N GLU A 323 3.76 -31.83 38.63
CA GLU A 323 4.26 -33.06 39.24
C GLU A 323 4.47 -32.91 40.74
N VAL A 324 5.17 -31.85 41.18
CA VAL A 324 5.45 -31.70 42.60
C VAL A 324 4.16 -31.51 43.40
N LEU A 325 3.27 -30.66 42.91
CA LEU A 325 2.02 -30.41 43.62
C LEU A 325 1.18 -31.68 43.74
N CYS A 326 1.09 -32.47 42.67
CA CYS A 326 0.25 -33.66 42.74
C CYS A 326 0.86 -34.75 43.62
N LEU A 327 2.18 -34.72 43.84
CA LEU A 327 2.84 -35.67 44.72
C LEU A 327 2.97 -35.18 46.16
N ASP A 328 2.56 -33.94 46.44
CA ASP A 328 2.74 -33.36 47.76
C ASP A 328 1.62 -33.83 48.67
N GLY A 329 1.97 -34.58 49.72
CA GLY A 329 0.94 -35.13 50.59
C GLY A 329 0.11 -34.09 51.30
N ASP A 330 0.61 -32.86 51.45
CA ASP A 330 -0.19 -31.85 52.11
C ASP A 330 -1.45 -31.49 51.33
N LEU A 331 -1.48 -31.78 50.03
CA LEU A 331 -2.63 -31.50 49.18
C LEU A 331 -3.51 -32.71 48.97
N SER A 332 -3.24 -33.81 49.68
CA SER A 332 -4.00 -35.03 49.44
C SER A 332 -5.44 -34.88 49.92
N GLY A 333 -6.33 -35.65 49.29
CA GLY A 333 -7.74 -35.62 49.61
C GLY A 333 -8.54 -34.64 48.79
N TRP A 334 -7.90 -33.86 47.94
CA TRP A 334 -8.55 -32.83 47.14
C TRP A 334 -8.26 -33.12 45.68
N ASN A 335 -9.32 -33.13 44.86
CA ASN A 335 -9.22 -33.42 43.44
C ASN A 335 -9.43 -32.17 42.59
N GLY A 336 -9.29 -30.99 43.19
CA GLY A 336 -9.57 -29.74 42.48
C GLY A 336 -8.44 -29.19 41.64
N MET A 337 -7.22 -29.74 41.71
CA MET A 337 -6.14 -29.23 40.88
CA MET A 337 -6.15 -29.22 40.88
C MET A 337 -6.44 -29.49 39.41
N GLY A 338 -6.35 -28.43 38.60
CA GLY A 338 -6.64 -28.51 37.19
C GLY A 338 -5.50 -27.95 36.37
N PHE A 339 -5.46 -28.33 35.09
CA PHE A 339 -4.33 -28.00 34.24
C PHE A 339 -4.79 -27.95 32.78
N VAL A 340 -4.42 -26.88 32.07
CA VAL A 340 -4.81 -26.70 30.68
C VAL A 340 -3.79 -27.35 29.76
N VAL A 341 -4.28 -27.98 28.70
CA VAL A 341 -3.41 -28.40 27.60
C VAL A 341 -3.96 -27.85 26.30
N GLN A 342 -3.05 -27.37 25.44
CA GLN A 342 -3.41 -26.64 24.22
C GLN A 342 -3.34 -27.57 23.01
N ALA A 343 -4.49 -27.83 22.40
CA ALA A 343 -4.55 -28.75 21.26
C ALA A 343 -3.87 -28.20 20.01
N TYR A 344 -3.60 -26.90 19.94
CA TYR A 344 -2.83 -26.41 18.81
C TYR A 344 -1.35 -26.80 18.91
N GLY A 345 -0.94 -27.41 20.02
CA GLY A 345 0.47 -27.73 20.24
C GLY A 345 0.76 -29.17 19.86
N LYS A 346 1.92 -29.36 19.22
CA LYS A 346 2.32 -30.67 18.72
C LYS A 346 2.56 -31.67 19.85
N ARG A 347 2.84 -31.18 21.07
CA ARG A 347 3.09 -32.07 22.20
C ARG A 347 1.81 -32.51 22.92
N CYS A 348 0.66 -31.95 22.57
CA CYS A 348 -0.57 -32.16 23.34
C CYS A 348 -0.90 -33.61 23.69
N PRO A 349 -0.95 -34.56 22.75
CA PRO A 349 -1.30 -35.93 23.17
C PRO A 349 -0.27 -36.53 24.10
N PHE A 350 1.01 -36.17 23.92
CA PHE A 350 2.05 -36.71 24.79
C PHE A 350 1.99 -36.09 26.17
N VAL A 351 1.67 -34.80 26.25
CA VAL A 351 1.41 -34.15 27.53
C VAL A 351 0.26 -34.84 28.24
N LEU A 352 -0.80 -35.15 27.50
CA LEU A 352 -1.94 -35.85 28.10
C LEU A 352 -1.55 -37.23 28.62
N ASP A 353 -0.72 -37.97 27.87
CA ASP A 353 -0.23 -39.25 28.38
C ASP A 353 0.49 -39.06 29.71
N PHE A 354 1.32 -38.02 29.80
CA PHE A 354 2.04 -37.74 31.04
C PHE A 354 1.09 -37.41 32.18
N ILE A 355 0.10 -36.54 31.90
CA ILE A 355 -0.83 -36.10 32.95
C ILE A 355 -1.66 -37.29 33.45
N ILE A 356 -2.17 -38.10 32.52
CA ILE A 356 -3.00 -39.24 32.90
C ILE A 356 -2.21 -40.19 33.78
N ASP A 357 -0.94 -40.41 33.42
CA ASP A 357 -0.10 -41.27 34.26
C ASP A 357 0.17 -40.63 35.62
N LEU A 358 0.41 -39.31 35.64
CA LEU A 358 0.59 -38.62 36.92
C LEU A 358 -0.66 -38.74 37.78
N ALA A 359 -1.83 -38.64 37.15
CA ALA A 359 -3.07 -38.83 37.89
C ALA A 359 -3.16 -40.22 38.48
N ARG A 360 -2.70 -41.24 37.73
CA ARG A 360 -2.71 -42.61 38.25
C ARG A 360 -1.75 -42.75 39.43
N ARG A 361 -0.52 -42.23 39.28
CA ARG A 361 0.48 -42.36 40.34
C ARG A 361 0.07 -41.64 41.60
N SER A 362 -0.41 -40.40 41.47
CA SER A 362 -0.75 -39.59 42.63
C SER A 362 -2.10 -39.93 43.20
N GLY A 363 -2.96 -40.57 42.41
CA GLY A 363 -4.33 -40.80 42.83
C GLY A 363 -5.19 -39.56 42.85
N ARG A 364 -4.74 -38.46 42.26
CA ARG A 364 -5.53 -37.24 42.14
C ARG A 364 -6.23 -37.26 40.78
N ARG A 365 -7.53 -36.95 40.79
CA ARG A 365 -8.30 -36.94 39.55
C ARG A 365 -8.11 -35.56 38.92
N ILE A 366 -7.03 -35.42 38.16
CA ILE A 366 -6.66 -34.10 37.65
C ILE A 366 -7.75 -33.58 36.72
N MET A 367 -8.14 -32.32 36.92
CA MET A 367 -9.10 -31.67 36.03
C MET A 367 -8.32 -31.17 34.82
N VAL A 368 -8.63 -31.68 33.64
CA VAL A 368 -7.81 -31.38 32.46
C VAL A 368 -8.66 -30.54 31.51
N ARG A 369 -8.30 -29.27 31.34
CA ARG A 369 -9.03 -28.40 30.43
C ARG A 369 -8.35 -28.45 29.08
N LEU A 370 -9.06 -28.98 28.09
CA LEU A 370 -8.57 -29.04 26.73
C LEU A 370 -9.04 -27.79 25.99
N VAL A 371 -8.09 -26.99 25.52
CA VAL A 371 -8.37 -25.79 24.75
C VAL A 371 -7.64 -25.93 23.42
N LYS A 372 -7.94 -25.02 22.49
CA LYS A 372 -7.12 -25.00 21.28
C LYS A 372 -5.82 -24.24 21.50
N GLY A 373 -5.89 -22.99 21.95
CA GLY A 373 -4.67 -22.24 22.27
C GLY A 373 -4.78 -20.78 21.92
N ALA A 374 -4.26 -19.89 22.76
CA ALA A 374 -4.53 -18.47 22.64
C ALA A 374 -3.39 -17.65 22.07
N TYR A 375 -2.23 -18.27 21.76
CA TYR A 375 -1.02 -17.51 21.46
C TYR A 375 -0.49 -17.81 20.07
N TRP A 376 -1.37 -18.16 19.13
CA TRP A 376 -0.91 -18.75 17.87
C TRP A 376 0.04 -17.82 17.12
N ASP A 377 -0.40 -16.58 16.85
CA ASP A 377 0.45 -15.72 16.02
C ASP A 377 1.77 -15.38 16.71
N ALA A 378 1.79 -15.29 18.04
CA ALA A 378 3.03 -15.05 18.76
C ALA A 378 3.97 -16.23 18.65
N GLU A 379 3.42 -17.45 18.62
CA GLU A 379 4.27 -18.63 18.46
C GLU A 379 4.91 -18.67 17.08
N ILE A 380 4.18 -18.24 16.04
CA ILE A 380 4.75 -18.22 14.70
C ILE A 380 5.91 -17.22 14.65
N LYS A 381 5.68 -16.02 15.17
CA LYS A 381 6.73 -14.99 15.16
C LYS A 381 7.94 -15.44 15.93
N ARG A 382 7.75 -16.02 17.12
CA ARG A 382 8.89 -16.36 17.96
C ARG A 382 9.77 -17.42 17.30
N ALA A 383 9.15 -18.45 16.71
CA ALA A 383 9.94 -19.51 16.08
C ALA A 383 10.73 -18.96 14.90
N GLN A 384 10.12 -18.03 14.15
CA GLN A 384 10.82 -17.39 13.04
C GLN A 384 11.98 -16.55 13.55
N LEU A 385 11.75 -15.69 14.56
CA LEU A 385 12.82 -14.87 15.10
C LEU A 385 13.99 -15.71 15.57
N ASP A 386 13.69 -16.84 16.21
CA ASP A 386 14.73 -17.65 16.83
C ASP A 386 15.37 -18.64 15.87
N GLY A 387 14.94 -18.68 14.61
CA GLY A 387 15.56 -19.56 13.63
C GLY A 387 15.47 -21.03 13.99
N LEU A 388 14.36 -21.46 14.55
CA LEU A 388 14.25 -22.82 15.02
C LEU A 388 13.73 -23.76 13.93
N ALA A 389 13.79 -25.06 14.22
CA ALA A 389 13.60 -26.05 13.16
C ALA A 389 12.19 -26.01 12.60
N ASP A 390 11.21 -25.75 13.45
CA ASP A 390 9.80 -25.80 13.06
C ASP A 390 9.01 -25.08 14.13
N PHE A 391 7.70 -25.04 13.96
CA PHE A 391 6.85 -24.41 14.95
C PHE A 391 6.45 -25.42 16.02
N PRO A 392 6.17 -24.94 17.23
CA PRO A 392 5.63 -25.82 18.28
C PRO A 392 4.11 -25.91 18.25
N VAL A 393 3.48 -25.29 17.25
CA VAL A 393 2.04 -25.31 17.07
C VAL A 393 1.77 -25.65 15.61
N PHE A 394 0.55 -26.09 15.34
CA PHE A 394 0.14 -26.32 13.97
C PHE A 394 0.02 -24.99 13.23
N THR A 395 0.08 -25.05 11.90
CA THR A 395 -0.05 -23.86 11.07
C THR A 395 -1.34 -23.83 10.25
N ARG A 396 -2.11 -24.91 10.22
CA ARG A 396 -3.45 -24.90 9.64
C ARG A 396 -4.46 -25.09 10.74
N LYS A 397 -5.50 -24.25 10.73
CA LYS A 397 -6.49 -24.31 11.79
C LYS A 397 -7.14 -25.68 11.85
N ILE A 398 -7.36 -26.31 10.69
CA ILE A 398 -8.04 -27.60 10.69
C ILE A 398 -7.19 -28.66 11.38
N HIS A 399 -5.87 -28.47 11.40
CA HIS A 399 -5.01 -29.42 12.12
C HIS A 399 -5.23 -29.32 13.61
N THR A 400 -5.38 -28.10 14.14
CA THR A 400 -5.73 -27.94 15.54
C THR A 400 -7.06 -28.60 15.87
N ASP A 401 -8.02 -28.50 14.94
CA ASP A 401 -9.32 -29.12 15.17
C ASP A 401 -9.20 -30.63 15.28
N VAL A 402 -8.46 -31.24 14.35
CA VAL A 402 -8.25 -32.69 14.42
C VAL A 402 -7.50 -33.07 15.68
N SER A 403 -6.50 -32.28 16.04
CA SER A 403 -5.74 -32.53 17.26
C SER A 403 -6.67 -32.53 18.47
N TYR A 404 -7.55 -31.51 18.55
CA TYR A 404 -8.49 -31.41 19.66
C TYR A 404 -9.35 -32.67 19.78
N ILE A 405 -9.94 -33.10 18.66
CA ILE A 405 -10.84 -34.26 18.70
C ILE A 405 -10.06 -35.52 19.06
N ALA A 406 -8.84 -35.66 18.51
CA ALA A 406 -8.02 -36.82 18.85
C ALA A 406 -7.68 -36.85 20.33
N CYS A 407 -7.37 -35.67 20.89
CA CYS A 407 -7.05 -35.58 22.32
C CYS A 407 -8.29 -35.79 23.18
N ALA A 408 -9.46 -35.39 22.70
CA ALA A 408 -10.70 -35.67 23.42
C ALA A 408 -10.94 -37.18 23.50
N ALA A 409 -10.63 -37.91 22.43
CA ALA A 409 -10.79 -39.35 22.47
C ALA A 409 -9.87 -39.97 23.52
N LYS A 410 -8.63 -39.46 23.64
CA LYS A 410 -7.74 -39.95 24.66
C LYS A 410 -8.28 -39.66 26.05
N LEU A 411 -8.78 -38.43 26.27
CA LEU A 411 -9.30 -38.07 27.58
C LEU A 411 -10.56 -38.86 27.94
N LEU A 412 -11.45 -39.08 26.98
CA LEU A 412 -12.69 -39.80 27.26
C LEU A 412 -12.45 -41.26 27.61
N ALA A 413 -11.29 -41.80 27.25
CA ALA A 413 -10.93 -43.16 27.64
C ALA A 413 -10.35 -43.22 29.05
N ALA A 414 -10.18 -42.07 29.72
CA ALA A 414 -9.52 -42.02 31.01
C ALA A 414 -10.34 -41.26 32.05
N THR A 415 -11.68 -41.25 31.91
CA THR A 415 -12.51 -40.49 32.83
C THR A 415 -12.48 -41.05 34.24
N ASP A 416 -12.03 -42.30 34.43
CA ASP A 416 -11.87 -42.79 35.78
C ASP A 416 -10.69 -42.16 36.51
N VAL A 417 -9.71 -41.61 35.79
CA VAL A 417 -8.53 -41.06 36.45
C VAL A 417 -8.35 -39.56 36.26
N VAL A 418 -8.95 -38.94 35.23
CA VAL A 418 -8.91 -37.50 35.06
C VAL A 418 -10.34 -37.02 34.78
N PHE A 419 -10.56 -35.72 34.97
CA PHE A 419 -11.85 -35.09 34.69
C PHE A 419 -11.69 -34.20 33.46
N PRO A 420 -12.11 -34.66 32.27
CA PRO A 420 -11.94 -33.85 31.06
C PRO A 420 -12.89 -32.66 31.03
N GLN A 421 -12.38 -31.53 30.56
CA GLN A 421 -13.13 -30.28 30.48
C GLN A 421 -12.91 -29.73 29.08
N PHE A 422 -13.93 -29.80 28.24
CA PHE A 422 -13.76 -29.49 26.82
C PHE A 422 -14.17 -28.04 26.57
N ALA A 423 -13.18 -27.16 26.55
CA ALA A 423 -13.41 -25.73 26.34
C ALA A 423 -13.42 -25.45 24.84
N THR A 424 -14.59 -25.09 24.31
CA THR A 424 -14.67 -24.74 22.90
C THR A 424 -15.98 -24.03 22.62
N HIS A 425 -15.94 -23.08 21.69
CA HIS A 425 -17.13 -22.43 21.16
C HIS A 425 -17.56 -22.98 19.81
N ASN A 426 -16.88 -24.02 19.32
CA ASN A 426 -17.12 -24.55 17.98
C ASN A 426 -18.17 -25.65 18.07
N ALA A 427 -19.34 -25.42 17.47
CA ALA A 427 -20.44 -26.37 17.59
C ALA A 427 -20.13 -27.72 16.92
N GLN A 428 -19.28 -27.71 15.89
CA GLN A 428 -18.90 -28.98 15.28
C GLN A 428 -18.00 -29.77 16.21
N THR A 429 -17.00 -29.11 16.81
CA THR A 429 -16.15 -29.77 17.81
C THR A 429 -16.99 -30.33 18.96
N LEU A 430 -17.91 -29.51 19.47
CA LEU A 430 -18.77 -29.92 20.58
C LEU A 430 -19.59 -31.16 20.23
N ALA A 431 -20.26 -31.13 19.08
CA ALA A 431 -21.11 -32.25 18.70
C ALA A 431 -20.31 -33.53 18.53
N ALA A 432 -19.11 -33.43 17.95
CA ALA A 432 -18.27 -34.61 17.76
C ALA A 432 -17.95 -35.27 19.09
N ILE A 433 -17.67 -34.45 20.11
CA ILE A 433 -17.29 -34.98 21.41
C ILE A 433 -18.51 -35.48 22.18
N TYR A 434 -19.62 -34.75 22.08
CA TYR A 434 -20.87 -35.21 22.68
C TYR A 434 -21.22 -36.63 22.24
N HIS A 435 -21.15 -36.90 20.93
CA HIS A 435 -21.48 -38.25 20.47
C HIS A 435 -20.36 -39.25 20.77
N MET A 436 -19.11 -38.78 20.75
CA MET A 436 -17.99 -39.65 21.09
C MET A 436 -18.13 -40.17 22.52
N ALA A 437 -18.59 -39.33 23.44
CA ALA A 437 -18.69 -39.71 24.85
C ALA A 437 -19.77 -40.74 25.11
N GLY A 438 -20.68 -40.96 24.17
CA GLY A 438 -21.67 -42.00 24.31
C GLY A 438 -22.79 -41.63 25.25
N LYS A 439 -23.55 -42.66 25.64
CA LYS A 439 -24.84 -42.48 26.31
C LYS A 439 -24.74 -42.39 27.83
N ASP A 440 -23.73 -43.01 28.44
CA ASP A 440 -23.64 -43.01 29.89
C ASP A 440 -23.04 -41.69 30.35
N PHE A 441 -23.75 -40.98 31.22
CA PHE A 441 -23.21 -39.73 31.74
C PHE A 441 -23.64 -39.53 33.19
N HIS A 442 -22.77 -38.89 33.96
CA HIS A 442 -23.10 -38.41 35.29
C HIS A 442 -22.27 -37.16 35.55
N VAL A 443 -22.80 -36.26 36.38
CA VAL A 443 -22.05 -35.06 36.73
C VAL A 443 -20.78 -35.48 37.45
N GLY A 444 -19.64 -34.97 36.97
CA GLY A 444 -18.33 -35.40 37.39
C GLY A 444 -17.60 -36.26 36.39
N LYS A 445 -18.28 -36.74 35.35
CA LYS A 445 -17.59 -37.58 34.37
C LYS A 445 -16.73 -36.73 33.44
N TYR A 446 -17.33 -35.71 32.84
CA TYR A 446 -16.61 -34.69 32.07
C TYR A 446 -17.55 -33.50 31.99
N GLU A 447 -17.03 -32.39 31.48
CA GLU A 447 -17.88 -31.22 31.25
C GLU A 447 -17.36 -30.48 30.03
N PHE A 448 -18.18 -29.57 29.52
CA PHE A 448 -17.74 -28.58 28.55
C PHE A 448 -17.40 -27.28 29.27
N GLN A 449 -16.74 -26.37 28.55
CA GLN A 449 -16.48 -25.04 29.09
C GLN A 449 -16.60 -24.01 27.99
N CYS A 450 -16.89 -22.78 28.40
CA CYS A 450 -16.99 -21.68 27.45
C CYS A 450 -16.59 -20.38 28.14
N LEU A 451 -16.48 -19.31 27.34
CA LEU A 451 -16.11 -18.00 27.82
C LEU A 451 -17.34 -17.18 28.16
N HIS A 452 -17.30 -16.49 29.30
CA HIS A 452 -18.37 -15.56 29.66
C HIS A 452 -18.62 -14.56 28.55
N GLY A 453 -19.90 -14.27 28.32
CA GLY A 453 -20.27 -13.27 27.33
C GLY A 453 -19.89 -13.65 25.91
N MET A 454 -19.80 -14.93 25.62
CA MET A 454 -19.38 -15.38 24.30
C MET A 454 -19.97 -16.76 24.00
N GLY A 455 -19.80 -17.71 24.92
CA GLY A 455 -20.28 -19.06 24.69
C GLY A 455 -21.67 -19.40 25.20
N GLU A 456 -22.30 -18.52 25.99
CA GLU A 456 -23.62 -18.84 26.53
C GLU A 456 -24.69 -19.11 25.48
N PRO A 457 -24.81 -18.35 24.39
CA PRO A 457 -25.81 -18.70 23.36
C PRO A 457 -25.72 -20.15 22.90
N LEU A 458 -24.50 -20.63 22.66
CA LEU A 458 -24.33 -22.03 22.26
C LEU A 458 -24.68 -22.98 23.40
N TYR A 459 -24.13 -22.72 24.59
CA TYR A 459 -24.29 -23.68 25.67
C TYR A 459 -25.67 -23.64 26.32
N GLU A 460 -26.43 -22.56 26.14
CA GLU A 460 -27.84 -22.65 26.50
C GLU A 460 -28.62 -23.64 25.64
N GLU A 461 -28.04 -24.09 24.53
CA GLU A 461 -28.58 -25.19 23.74
C GLU A 461 -28.00 -26.55 24.15
N VAL A 462 -27.22 -26.59 25.24
CA VAL A 462 -26.52 -27.79 25.67
C VAL A 462 -26.87 -28.17 27.10
N VAL A 463 -26.76 -27.21 28.03
CA VAL A 463 -27.05 -27.47 29.44
C VAL A 463 -28.54 -27.70 29.63
N GLY A 464 -28.87 -28.62 30.52
CA GLY A 464 -30.26 -28.77 30.90
C GLY A 464 -30.88 -30.04 30.35
N ARG A 465 -31.86 -30.57 31.10
CA ARG A 465 -32.54 -31.80 30.69
C ARG A 465 -33.27 -31.62 29.37
N GLY A 466 -33.70 -30.39 29.06
CA GLY A 466 -34.36 -30.13 27.80
C GLY A 466 -33.45 -29.96 26.60
N LYS A 467 -32.13 -30.03 26.81
CA LYS A 467 -31.18 -29.84 25.72
C LYS A 467 -30.36 -31.13 25.59
N LEU A 468 -29.03 -31.05 25.70
CA LEU A 468 -28.19 -32.23 25.66
C LEU A 468 -27.86 -32.77 27.05
N ASP A 469 -28.24 -32.05 28.11
CA ASP A 469 -28.04 -32.49 29.49
C ASP A 469 -26.56 -32.74 29.80
N ARG A 470 -25.72 -31.82 29.34
CA ARG A 470 -24.30 -31.84 29.65
C ARG A 470 -23.94 -30.51 30.27
N PRO A 471 -23.17 -30.51 31.36
CA PRO A 471 -22.85 -29.24 32.04
C PRO A 471 -21.78 -28.45 31.30
N CYS A 472 -21.76 -27.15 31.59
CA CYS A 472 -20.77 -26.25 31.04
C CYS A 472 -20.28 -25.34 32.14
N ARG A 473 -18.96 -25.20 32.23
CA ARG A 473 -18.33 -24.25 33.14
C ARG A 473 -17.96 -22.98 32.38
N ILE A 474 -18.38 -21.83 32.91
CA ILE A 474 -18.11 -20.54 32.30
C ILE A 474 -16.82 -19.97 32.87
N TYR A 475 -15.86 -19.70 31.99
CA TYR A 475 -14.62 -19.02 32.35
C TYR A 475 -14.92 -17.54 32.41
N ALA A 476 -14.83 -16.97 33.60
CA ALA A 476 -15.40 -15.65 33.91
C ALA A 476 -14.28 -14.67 34.24
N PRO A 477 -13.91 -13.79 33.32
CA PRO A 477 -12.91 -12.77 33.65
C PRO A 477 -13.46 -11.83 34.70
N VAL A 478 -12.57 -11.34 35.56
CA VAL A 478 -12.93 -10.45 36.66
C VAL A 478 -11.87 -9.37 36.74
N GLY A 479 -12.28 -8.11 36.70
CA GLY A 479 -11.28 -7.06 36.82
C GLY A 479 -11.82 -5.71 36.43
N THR A 480 -11.01 -4.70 36.73
CA THR A 480 -11.29 -3.31 36.41
C THR A 480 -11.09 -3.07 34.92
N HIS A 481 -11.54 -1.88 34.49
CA HIS A 481 -11.35 -1.49 33.09
C HIS A 481 -9.88 -1.55 32.69
N GLU A 482 -9.00 -1.05 33.56
CA GLU A 482 -7.57 -1.04 33.24
C GLU A 482 -7.06 -2.47 33.06
N THR A 483 -7.44 -3.36 33.98
CA THR A 483 -6.95 -4.74 33.92
C THR A 483 -7.50 -5.46 32.70
N LEU A 484 -8.78 -5.26 32.39
CA LEU A 484 -9.36 -6.03 31.29
C LEU A 484 -8.83 -5.56 29.94
N LEU A 485 -8.49 -4.28 29.81
CA LEU A 485 -8.04 -3.77 28.52
C LEU A 485 -6.63 -4.19 28.16
N ALA A 486 -5.83 -4.64 29.14
CA ALA A 486 -4.42 -4.88 28.91
C ALA A 486 -4.19 -5.95 27.85
N TYR A 487 -4.96 -7.05 27.91
CA TYR A 487 -4.78 -8.14 26.95
C TYR A 487 -6.09 -8.50 26.26
N LEU A 488 -7.02 -7.54 26.15
CA LEU A 488 -8.30 -7.80 25.52
C LEU A 488 -8.14 -8.14 24.04
N VAL A 489 -7.13 -7.57 23.37
CA VAL A 489 -6.93 -7.87 21.95
C VAL A 489 -6.70 -9.36 21.74
N ARG A 490 -5.82 -9.97 22.54
CA ARG A 490 -5.56 -11.40 22.40
C ARG A 490 -6.83 -12.22 22.61
N ARG A 491 -7.66 -11.83 23.58
CA ARG A 491 -8.92 -12.53 23.81
C ARG A 491 -9.88 -12.36 22.64
N LEU A 492 -9.96 -11.16 22.07
CA LEU A 492 -10.84 -10.94 20.93
C LEU A 492 -10.42 -11.77 19.72
N LEU A 493 -9.11 -11.96 19.53
CA LEU A 493 -8.64 -12.75 18.39
C LEU A 493 -8.95 -14.23 18.55
N GLU A 494 -9.15 -14.70 19.78
CA GLU A 494 -9.49 -16.12 19.98
C GLU A 494 -10.73 -16.51 19.18
N ASN A 495 -11.73 -15.64 19.15
CA ASN A 495 -12.99 -15.90 18.47
C ASN A 495 -13.26 -14.96 17.31
N GLY A 496 -12.29 -14.13 16.91
CA GLY A 496 -12.55 -13.10 15.93
C GLY A 496 -11.78 -13.18 14.64
N ALA A 497 -10.91 -14.18 14.48
CA ALA A 497 -10.16 -14.33 13.24
C ALA A 497 -11.01 -14.96 12.15
N ASN A 498 -10.53 -14.84 10.91
CA ASN A 498 -11.31 -15.31 9.76
C ASN A 498 -11.61 -16.80 9.82
N SER A 499 -10.75 -17.58 10.49
CA SER A 499 -10.98 -19.01 10.63
C SER A 499 -11.72 -19.37 11.91
N SER A 500 -12.03 -18.39 12.76
CA SER A 500 -12.69 -18.68 14.02
C SER A 500 -14.16 -19.03 13.79
N PHE A 501 -14.64 -20.04 14.52
CA PHE A 501 -16.03 -20.46 14.41
C PHE A 501 -16.98 -19.30 14.66
N VAL A 502 -16.73 -18.52 15.72
CA VAL A 502 -17.65 -17.44 16.09
C VAL A 502 -17.73 -16.39 14.99
N HIS A 503 -16.58 -16.11 14.35
CA HIS A 503 -16.60 -15.22 13.19
C HIS A 503 -17.36 -15.83 12.03
N ARG A 504 -17.15 -17.12 11.76
CA ARG A 504 -17.78 -17.74 10.60
C ARG A 504 -19.28 -17.90 10.79
N ILE A 505 -19.73 -18.19 12.02
CA ILE A 505 -21.17 -18.33 12.23
C ILE A 505 -21.88 -17.00 12.01
N ASN A 506 -21.20 -15.88 12.28
CA ASN A 506 -21.77 -14.57 12.04
C ASN A 506 -21.64 -14.13 10.58
N ASP A 507 -20.86 -14.84 9.77
CA ASP A 507 -20.69 -14.50 8.37
C ASP A 507 -21.81 -15.16 7.57
N PRO A 508 -22.74 -14.39 6.98
CA PRO A 508 -23.85 -15.02 6.24
C PRO A 508 -23.40 -15.76 5.00
N LYS A 509 -22.25 -15.42 4.43
CA LYS A 509 -21.73 -16.13 3.26
C LYS A 509 -21.21 -17.52 3.59
N VAL A 510 -21.22 -17.93 4.86
CA VAL A 510 -20.79 -19.25 5.27
C VAL A 510 -22.03 -20.07 5.57
N SER A 511 -22.18 -21.20 4.87
CA SER A 511 -23.35 -22.04 5.03
C SER A 511 -23.19 -22.94 6.25
N ILE A 512 -24.31 -23.50 6.68
CA ILE A 512 -24.28 -24.45 7.80
C ILE A 512 -23.54 -25.71 7.39
N ASP A 513 -23.69 -26.13 6.14
CA ASP A 513 -22.92 -27.28 5.65
C ASP A 513 -21.43 -27.01 5.79
N GLU A 514 -20.98 -25.80 5.50
CA GLU A 514 -19.58 -25.44 5.71
C GLU A 514 -19.21 -25.56 7.18
N LEU A 515 -20.09 -25.12 8.08
CA LEU A 515 -19.77 -25.11 9.51
C LEU A 515 -19.74 -26.50 10.11
N ILE A 516 -20.50 -27.44 9.56
CA ILE A 516 -20.56 -28.78 10.11
C ILE A 516 -19.63 -29.74 9.38
N ALA A 517 -18.81 -29.23 8.46
CA ALA A 517 -17.79 -30.07 7.81
C ALA A 517 -16.91 -30.72 8.87
N ASP A 518 -16.61 -31.99 8.67
CA ASP A 518 -15.84 -32.78 9.61
C ASP A 518 -14.35 -32.59 9.34
N PRO A 519 -13.63 -31.90 10.24
CA PRO A 519 -12.20 -31.68 9.99
C PRO A 519 -11.40 -32.97 9.87
N VAL A 520 -11.82 -34.03 10.56
CA VAL A 520 -11.09 -35.29 10.52
C VAL A 520 -11.11 -35.86 9.11
N GLU A 521 -12.27 -35.84 8.46
CA GLU A 521 -12.38 -36.38 7.11
C GLU A 521 -11.81 -35.43 6.06
N VAL A 522 -11.92 -34.12 6.28
CA VAL A 522 -11.30 -33.16 5.38
C VAL A 522 -9.78 -33.35 5.37
N VAL A 523 -9.19 -33.51 6.56
CA VAL A 523 -7.74 -33.70 6.62
C VAL A 523 -7.35 -35.05 6.02
N ARG A 524 -8.14 -36.09 6.27
CA ARG A 524 -7.82 -37.42 5.73
C ARG A 524 -7.74 -37.41 4.22
N ALA A 525 -8.51 -36.54 3.57
CA ALA A 525 -8.63 -36.55 2.12
C ALA A 525 -7.72 -35.54 1.42
N MET A 526 -6.92 -34.78 2.15
CA MET A 526 -6.03 -33.83 1.51
C MET A 526 -4.89 -34.58 0.82
N PRO A 527 -4.27 -33.98 -0.23
CA PRO A 527 -3.21 -34.67 -0.97
C PRO A 527 -2.07 -35.11 -0.08
N VAL A 528 -1.49 -34.16 0.65
CA VAL A 528 -0.44 -34.43 1.63
C VAL A 528 -1.06 -34.19 3.00
N VAL A 529 -1.22 -35.26 3.78
CA VAL A 529 -1.83 -35.14 5.10
C VAL A 529 -0.90 -34.37 6.02
N GLY A 530 -1.42 -33.30 6.61
CA GLY A 530 -0.65 -32.55 7.58
C GLY A 530 0.34 -31.56 7.02
N ALA A 531 0.22 -31.19 5.74
CA ALA A 531 1.15 -30.24 5.16
C ALA A 531 1.08 -28.88 5.86
N LYS A 532 2.25 -28.27 6.05
CA LYS A 532 2.35 -26.92 6.57
C LYS A 532 1.52 -25.95 5.72
N HIS A 533 0.98 -24.92 6.37
CA HIS A 533 0.28 -23.88 5.64
C HIS A 533 1.19 -23.28 4.56
N ASP A 534 0.65 -23.14 3.35
CA ASP A 534 1.46 -22.65 2.24
C ASP A 534 1.94 -21.22 2.45
N ARG A 535 1.25 -20.43 3.26
CA ARG A 535 1.56 -19.01 3.40
C ARG A 535 2.36 -18.69 4.66
N ILE A 536 2.86 -19.69 5.37
CA ILE A 536 3.68 -19.46 6.55
C ILE A 536 5.04 -20.08 6.29
N ALA A 537 6.09 -19.28 6.37
CA ALA A 537 7.43 -19.76 6.07
C ALA A 537 8.04 -20.44 7.29
N LEU A 538 8.66 -21.59 7.06
CA LEU A 538 9.52 -22.15 8.08
C LEU A 538 10.62 -21.14 8.38
N PRO A 539 11.13 -21.10 9.61
CA PRO A 539 12.21 -20.15 9.92
C PRO A 539 13.38 -20.22 8.95
N ALA A 540 13.78 -21.42 8.52
CA ALA A 540 14.90 -21.53 7.58
C ALA A 540 14.60 -20.88 6.23
N GLU A 541 13.32 -20.72 5.89
CA GLU A 541 12.93 -20.25 4.57
C GLU A 541 12.43 -18.82 4.57
N LEU A 542 12.76 -18.05 5.62
CA LEU A 542 12.26 -16.68 5.74
C LEU A 542 12.63 -15.83 4.54
N PHE A 543 13.78 -16.11 3.92
CA PHE A 543 14.26 -15.29 2.83
C PHE A 543 14.07 -15.96 1.47
N GLY A 544 13.34 -17.06 1.42
CA GLY A 544 13.01 -17.67 0.15
C GLY A 544 14.25 -18.08 -0.62
N ASP A 545 14.24 -17.78 -1.92
CA ASP A 545 15.33 -18.18 -2.81
C ASP A 545 16.60 -17.36 -2.64
N ALA A 546 16.54 -16.24 -1.92
CA ALA A 546 17.73 -15.38 -1.84
C ALA A 546 18.84 -16.04 -1.03
N ARG A 547 18.50 -16.63 0.11
CA ARG A 547 19.52 -17.26 0.94
C ARG A 547 18.82 -18.04 2.05
N THR A 548 19.59 -18.94 2.66
CA THR A 548 19.08 -19.79 3.73
C THR A 548 19.31 -19.09 5.06
N ASN A 549 18.23 -18.95 5.84
CA ASN A 549 18.37 -18.31 7.15
C ASN A 549 19.27 -19.16 8.04
N SER A 550 20.05 -18.49 8.89
CA SER A 550 20.78 -19.22 9.91
C SER A 550 19.82 -19.86 10.89
N ALA A 551 20.28 -20.93 11.54
CA ALA A 551 19.47 -21.66 12.50
C ALA A 551 19.98 -21.41 13.90
N GLY A 552 19.05 -21.26 14.83
CA GLY A 552 19.37 -21.09 16.23
C GLY A 552 19.22 -22.39 17.00
N LEU A 553 19.10 -22.25 18.32
CA LEU A 553 18.97 -23.39 19.21
C LEU A 553 17.90 -23.06 20.24
N ASP A 554 17.11 -24.06 20.62
CA ASP A 554 16.00 -23.85 21.55
C ASP A 554 16.47 -24.15 22.97
N LEU A 555 16.72 -23.09 23.74
CA LEU A 555 17.20 -23.29 25.11
C LEU A 555 16.10 -23.66 26.07
N SER A 556 14.89 -23.89 25.59
CA SER A 556 13.83 -24.49 26.41
C SER A 556 13.68 -25.98 26.14
N ASN A 557 14.45 -26.55 25.22
CA ASN A 557 14.35 -27.97 24.86
C ASN A 557 15.41 -28.73 25.65
N GLU A 558 14.95 -29.68 26.49
CA GLU A 558 15.89 -30.44 27.34
C GLU A 558 16.87 -31.25 26.52
N GLU A 559 16.47 -31.77 25.37
CA GLU A 559 17.43 -32.48 24.52
C GLU A 559 18.53 -31.53 24.05
N THR A 560 18.14 -30.33 23.63
CA THR A 560 19.12 -29.33 23.23
C THR A 560 20.01 -28.94 24.40
N LEU A 561 19.42 -28.74 25.57
CA LEU A 561 20.23 -28.33 26.72
C LEU A 561 21.22 -29.44 27.09
N ALA A 562 20.80 -30.70 26.99
CA ALA A 562 21.68 -31.79 27.35
C ALA A 562 22.84 -31.92 26.37
N SER A 563 22.55 -31.87 25.06
CA SER A 563 23.61 -31.93 24.06
CA SER A 563 23.62 -31.95 24.08
C SER A 563 24.54 -30.73 24.14
N LEU A 564 23.97 -29.54 24.36
CA LEU A 564 24.78 -28.34 24.46
C LEU A 564 25.69 -28.40 25.69
N THR A 565 25.17 -28.88 26.81
CA THR A 565 26.01 -29.04 27.99
C THR A 565 27.27 -29.83 27.66
N GLU A 566 27.12 -30.94 26.93
CA GLU A 566 28.28 -31.76 26.62
C GLU A 566 29.21 -31.07 25.63
N ALA A 567 28.66 -30.42 24.61
CA ALA A 567 29.50 -29.71 23.65
C ALA A 567 30.23 -28.55 24.30
N LEU A 568 29.58 -27.86 25.24
CA LEU A 568 30.22 -26.73 25.91
C LEU A 568 31.35 -27.19 26.81
N ARG A 569 31.11 -28.26 27.58
CA ARG A 569 32.18 -28.82 28.40
C ARG A 569 33.36 -29.24 27.53
N GLU A 570 33.09 -29.88 26.39
CA GLU A 570 34.15 -30.30 25.50
C GLU A 570 34.93 -29.11 24.96
N SER A 571 34.22 -28.01 24.65
CA SER A 571 34.91 -26.83 24.15
C SER A 571 35.86 -26.25 25.18
N ALA A 572 35.54 -26.38 26.47
CA ALA A 572 36.39 -25.81 27.52
C ALA A 572 37.61 -26.67 27.81
N ALA A 573 37.64 -27.92 27.33
CA ALA A 573 38.82 -28.77 27.46
C ALA A 573 39.82 -28.56 26.33
N MET A 574 39.46 -27.78 25.32
CA MET A 574 40.32 -27.60 24.15
C MET A 574 41.40 -26.57 24.43
N LYS A 575 42.57 -26.78 23.81
CA LYS A 575 43.70 -25.86 23.92
C LYS A 575 43.62 -24.86 22.77
N TRP A 576 42.71 -23.89 22.93
CA TRP A 576 42.53 -22.86 21.92
C TRP A 576 43.78 -22.00 21.79
N THR A 577 44.16 -21.72 20.56
CA THR A 577 45.30 -20.85 20.30
C THR A 577 44.95 -19.87 19.18
N ALA A 578 45.71 -18.78 19.14
CA ALA A 578 45.66 -17.82 18.06
C ALA A 578 47.09 -17.43 17.77
N LEU A 579 47.48 -17.48 16.50
CA LEU A 579 48.83 -17.20 16.06
C LEU A 579 48.80 -16.19 14.93
N PRO A 580 49.92 -15.49 14.70
CA PRO A 580 50.04 -14.71 13.45
C PRO A 580 50.11 -15.67 12.29
N GLN A 581 49.07 -15.69 11.47
CA GLN A 581 48.97 -16.60 10.33
C GLN A 581 49.24 -15.78 9.08
N LEU A 582 50.51 -15.76 8.67
CA LEU A 582 50.90 -15.07 7.45
C LEU A 582 50.68 -15.96 6.24
N ALA A 583 50.81 -15.36 5.06
CA ALA A 583 50.62 -16.11 3.82
C ALA A 583 51.57 -17.31 3.75
N THR A 584 52.74 -17.18 4.36
CA THR A 584 53.81 -18.16 4.32
C THR A 584 53.74 -19.19 5.44
N GLY A 585 52.77 -19.06 6.35
CA GLY A 585 52.67 -19.94 7.49
C GLY A 585 52.58 -19.16 8.79
N PRO A 586 52.45 -19.86 9.91
CA PRO A 586 52.39 -19.18 11.21
C PRO A 586 53.75 -18.57 11.53
N ALA A 587 53.71 -17.40 12.16
CA ALA A 587 54.93 -16.70 12.56
C ALA A 587 55.12 -16.80 14.07
N ALA A 588 56.37 -16.63 14.49
CA ALA A 588 56.68 -16.60 15.91
C ALA A 588 56.39 -15.22 16.49
N GLY A 589 56.18 -15.19 17.80
CA GLY A 589 55.91 -13.93 18.47
C GLY A 589 55.81 -14.14 19.97
N GLU A 590 55.50 -13.04 20.67
CA GLU A 590 55.32 -13.10 22.11
C GLU A 590 53.98 -13.74 22.44
N THR A 591 53.99 -14.68 23.39
CA THR A 591 52.82 -15.52 23.67
C THR A 591 52.32 -15.27 25.09
N ARG A 592 51.00 -15.15 25.25
CA ARG A 592 50.38 -14.96 26.55
C ARG A 592 49.05 -15.69 26.60
N THR A 593 48.54 -15.86 27.82
CA THR A 593 47.26 -16.54 27.98
C THR A 593 46.10 -15.57 27.79
N VAL A 594 44.94 -16.15 27.50
CA VAL A 594 43.67 -15.42 27.39
C VAL A 594 42.78 -15.93 28.50
N LEU A 595 42.27 -15.00 29.31
CA LEU A 595 41.55 -15.34 30.53
C LEU A 595 40.07 -15.01 30.37
N ASN A 596 39.22 -15.83 30.99
CA ASN A 596 37.78 -15.60 31.01
C ASN A 596 37.48 -14.32 31.77
N PRO A 597 36.82 -13.33 31.16
CA PRO A 597 36.53 -12.08 31.89
C PRO A 597 35.65 -12.30 33.11
N GLY A 598 34.90 -13.39 33.16
CA GLY A 598 34.07 -13.67 34.31
C GLY A 598 34.79 -14.39 35.43
N ASP A 599 36.03 -14.81 35.20
CA ASP A 599 36.78 -15.54 36.20
C ASP A 599 38.18 -15.71 35.65
N HIS A 600 39.09 -14.86 36.11
CA HIS A 600 40.45 -14.84 35.58
C HIS A 600 41.25 -16.08 35.93
N ARG A 601 40.71 -16.96 36.79
CA ARG A 601 41.32 -18.25 37.04
C ARG A 601 41.12 -19.21 35.88
N ASP A 602 40.14 -18.96 35.01
CA ASP A 602 39.81 -19.85 33.92
C ASP A 602 40.60 -19.41 32.69
N VAL A 603 41.68 -20.13 32.40
CA VAL A 603 42.48 -19.85 31.22
C VAL A 603 41.78 -20.47 30.00
N VAL A 604 41.47 -19.63 29.01
CA VAL A 604 40.74 -20.08 27.83
C VAL A 604 41.69 -20.55 26.74
N GLY A 605 42.84 -19.91 26.59
CA GLY A 605 43.73 -20.27 25.52
C GLY A 605 44.99 -19.44 25.55
N SER A 606 45.73 -19.50 24.45
CA SER A 606 47.00 -18.82 24.34
CA SER A 606 47.01 -18.83 24.34
C SER A 606 47.05 -18.06 23.02
N VAL A 607 47.55 -16.82 23.07
CA VAL A 607 47.68 -16.01 21.87
C VAL A 607 49.15 -15.64 21.68
N THR A 608 49.63 -15.81 20.45
CA THR A 608 50.94 -15.33 20.04
C THR A 608 50.72 -14.09 19.19
N GLU A 609 51.29 -12.98 19.63
CA GLU A 609 50.97 -11.70 19.02
C GLU A 609 52.00 -11.32 17.95
N THR A 610 51.55 -10.49 17.02
CA THR A 610 52.29 -10.21 15.80
C THR A 610 53.30 -9.11 16.04
N SER A 611 54.51 -9.29 15.52
CA SER A 611 55.50 -8.23 15.57
C SER A 611 55.14 -7.15 14.55
N GLU A 612 55.61 -5.93 14.81
CA GLU A 612 55.39 -4.86 13.85
C GLU A 612 56.01 -5.21 12.50
N GLU A 613 57.19 -5.81 12.52
CA GLU A 613 57.83 -6.26 11.28
C GLU A 613 56.94 -7.22 10.50
N ASP A 614 56.34 -8.20 11.20
CA ASP A 614 55.52 -9.18 10.50
C ASP A 614 54.21 -8.58 10.00
N ALA A 615 53.65 -7.59 10.70
CA ALA A 615 52.46 -6.92 10.19
C ALA A 615 52.78 -6.22 8.87
N ARG A 616 53.93 -5.54 8.79
CA ARG A 616 54.31 -4.93 7.52
C ARG A 616 54.55 -5.97 6.45
N ARG A 617 55.22 -7.07 6.81
CA ARG A 617 55.41 -8.17 5.86
C ARG A 617 54.08 -8.72 5.37
N ALA A 618 53.10 -8.85 6.27
CA ALA A 618 51.81 -9.38 5.88
C ALA A 618 51.16 -8.54 4.78
N VAL A 619 51.23 -7.21 4.90
CA VAL A 619 50.64 -6.37 3.87
C VAL A 619 51.32 -6.59 2.53
N ARG A 620 52.65 -6.73 2.53
CA ARG A 620 53.36 -6.95 1.28
C ARG A 620 52.97 -8.28 0.67
N LEU A 621 52.82 -9.32 1.50
CA LEU A 621 52.40 -10.62 0.99
C LEU A 621 50.98 -10.56 0.42
N ALA A 622 50.10 -9.80 1.07
CA ALA A 622 48.74 -9.65 0.54
C ALA A 622 48.76 -8.92 -0.79
N ALA A 623 49.61 -7.89 -0.91
CA ALA A 623 49.74 -7.19 -2.19
C ALA A 623 50.24 -8.12 -3.27
N ASP A 624 51.21 -8.98 -2.95
CA ASP A 624 51.74 -9.94 -3.93
C ASP A 624 50.65 -10.90 -4.38
N ALA A 625 49.81 -11.32 -3.44
CA ALA A 625 48.76 -12.30 -3.73
C ALA A 625 47.49 -11.67 -4.29
N ALA A 626 47.40 -10.35 -4.33
CA ALA A 626 46.15 -9.71 -4.72
C ALA A 626 45.64 -10.15 -6.10
N PRO A 627 46.47 -10.21 -7.16
CA PRO A 627 45.93 -10.64 -8.46
C PRO A 627 45.36 -12.05 -8.45
N ASP A 628 45.99 -12.98 -7.75
CA ASP A 628 45.52 -14.36 -7.77
C ASP A 628 44.15 -14.48 -7.08
N TRP A 629 43.90 -13.68 -6.05
CA TRP A 629 42.60 -13.76 -5.41
C TRP A 629 41.54 -13.04 -6.22
N ALA A 630 41.88 -11.88 -6.80
CA ALA A 630 40.94 -11.18 -7.66
C ALA A 630 40.51 -12.03 -8.85
N ALA A 631 41.38 -12.93 -9.30
CA ALA A 631 41.07 -13.76 -10.46
C ALA A 631 40.13 -14.91 -10.15
N VAL A 632 39.91 -15.22 -8.87
CA VAL A 632 38.90 -16.21 -8.49
C VAL A 632 37.55 -15.58 -8.80
N PRO A 633 36.73 -16.20 -9.63
CA PRO A 633 35.49 -15.55 -10.07
C PRO A 633 34.59 -15.25 -8.90
N PRO A 634 33.82 -14.15 -8.96
CA PRO A 634 32.95 -13.79 -7.83
C PRO A 634 32.07 -14.91 -7.35
N SER A 635 31.48 -15.68 -8.26
CA SER A 635 30.62 -16.78 -7.86
C SER A 635 31.36 -17.80 -7.00
N GLU A 636 32.66 -18.02 -7.29
CA GLU A 636 33.44 -18.98 -6.51
C GLU A 636 33.88 -18.38 -5.19
N ARG A 637 34.22 -17.09 -5.16
CA ARG A 637 34.44 -16.42 -3.88
C ARG A 637 33.20 -16.52 -3.00
N ALA A 638 32.01 -16.28 -3.59
CA ALA A 638 30.77 -16.40 -2.83
C ALA A 638 30.55 -17.83 -2.34
N ALA A 639 30.94 -18.83 -3.15
CA ALA A 639 30.82 -20.23 -2.74
C ALA A 639 31.69 -20.51 -1.52
N CYS A 640 32.87 -19.91 -1.43
CA CYS A 640 33.67 -20.04 -0.21
C CYS A 640 32.91 -19.51 1.00
N LEU A 641 32.28 -18.33 0.86
CA LEU A 641 31.52 -17.78 1.97
C LEU A 641 30.37 -18.71 2.36
N ASP A 642 29.67 -19.26 1.38
CA ASP A 642 28.57 -20.17 1.71
C ASP A 642 29.08 -21.43 2.40
N ARG A 643 30.22 -21.96 1.95
CA ARG A 643 30.81 -23.12 2.62
C ARG A 643 31.19 -22.77 4.05
N ALA A 644 31.76 -21.58 4.26
CA ALA A 644 32.13 -21.16 5.61
C ALA A 644 30.90 -21.05 6.51
N ALA A 645 29.78 -20.58 5.94
CA ALA A 645 28.56 -20.47 6.72
C ALA A 645 28.05 -21.85 7.15
N GLU A 646 28.10 -22.84 6.25
CA GLU A 646 27.73 -24.20 6.62
C GLU A 646 28.63 -24.70 7.74
N LEU A 647 29.94 -24.43 7.65
CA LEU A 647 30.87 -24.89 8.67
C LEU A 647 30.57 -24.24 10.01
N MET A 648 30.27 -22.93 10.02
CA MET A 648 29.96 -22.26 11.28
C MET A 648 28.65 -22.77 11.87
N GLN A 649 27.67 -23.08 11.01
CA GLN A 649 26.42 -23.64 11.51
C GLN A 649 26.67 -24.97 12.20
N ALA A 650 27.46 -25.84 11.58
CA ALA A 650 27.76 -27.13 12.17
C ALA A 650 28.57 -26.99 13.45
N ARG A 651 29.45 -25.99 13.51
CA ARG A 651 30.35 -25.79 14.63
C ARG A 651 29.74 -24.94 15.73
N MET A 652 28.47 -24.53 15.57
CA MET A 652 27.86 -23.57 16.49
C MET A 652 28.05 -23.92 17.96
N PRO A 653 27.75 -25.15 18.40
CA PRO A 653 27.90 -25.43 19.85
C PRO A 653 29.29 -25.15 20.39
N THR A 654 30.33 -25.56 19.67
CA THR A 654 31.69 -25.30 20.09
C THR A 654 32.02 -23.81 20.04
N LEU A 655 31.56 -23.14 18.98
CA LEU A 655 31.75 -21.68 18.88
C LEU A 655 31.08 -20.95 20.04
N LEU A 656 29.88 -21.38 20.44
CA LEU A 656 29.22 -20.80 21.61
C LEU A 656 30.13 -20.86 22.83
N GLY A 657 30.71 -22.03 23.07
CA GLY A 657 31.54 -22.20 24.26
C GLY A 657 32.72 -21.27 24.27
N LEU A 658 33.35 -21.07 23.10
CA LEU A 658 34.48 -20.15 23.03
C LEU A 658 34.04 -18.71 23.25
N ILE A 659 32.91 -18.31 22.63
CA ILE A 659 32.42 -16.95 22.83
C ILE A 659 32.03 -16.70 24.28
N ILE A 660 31.37 -17.68 24.91
CA ILE A 660 30.99 -17.56 26.32
C ILE A 660 32.23 -17.30 27.18
N ARG A 661 33.29 -18.11 27.00
CA ARG A 661 34.42 -18.06 27.91
C ARG A 661 35.43 -16.98 27.56
N GLU A 662 35.70 -16.75 26.25
CA GLU A 662 36.69 -15.73 25.92
C GLU A 662 36.11 -14.32 25.98
N ALA A 663 34.87 -14.15 25.53
CA ALA A 663 34.27 -12.83 25.41
C ALA A 663 33.29 -12.51 26.52
N GLY A 664 33.01 -13.47 27.40
CA GLY A 664 32.14 -13.21 28.54
C GLY A 664 30.66 -13.14 28.24
N LYS A 665 30.21 -13.74 27.14
CA LYS A 665 28.81 -13.64 26.74
C LYS A 665 27.97 -14.76 27.30
N SER A 666 26.66 -14.51 27.39
CA SER A 666 25.70 -15.55 27.71
C SER A 666 25.51 -16.47 26.51
N ALA A 667 24.99 -17.67 26.79
CA ALA A 667 24.70 -18.61 25.70
C ALA A 667 23.72 -18.02 24.70
N LEU A 668 22.65 -17.40 25.18
CA LEU A 668 21.66 -16.80 24.29
C LEU A 668 22.31 -15.82 23.33
N ASN A 669 23.16 -14.93 23.86
CA ASN A 669 23.81 -13.94 23.01
C ASN A 669 24.88 -14.57 22.12
N ALA A 670 25.54 -15.62 22.59
CA ALA A 670 26.50 -16.31 21.75
C ALA A 670 25.82 -16.96 20.54
N ILE A 671 24.65 -17.56 20.75
CA ILE A 671 23.90 -18.13 19.64
C ILE A 671 23.59 -17.06 18.60
N ALA A 672 23.08 -15.92 19.06
CA ALA A 672 22.72 -14.84 18.15
C ALA A 672 23.94 -14.33 17.42
N GLU A 673 25.10 -14.34 18.07
CA GLU A 673 26.33 -13.88 17.41
C GLU A 673 26.77 -14.84 16.31
N VAL A 674 26.78 -16.15 16.59
CA VAL A 674 27.11 -17.11 15.55
C VAL A 674 26.11 -17.00 14.41
N ARG A 675 24.82 -16.84 14.73
CA ARG A 675 23.84 -16.65 13.67
C ARG A 675 24.17 -15.43 12.82
N GLU A 676 24.56 -14.33 13.46
CA GLU A 676 24.89 -13.12 12.71
C GLU A 676 26.08 -13.36 11.79
N ALA A 677 27.09 -14.10 12.28
CA ALA A 677 28.24 -14.41 11.42
C ALA A 677 27.80 -15.23 10.21
N ILE A 678 26.98 -16.26 10.44
CA ILE A 678 26.47 -17.08 9.34
C ILE A 678 25.68 -16.22 8.37
N ASP A 679 24.86 -15.31 8.91
CA ASP A 679 24.02 -14.46 8.06
C ASP A 679 24.86 -13.52 7.21
N PHE A 680 25.92 -12.92 7.79
CA PHE A 680 26.82 -12.09 7.00
C PHE A 680 27.42 -12.87 5.84
N LEU A 681 27.91 -14.08 6.12
CA LEU A 681 28.53 -14.90 5.07
C LEU A 681 27.54 -15.15 3.95
N ARG A 682 26.33 -15.58 4.29
CA ARG A 682 25.37 -15.90 3.24
C ARG A 682 24.82 -14.66 2.56
N TYR A 683 24.64 -13.56 3.30
CA TYR A 683 24.14 -12.33 2.71
C TYR A 683 25.14 -11.75 1.72
N TYR A 684 26.41 -11.66 2.12
CA TYR A 684 27.39 -11.09 1.20
C TYR A 684 27.63 -12.02 0.01
N ALA A 685 27.50 -13.34 0.20
CA ALA A 685 27.59 -14.26 -0.92
C ALA A 685 26.46 -13.99 -1.91
N GLU A 686 25.23 -13.85 -1.42
CA GLU A 686 24.11 -13.59 -2.33
C GLU A 686 24.25 -12.23 -3.01
N GLN A 687 24.61 -11.20 -2.25
CA GLN A 687 24.77 -9.87 -2.84
C GLN A 687 25.86 -9.89 -3.91
N THR A 688 26.91 -10.68 -3.71
CA THR A 688 27.93 -10.83 -4.74
C THR A 688 27.35 -11.47 -5.98
N ARG A 689 26.59 -12.56 -5.81
CA ARG A 689 26.01 -13.24 -6.96
C ARG A 689 25.06 -12.33 -7.74
N ARG A 690 24.44 -11.36 -7.06
CA ARG A 690 23.54 -10.43 -7.72
C ARG A 690 24.26 -9.30 -8.45
N THR A 691 25.52 -9.02 -8.13
CA THR A 691 26.13 -7.77 -8.59
C THR A 691 27.48 -7.88 -9.30
N LEU A 692 28.46 -8.57 -8.73
CA LEU A 692 29.85 -8.33 -9.12
C LEU A 692 30.21 -8.94 -10.47
N GLY A 693 30.81 -8.11 -11.33
CA GLY A 693 31.29 -8.54 -12.63
C GLY A 693 32.72 -8.06 -12.87
N PRO A 694 33.22 -8.25 -14.08
CA PRO A 694 34.63 -7.96 -14.36
C PRO A 694 35.02 -6.51 -14.15
N GLY A 695 34.10 -5.58 -14.37
CA GLY A 695 34.41 -4.17 -14.24
C GLY A 695 34.38 -3.63 -12.82
N HIS A 696 34.07 -4.47 -11.82
CA HIS A 696 34.05 -4.02 -10.44
C HIS A 696 35.31 -4.53 -9.77
N GLY A 697 36.43 -3.85 -10.06
CA GLY A 697 37.73 -4.31 -9.62
C GLY A 697 37.96 -4.12 -8.14
N PRO A 698 38.73 -5.03 -7.54
CA PRO A 698 39.04 -4.91 -6.11
C PRO A 698 39.88 -3.67 -5.81
N LEU A 699 39.77 -3.19 -4.57
CA LEU A 699 40.67 -2.13 -4.11
C LEU A 699 42.10 -2.63 -3.97
N GLY A 700 42.28 -3.84 -3.45
CA GLY A 700 43.59 -4.31 -3.04
C GLY A 700 43.54 -4.78 -1.60
N PRO A 701 44.71 -4.92 -0.95
CA PRO A 701 44.71 -5.40 0.45
C PRO A 701 43.87 -4.52 1.35
N ILE A 702 42.97 -5.14 2.12
CA ILE A 702 42.10 -4.42 3.04
CA ILE A 702 42.08 -4.45 3.03
C ILE A 702 42.45 -4.85 4.46
N VAL A 703 42.64 -3.85 5.32
CA VAL A 703 42.90 -4.11 6.74
C VAL A 703 41.57 -4.07 7.46
N CYS A 704 41.23 -5.18 8.11
CA CYS A 704 39.97 -5.32 8.84
C CYS A 704 40.29 -5.36 10.33
N ILE A 705 39.85 -4.33 11.05
CA ILE A 705 40.07 -4.20 12.49
C ILE A 705 38.71 -4.38 13.17
N SER A 706 38.61 -5.39 14.02
CA SER A 706 37.34 -5.80 14.59
C SER A 706 37.32 -5.61 16.10
N PRO A 707 36.13 -5.50 16.68
CA PRO A 707 36.01 -5.18 18.11
C PRO A 707 35.87 -6.42 18.98
N TRP A 708 36.02 -6.26 20.30
CA TRP A 708 35.89 -7.37 21.23
C TRP A 708 34.43 -7.66 21.59
N ASN A 709 33.51 -6.74 21.31
CA ASN A 709 32.12 -6.94 21.72
C ASN A 709 31.35 -7.83 20.76
N PHE A 710 31.79 -7.95 19.51
CA PHE A 710 31.23 -8.91 18.56
C PHE A 710 32.41 -9.60 17.88
N PRO A 711 33.14 -10.41 18.63
CA PRO A 711 34.44 -10.90 18.17
C PRO A 711 34.37 -11.99 17.13
N LEU A 712 33.20 -12.55 16.87
CA LEU A 712 32.98 -13.42 15.73
C LEU A 712 32.16 -12.75 14.64
N ALA A 713 31.06 -12.10 15.00
CA ALA A 713 30.13 -11.62 13.97
C ALA A 713 30.71 -10.47 13.16
N ILE A 714 31.18 -9.42 13.84
CA ILE A 714 31.69 -8.26 13.10
C ILE A 714 33.06 -8.59 12.50
N PHE A 715 33.86 -9.38 13.22
CA PHE A 715 35.07 -9.95 12.64
C PHE A 715 34.76 -10.61 11.30
N THR A 716 33.79 -11.52 11.29
CA THR A 716 33.46 -12.27 10.07
C THR A 716 32.86 -11.37 9.01
N GLY A 717 31.92 -10.50 9.39
CA GLY A 717 31.25 -9.65 8.42
C GLY A 717 32.22 -8.80 7.62
N GLN A 718 33.13 -8.09 8.31
CA GLN A 718 34.06 -7.22 7.59
C GLN A 718 34.95 -8.03 6.65
N ILE A 719 35.49 -9.13 7.15
CA ILE A 719 36.43 -9.92 6.36
C ILE A 719 35.73 -10.58 5.18
N ALA A 720 34.54 -11.13 5.42
CA ALA A 720 33.81 -11.81 4.35
C ALA A 720 33.48 -10.84 3.22
N ALA A 721 33.01 -9.64 3.58
CA ALA A 721 32.70 -8.64 2.55
C ALA A 721 33.94 -8.27 1.74
N ALA A 722 35.05 -7.97 2.43
CA ALA A 722 36.28 -7.64 1.71
C ALA A 722 36.72 -8.78 0.79
N LEU A 723 36.75 -10.01 1.30
CA LEU A 723 37.18 -11.15 0.51
C LEU A 723 36.29 -11.35 -0.71
N VAL A 724 34.97 -11.31 -0.52
CA VAL A 724 34.10 -11.69 -1.62
C VAL A 724 34.13 -10.62 -2.70
N ALA A 725 34.43 -9.37 -2.34
CA ALA A 725 34.64 -8.32 -3.31
C ALA A 725 35.99 -8.43 -4.03
N GLY A 726 36.80 -9.45 -3.71
CA GLY A 726 38.01 -9.69 -4.47
C GLY A 726 39.28 -9.18 -3.85
N ASN A 727 39.25 -8.76 -2.59
CA ASN A 727 40.39 -8.17 -1.91
C ASN A 727 41.01 -9.16 -0.94
N PRO A 728 42.34 -9.26 -0.91
CA PRO A 728 42.97 -10.00 0.17
C PRO A 728 42.87 -9.19 1.45
N VAL A 729 42.87 -9.90 2.59
CA VAL A 729 42.52 -9.30 3.87
C VAL A 729 43.64 -9.51 4.89
N LEU A 730 43.94 -8.45 5.64
CA LEU A 730 44.75 -8.53 6.85
C LEU A 730 43.75 -8.35 7.99
N ALA A 731 43.55 -9.40 8.80
CA ALA A 731 42.53 -9.41 9.83
C ALA A 731 43.22 -9.16 11.17
N LYS A 732 42.92 -8.00 11.76
CA LYS A 732 43.48 -7.64 13.06
CA LYS A 732 43.48 -7.64 13.06
C LYS A 732 42.37 -7.70 14.10
N PRO A 733 42.26 -8.77 14.87
CA PRO A 733 41.19 -8.85 15.87
C PRO A 733 41.54 -8.04 17.10
N ALA A 734 40.50 -7.72 17.88
CA ALA A 734 40.71 -7.04 19.15
C ALA A 734 41.69 -7.81 20.02
N GLU A 735 42.54 -7.07 20.73
CA GLU A 735 43.53 -7.70 21.63
C GLU A 735 42.86 -8.62 22.63
N GLU A 736 41.65 -8.30 23.07
CA GLU A 736 40.99 -9.08 24.10
C GLU A 736 40.45 -10.42 23.60
N THR A 737 40.18 -10.56 22.30
CA THR A 737 39.40 -11.69 21.80
C THR A 737 40.03 -12.32 20.56
N PRO A 738 41.28 -12.77 20.65
CA PRO A 738 41.93 -13.35 19.46
C PRO A 738 41.53 -14.78 19.16
N LEU A 739 41.07 -15.57 20.14
CA LEU A 739 40.87 -17.00 19.91
C LEU A 739 39.71 -17.26 18.96
N ILE A 740 38.57 -16.60 19.20
CA ILE A 740 37.44 -16.77 18.29
C ILE A 740 37.79 -16.27 16.90
N ALA A 741 38.65 -15.25 16.81
CA ALA A 741 39.11 -14.76 15.51
C ALA A 741 39.91 -15.83 14.80
N ALA A 742 40.84 -16.47 15.50
CA ALA A 742 41.65 -17.51 14.88
C ALA A 742 40.78 -18.67 14.42
N GLU A 743 39.73 -18.98 15.17
CA GLU A 743 38.82 -20.04 14.76
C GLU A 743 38.02 -19.64 13.53
N GLY A 744 37.58 -18.39 13.47
CA GLY A 744 36.93 -17.90 12.27
C GLY A 744 37.82 -17.98 11.05
N VAL A 745 39.11 -17.68 11.21
CA VAL A 745 40.06 -17.79 10.10
C VAL A 745 40.25 -19.25 9.69
N ARG A 746 40.37 -20.14 10.67
CA ARG A 746 40.46 -21.57 10.35
CA ARG A 746 40.47 -21.56 10.33
C ARG A 746 39.29 -22.02 9.50
N ILE A 747 38.08 -21.57 9.87
CA ILE A 747 36.88 -21.96 9.15
C ILE A 747 36.88 -21.39 7.74
N LEU A 748 37.23 -20.11 7.60
CA LEU A 748 37.27 -19.50 6.27
C LEU A 748 38.30 -20.16 5.36
N ARG A 749 39.45 -20.51 5.92
CA ARG A 749 40.44 -21.22 5.13
C ARG A 749 39.98 -22.62 4.77
N GLU A 750 39.33 -23.31 5.71
CA GLU A 750 38.80 -24.63 5.41
C GLU A 750 37.78 -24.56 4.28
N ALA A 751 36.99 -23.47 4.26
CA ALA A 751 35.99 -23.24 3.22
C ALA A 751 36.59 -22.91 1.86
N GLY A 752 37.90 -22.69 1.77
CA GLY A 752 38.55 -22.44 0.50
C GLY A 752 39.24 -21.09 0.36
N ILE A 753 39.17 -20.20 1.34
CA ILE A 753 39.91 -18.94 1.25
C ILE A 753 41.40 -19.25 1.33
N PRO A 754 42.21 -18.88 0.34
CA PRO A 754 43.64 -19.17 0.42
C PRO A 754 44.32 -18.42 1.55
N ALA A 755 45.39 -19.03 2.07
CA ALA A 755 46.14 -18.40 3.15
C ALA A 755 46.69 -17.04 2.74
N SER A 756 47.04 -16.88 1.47
CA SER A 756 47.53 -15.58 1.02
C SER A 756 46.43 -14.52 1.00
N ALA A 757 45.17 -14.95 0.92
CA ALA A 757 44.05 -14.02 0.86
C ALA A 757 43.52 -13.62 2.22
N LEU A 758 43.86 -14.37 3.27
CA LEU A 758 43.32 -14.11 4.61
C LEU A 758 44.42 -14.39 5.63
N GLN A 759 45.04 -13.32 6.12
CA GLN A 759 46.09 -13.43 7.12
C GLN A 759 45.59 -12.86 8.44
N LEU A 760 45.90 -13.56 9.53
CA LEU A 760 45.46 -13.18 10.87
C LEU A 760 46.64 -12.57 11.62
N LEU A 761 46.45 -11.38 12.18
CA LEU A 761 47.52 -10.66 12.89
C LEU A 761 47.03 -10.28 14.28
N PRO A 762 47.09 -11.20 15.24
CA PRO A 762 46.69 -10.85 16.62
C PRO A 762 47.66 -9.85 17.23
N GLY A 763 47.16 -9.04 18.16
CA GLY A 763 48.04 -8.14 18.90
C GLY A 763 47.33 -6.87 19.32
N ASP A 764 48.13 -5.88 19.70
CA ASP A 764 47.66 -4.63 20.28
C ASP A 764 47.58 -3.53 19.21
N GLY A 765 47.50 -2.28 19.65
CA GLY A 765 47.36 -1.17 18.73
C GLY A 765 48.58 -0.94 17.86
N ARG A 766 49.76 -1.36 18.32
CA ARG A 766 50.96 -1.23 17.50
C ARG A 766 50.82 -2.02 16.21
N VAL A 767 50.17 -3.17 16.27
CA VAL A 767 49.92 -3.97 15.07
C VAL A 767 48.93 -3.25 14.15
N GLY A 768 47.81 -2.80 14.70
CA GLY A 768 46.83 -2.08 13.89
C GLY A 768 47.42 -0.86 13.23
N ALA A 769 48.27 -0.13 13.94
CA ALA A 769 48.85 1.09 13.39
C ALA A 769 49.76 0.77 12.20
N ALA A 770 50.61 -0.24 12.34
CA ALA A 770 51.48 -0.64 11.24
C ALA A 770 50.67 -1.06 10.01
N LEU A 771 49.58 -1.79 10.22
CA LEU A 771 48.76 -2.21 9.08
C LEU A 771 48.14 -1.02 8.37
N VAL A 772 47.60 -0.06 9.14
CA VAL A 772 46.95 1.10 8.54
C VAL A 772 47.96 1.93 7.74
N ALA A 773 49.19 2.05 8.26
CA ALA A 773 50.20 2.91 7.67
C ALA A 773 50.87 2.31 6.44
N ALA A 774 50.70 1.01 6.19
CA ALA A 774 51.43 0.34 5.12
C ALA A 774 51.01 0.89 3.77
N ALA A 775 52.00 1.16 2.91
CA ALA A 775 51.73 1.82 1.64
C ALA A 775 50.81 0.99 0.75
N GLU A 776 50.82 -0.33 0.88
CA GLU A 776 49.99 -1.17 0.03
C GLU A 776 48.61 -1.43 0.59
N THR A 777 48.31 -0.93 1.79
CA THR A 777 46.95 -1.04 2.32
C THR A 777 46.03 -0.15 1.48
N ALA A 778 45.01 -0.76 0.88
CA ALA A 778 44.16 -0.09 -0.09
C ALA A 778 42.80 0.30 0.47
N GLY A 779 42.50 -0.08 1.70
CA GLY A 779 41.22 0.23 2.31
C GLY A 779 41.26 -0.28 3.72
N VAL A 780 40.47 0.34 4.62
CA VAL A 780 40.41 -0.06 6.02
C VAL A 780 38.94 -0.19 6.42
N MET A 781 38.61 -1.29 7.08
CA MET A 781 37.30 -1.50 7.68
C MET A 781 37.53 -1.56 9.18
N PHE A 782 36.99 -0.58 9.89
CA PHE A 782 37.19 -0.44 11.34
C PHE A 782 35.85 -0.38 12.06
N THR A 783 35.73 -1.16 13.12
CA THR A 783 34.62 -1.07 14.06
C THR A 783 35.21 -0.96 15.46
N GLY A 784 34.87 0.11 16.16
CA GLY A 784 35.49 0.41 17.44
C GLY A 784 35.15 1.82 17.87
N SER A 785 36.02 2.40 18.68
CA SER A 785 35.75 3.71 19.26
C SER A 785 35.90 4.83 18.23
N THR A 786 35.14 5.91 18.42
CA THR A 786 35.28 7.08 17.57
C THR A 786 36.69 7.66 17.65
N GLU A 787 37.29 7.64 18.83
CA GLU A 787 38.61 8.23 18.98
C GLU A 787 39.67 7.48 18.17
N VAL A 788 39.61 6.14 18.17
CA VAL A 788 40.57 5.38 17.39
C VAL A 788 40.29 5.52 15.90
N ALA A 789 39.00 5.52 15.52
CA ALA A 789 38.65 5.78 14.12
C ALA A 789 39.23 7.10 13.65
N ARG A 790 39.20 8.12 14.49
CA ARG A 790 39.73 9.43 14.12
CA ARG A 790 39.73 9.43 14.12
C ARG A 790 41.24 9.37 13.90
N LEU A 791 41.97 8.62 14.75
CA LEU A 791 43.39 8.46 14.55
C LEU A 791 43.69 7.71 13.26
N ILE A 792 42.89 6.69 12.94
CA ILE A 792 43.07 5.98 11.68
C ILE A 792 42.82 6.91 10.49
N GLN A 793 41.74 7.68 10.56
CA GLN A 793 41.42 8.64 9.49
C GLN A 793 42.60 9.59 9.24
N ALA A 794 43.22 10.08 10.31
CA ALA A 794 44.32 11.03 10.13
C ALA A 794 45.52 10.37 9.47
N GLN A 795 45.77 9.09 9.77
CA GLN A 795 46.87 8.39 9.11
C GLN A 795 46.54 8.11 7.63
N LEU A 796 45.31 7.69 7.34
CA LEU A 796 44.96 7.41 5.95
C LEU A 796 45.00 8.67 5.09
N ALA A 797 44.69 9.82 5.67
CA ALA A 797 44.69 11.05 4.90
C ALA A 797 46.07 11.43 4.39
N ASP A 798 47.12 10.84 4.94
CA ASP A 798 48.45 11.10 4.42
C ASP A 798 48.72 10.38 3.11
N ARG A 799 47.87 9.43 2.71
CA ARG A 799 48.15 8.57 1.57
C ARG A 799 47.08 8.73 0.49
N LEU A 800 47.46 8.34 -0.72
CA LEU A 800 46.52 8.17 -1.81
C LEU A 800 46.75 6.79 -2.41
N SER A 801 45.73 6.29 -3.11
CA SER A 801 45.85 5.06 -3.85
C SER A 801 46.81 5.28 -5.01
N PRO A 802 47.28 4.21 -5.66
CA PRO A 802 48.10 4.42 -6.88
C PRO A 802 47.42 5.29 -7.91
N ALA A 803 46.09 5.24 -7.98
CA ALA A 803 45.32 6.11 -8.85
C ALA A 803 45.21 7.54 -8.34
N GLY A 804 45.80 7.84 -7.17
CA GLY A 804 45.75 9.19 -6.64
C GLY A 804 44.44 9.58 -5.98
N ARG A 805 43.76 8.62 -5.35
CA ARG A 805 42.46 8.84 -4.72
C ARG A 805 42.50 8.43 -3.25
N PRO A 806 41.62 8.99 -2.43
CA PRO A 806 41.65 8.66 -0.99
C PRO A 806 41.46 7.17 -0.76
N ILE A 807 42.10 6.67 0.29
CA ILE A 807 41.97 5.29 0.73
C ILE A 807 40.64 5.14 1.46
N PRO A 808 39.72 4.28 1.00
CA PRO A 808 38.43 4.17 1.66
C PRO A 808 38.54 3.67 3.09
N LEU A 809 37.76 4.30 3.98
CA LEU A 809 37.64 3.89 5.37
C LEU A 809 36.15 3.70 5.67
N ILE A 810 35.78 2.50 6.09
CA ILE A 810 34.45 2.26 6.65
C ILE A 810 34.67 2.18 8.14
N ALA A 811 34.13 3.16 8.88
CA ALA A 811 34.39 3.29 10.31
C ALA A 811 33.06 3.35 11.03
N GLU A 812 32.72 2.28 11.76
CA GLU A 812 31.47 2.20 12.50
C GLU A 812 31.79 2.31 13.98
N THR A 813 31.21 3.31 14.63
CA THR A 813 31.66 3.72 15.95
C THR A 813 30.43 3.73 16.88
N GLY A 814 30.50 4.48 17.96
CA GLY A 814 29.53 4.28 19.02
C GLY A 814 28.16 4.90 18.75
N GLY A 815 27.35 4.92 19.80
CA GLY A 815 26.14 5.72 19.78
C GLY A 815 25.79 6.12 21.19
N GLN A 816 24.97 7.16 21.30
CA GLN A 816 24.37 7.55 22.57
C GLN A 816 22.86 7.31 22.45
N ASN A 817 22.49 6.03 22.41
CA ASN A 817 21.21 5.64 21.84
C ASN A 817 20.08 5.91 22.84
N ALA A 818 19.01 6.52 22.35
CA ALA A 818 17.86 6.89 23.17
C ALA A 818 16.64 6.06 22.81
N MET A 819 15.73 5.96 23.79
CA MET A 819 14.38 5.46 23.57
C MET A 819 13.40 6.46 24.16
N ILE A 820 12.40 6.85 23.39
CA ILE A 820 11.35 7.76 23.86
C ILE A 820 10.08 6.96 24.09
N VAL A 821 9.47 7.15 25.26
CA VAL A 821 8.28 6.41 25.67
C VAL A 821 7.22 7.42 26.06
N ASP A 822 6.04 7.33 25.45
CA ASP A 822 4.96 8.24 25.82
C ASP A 822 3.94 7.53 26.70
N SER A 823 2.90 8.27 27.09
CA SER A 823 1.89 7.74 27.98
C SER A 823 0.95 6.72 27.34
N SER A 824 1.05 6.48 26.02
CA SER A 824 0.21 5.46 25.39
C SER A 824 0.88 4.09 25.37
N ALA A 825 2.15 4.00 25.69
CA ALA A 825 2.85 2.73 25.65
C ALA A 825 2.42 1.86 26.83
N LEU A 826 2.62 0.56 26.68
CA LEU A 826 2.27 -0.41 27.72
C LEU A 826 3.51 -0.61 28.59
N ALA A 827 3.37 -0.31 29.88
CA ALA A 827 4.54 -0.28 30.76
C ALA A 827 5.29 -1.61 30.77
N GLU A 828 4.57 -2.74 30.82
CA GLU A 828 5.22 -4.04 30.85
C GLU A 828 6.08 -4.29 29.61
N GLN A 829 5.57 -3.91 28.42
CA GLN A 829 6.35 -4.04 27.19
C GLN A 829 7.57 -3.14 27.24
N VAL A 830 7.37 -1.88 27.63
CA VAL A 830 8.48 -0.92 27.74
C VAL A 830 9.57 -1.49 28.63
N VAL A 831 9.20 -1.94 29.84
CA VAL A 831 10.21 -2.35 30.80
C VAL A 831 11.00 -3.53 30.29
N GLY A 832 10.33 -4.50 29.66
CA GLY A 832 11.04 -5.64 29.11
C GLY A 832 12.02 -5.22 28.03
N ASP A 833 11.60 -4.30 27.15
CA ASP A 833 12.48 -3.85 26.08
C ASP A 833 13.62 -2.99 26.60
N VAL A 834 13.39 -2.26 27.69
CA VAL A 834 14.44 -1.44 28.27
C VAL A 834 15.48 -2.29 28.99
N ILE A 835 15.02 -3.24 29.81
CA ILE A 835 15.95 -4.12 30.53
C ILE A 835 16.83 -4.88 29.54
N THR A 836 16.23 -5.39 28.47
CA THR A 836 17.02 -6.08 27.46
C THR A 836 17.95 -5.13 26.73
N SER A 837 17.42 -3.99 26.26
CA SER A 837 18.25 -3.10 25.44
C SER A 837 19.41 -2.51 26.23
N ALA A 838 19.21 -2.21 27.52
CA ALA A 838 20.25 -1.54 28.28
C ALA A 838 21.28 -2.50 28.84
N PHE A 839 20.85 -3.70 29.26
CA PHE A 839 21.72 -4.56 30.07
C PHE A 839 22.13 -5.87 29.42
N ASP A 840 21.49 -6.28 28.33
CA ASP A 840 21.95 -7.44 27.59
C ASP A 840 23.42 -7.24 27.22
N SER A 841 24.21 -8.29 27.32
CA SER A 841 25.64 -8.22 26.97
C SER A 841 26.38 -7.20 27.84
N ALA A 842 25.89 -6.98 29.06
CA ALA A 842 26.47 -6.01 29.98
C ALA A 842 26.52 -4.61 29.37
N GLY A 843 25.54 -4.29 28.54
CA GLY A 843 25.54 -2.99 27.88
C GLY A 843 26.71 -2.76 26.94
N GLN A 844 27.36 -3.83 26.46
CA GLN A 844 28.53 -3.69 25.62
C GLN A 844 28.20 -3.77 24.14
N ARG A 845 26.92 -3.68 23.79
CA ARG A 845 26.54 -3.55 22.39
C ARG A 845 26.66 -2.09 21.99
N CYS A 846 27.09 -1.86 20.75
CA CYS A 846 27.07 -0.51 20.24
C CYS A 846 25.64 0.02 20.14
N SER A 847 24.69 -0.90 19.93
CA SER A 847 23.27 -0.59 19.83
C SER A 847 22.60 -0.40 21.18
N ALA A 848 23.31 -0.56 22.30
CA ALA A 848 22.64 -0.62 23.59
C ALA A 848 21.93 0.69 23.93
N LEU A 849 20.84 0.57 24.68
CA LEU A 849 20.08 1.73 25.13
C LEU A 849 20.85 2.44 26.24
N ARG A 850 21.15 3.71 26.00
CA ARG A 850 21.88 4.54 26.95
C ARG A 850 21.01 5.55 27.69
N VAL A 851 19.98 6.09 27.03
CA VAL A 851 19.15 7.14 27.63
C VAL A 851 17.69 6.81 27.38
N LEU A 852 16.95 6.54 28.45
CA LEU A 852 15.51 6.32 28.38
C LEU A 852 14.80 7.63 28.71
N CYS A 853 13.86 8.03 27.86
CA CYS A 853 13.14 9.30 27.99
C CYS A 853 11.67 8.99 28.24
N LEU A 854 11.18 9.31 29.44
CA LEU A 854 9.84 8.94 29.88
C LEU A 854 8.95 10.19 29.94
N GLN A 855 7.80 10.12 29.28
CA GLN A 855 6.84 11.21 29.43
C GLN A 855 6.47 11.35 30.90
N GLU A 856 6.42 12.61 31.35
CA GLU A 856 6.35 12.89 32.79
C GLU A 856 5.19 12.16 33.48
N ASP A 857 4.02 12.07 32.81
CA ASP A 857 2.83 11.52 33.44
C ASP A 857 2.95 10.04 33.78
N VAL A 858 3.81 9.30 33.06
CA VAL A 858 3.99 7.87 33.32
C VAL A 858 5.36 7.55 33.88
N ALA A 859 6.19 8.57 34.11
CA ALA A 859 7.60 8.31 34.44
C ALA A 859 7.74 7.57 35.77
N ASP A 860 7.01 7.99 36.81
CA ASP A 860 7.19 7.37 38.10
C ASP A 860 6.75 5.90 38.09
N ARG A 861 5.62 5.60 37.44
CA ARG A 861 5.17 4.21 37.38
C ARG A 861 6.16 3.33 36.62
N ILE A 862 6.63 3.81 35.46
CA ILE A 862 7.55 2.99 34.68
C ILE A 862 8.89 2.84 35.41
N LEU A 863 9.36 3.92 36.04
CA LEU A 863 10.61 3.84 36.78
C LEU A 863 10.52 2.85 37.92
N THR A 864 9.41 2.85 38.66
CA THR A 864 9.24 1.87 39.72
C THR A 864 9.31 0.45 39.17
N MET A 865 8.64 0.20 38.05
CA MET A 865 8.67 -1.13 37.45
C MET A 865 10.07 -1.47 36.93
N LEU A 866 10.76 -0.48 36.35
CA LEU A 866 12.10 -0.70 35.83
C LEU A 866 13.07 -1.10 36.96
N LYS A 867 13.01 -0.38 38.08
CA LYS A 867 13.89 -0.72 39.20
C LYS A 867 13.57 -2.11 39.75
N GLY A 868 12.28 -2.46 39.84
CA GLY A 868 11.93 -3.79 40.29
C GLY A 868 12.43 -4.87 39.36
N ALA A 869 12.33 -4.63 38.04
CA ALA A 869 12.82 -5.61 37.07
C ALA A 869 14.34 -5.71 37.12
N LEU A 870 15.03 -4.58 37.35
CA LEU A 870 16.48 -4.60 37.49
C LEU A 870 16.93 -5.60 38.54
N HIS A 871 16.25 -5.63 39.68
CA HIS A 871 16.70 -6.48 40.77
C HIS A 871 16.41 -7.96 40.56
N GLU A 872 15.73 -8.33 39.46
CA GLU A 872 15.50 -9.72 39.12
C GLU A 872 16.58 -10.31 38.22
N LEU A 873 17.59 -9.51 37.84
CA LEU A 873 18.65 -9.99 36.97
C LEU A 873 19.71 -10.74 37.76
N HIS A 874 20.19 -11.84 37.19
CA HIS A 874 21.25 -12.66 37.74
C HIS A 874 22.54 -12.32 37.01
N ILE A 875 23.55 -11.86 37.75
CA ILE A 875 24.85 -11.47 37.21
C ILE A 875 25.87 -12.50 37.67
N GLY A 876 26.67 -13.01 36.73
CA GLY A 876 27.74 -13.92 37.11
C GLY A 876 28.45 -14.49 35.90
N ARG A 877 29.33 -15.45 36.17
CA ARG A 877 30.06 -16.12 35.10
C ARG A 877 29.08 -16.81 34.16
N THR A 878 29.32 -16.68 32.86
CA THR A 878 28.27 -16.95 31.90
C THR A 878 28.18 -18.40 31.45
N ASP A 879 28.83 -19.32 32.14
CA ASP A 879 28.68 -20.74 31.84
C ASP A 879 27.50 -21.37 32.59
N ARG A 880 26.50 -20.57 32.95
CA ARG A 880 25.24 -21.06 33.52
C ARG A 880 24.09 -20.40 32.78
N LEU A 881 23.11 -21.21 32.37
CA LEU A 881 21.94 -20.70 31.66
C LEU A 881 21.22 -19.63 32.47
N SER A 882 21.28 -19.70 33.80
CA SER A 882 20.53 -18.78 34.64
C SER A 882 21.13 -17.38 34.69
N VAL A 883 22.33 -17.17 34.14
CA VAL A 883 22.94 -15.85 34.18
C VAL A 883 22.33 -14.97 33.08
N ASP A 884 21.89 -13.78 33.46
CA ASP A 884 21.32 -12.81 32.54
C ASP A 884 22.36 -11.81 32.04
N VAL A 885 23.26 -11.40 32.92
CA VAL A 885 24.25 -10.38 32.59
C VAL A 885 25.61 -10.90 33.03
N GLY A 886 26.55 -10.93 32.09
CA GLY A 886 27.90 -11.37 32.36
C GLY A 886 28.85 -10.24 32.73
N PRO A 887 30.14 -10.52 32.65
CA PRO A 887 31.14 -9.52 33.02
C PRO A 887 31.35 -8.51 31.89
N VAL A 888 31.95 -7.39 32.26
CA VAL A 888 32.53 -6.52 31.24
C VAL A 888 33.90 -7.07 30.84
N ILE A 889 34.42 -6.56 29.73
CA ILE A 889 35.49 -7.26 29.02
C ILE A 889 36.80 -7.23 29.79
N THR A 890 37.12 -6.13 30.46
CA THR A 890 38.42 -6.01 31.13
C THR A 890 38.28 -5.20 32.41
N SER A 891 39.33 -5.25 33.24
CA SER A 891 39.38 -4.42 34.43
CA SER A 891 39.37 -4.42 34.43
C SER A 891 39.38 -2.94 34.06
N GLU A 892 40.02 -2.59 32.95
CA GLU A 892 40.04 -1.19 32.53
C GLU A 892 38.65 -0.71 32.17
N ALA A 893 37.89 -1.55 31.46
CA ALA A 893 36.50 -1.20 31.16
C ALA A 893 35.71 -1.03 32.44
N LYS A 894 35.86 -1.97 33.37
CA LYS A 894 35.16 -1.89 34.65
C LYS A 894 35.49 -0.58 35.38
N ASP A 895 36.77 -0.23 35.45
CA ASP A 895 37.17 0.97 36.16
C ASP A 895 36.59 2.23 35.50
N ASN A 896 36.60 2.27 34.17
CA ASN A 896 36.05 3.42 33.46
C ASN A 896 34.56 3.58 33.74
N ILE A 897 33.82 2.47 33.69
CA ILE A 897 32.38 2.54 33.91
C ILE A 897 32.08 2.97 35.34
N GLU A 898 32.76 2.37 36.31
CA GLU A 898 32.51 2.69 37.71
C GLU A 898 32.85 4.14 38.03
N LYS A 899 33.89 4.68 37.39
CA LYS A 899 34.22 6.08 37.64
C LYS A 899 33.08 6.98 37.20
N HIS A 900 32.42 6.64 36.09
CA HIS A 900 31.26 7.42 35.66
C HIS A 900 30.14 7.33 36.66
N ILE A 901 29.80 6.11 37.08
CA ILE A 901 28.72 5.93 38.06
C ILE A 901 28.98 6.75 39.31
N GLU A 902 30.22 6.71 39.81
CA GLU A 902 30.53 7.43 41.05
C GLU A 902 30.48 8.94 40.86
N ARG A 903 30.91 9.43 39.70
CA ARG A 903 30.77 10.86 39.42
C ARG A 903 29.31 11.29 39.47
N MET A 904 28.42 10.49 38.86
CA MET A 904 27.00 10.82 38.88
C MET A 904 26.47 10.78 40.30
N ARG A 905 26.85 9.74 41.06
CA ARG A 905 26.41 9.67 42.45
C ARG A 905 26.87 10.90 43.22
N GLY A 906 28.12 11.33 42.99
CA GLY A 906 28.66 12.47 43.70
C GLY A 906 27.99 13.78 43.36
N LEU A 907 27.39 13.87 42.17
CA LEU A 907 26.60 15.04 41.78
C LEU A 907 25.18 15.00 42.32
N GLY A 908 24.85 13.98 43.11
CA GLY A 908 23.55 13.89 43.72
C GLY A 908 22.50 13.21 42.88
N ARG A 909 22.87 12.60 41.77
CA ARG A 909 21.90 11.92 40.93
C ARG A 909 21.49 10.59 41.59
N LYS A 910 20.22 10.22 41.42
CA LYS A 910 19.73 8.98 41.98
C LYS A 910 20.27 7.80 41.19
N VAL A 911 20.91 6.86 41.91
CA VAL A 911 21.59 5.72 41.30
C VAL A 911 21.02 4.45 41.91
N GLU A 912 20.49 3.57 41.06
CA GLU A 912 19.99 2.27 41.48
C GLU A 912 20.93 1.20 40.93
N GLN A 913 21.38 0.30 41.80
CA GLN A 913 22.27 -0.79 41.39
C GLN A 913 21.87 -2.10 42.05
N ILE A 914 22.01 -3.20 41.30
CA ILE A 914 21.80 -4.52 41.89
C ILE A 914 23.04 -4.92 42.67
N GLY A 915 22.82 -5.67 43.75
CA GLY A 915 23.94 -6.18 44.53
C GLY A 915 24.55 -7.39 43.84
N LEU A 916 25.87 -7.43 43.81
CA LEU A 916 26.60 -8.52 43.15
C LEU A 916 26.99 -9.58 44.16
N ALA A 917 26.93 -10.84 43.72
CA ALA A 917 27.37 -11.96 44.53
C ALA A 917 28.90 -11.95 44.70
N SER A 918 29.35 -12.54 45.80
CA SER A 918 30.78 -12.57 46.09
C SER A 918 31.57 -13.29 44.99
N GLU A 919 30.95 -14.26 44.32
CA GLU A 919 31.64 -14.99 43.27
C GLU A 919 32.07 -14.09 42.11
N THR A 920 31.52 -12.87 42.01
CA THR A 920 31.91 -12.00 40.92
C THR A 920 33.31 -11.43 41.10
N GLY A 921 33.86 -11.49 42.32
CA GLY A 921 35.16 -10.89 42.59
C GLY A 921 36.32 -11.45 41.76
N VAL A 922 36.20 -12.69 41.28
CA VAL A 922 37.28 -13.29 40.48
C VAL A 922 37.27 -12.84 39.03
N GLY A 923 36.23 -12.12 38.61
CA GLY A 923 36.16 -11.58 37.26
C GLY A 923 35.97 -10.08 37.29
N THR A 924 35.59 -9.48 36.16
CA THR A 924 35.44 -8.03 36.05
C THR A 924 33.97 -7.71 35.75
N PHE A 925 33.19 -7.42 36.79
CA PHE A 925 31.76 -7.18 36.65
C PHE A 925 31.39 -5.77 37.07
N VAL A 926 30.39 -5.21 36.39
CA VAL A 926 29.72 -3.98 36.78
C VAL A 926 28.25 -4.32 36.98
N PRO A 927 27.64 -3.99 38.10
CA PRO A 927 26.22 -4.28 38.27
C PRO A 927 25.39 -3.42 37.34
N PRO A 928 24.35 -3.98 36.74
CA PRO A 928 23.36 -3.14 36.03
C PRO A 928 22.91 -1.99 36.91
N THR A 929 22.86 -0.81 36.30
CA THR A 929 22.73 0.45 37.03
C THR A 929 21.77 1.35 36.29
N ILE A 930 20.93 2.06 37.05
CA ILE A 930 20.02 3.07 36.53
C ILE A 930 20.40 4.40 37.17
N ILE A 931 20.62 5.43 36.35
CA ILE A 931 20.99 6.76 36.83
C ILE A 931 19.95 7.75 36.32
N GLU A 932 19.33 8.49 37.24
CA GLU A 932 18.33 9.48 36.85
C GLU A 932 19.00 10.82 36.62
N LEU A 933 18.85 11.37 35.43
CA LEU A 933 19.44 12.65 35.06
C LEU A 933 18.35 13.70 34.95
N GLU A 934 18.77 14.97 35.11
CA GLU A 934 17.82 16.07 34.90
C GLU A 934 17.58 16.33 33.42
N LYS A 935 18.66 16.37 32.62
CA LYS A 935 18.57 16.70 31.22
C LYS A 935 19.53 15.80 30.45
N LEU A 936 19.24 15.61 29.16
CA LEU A 936 20.08 14.73 28.34
C LEU A 936 21.51 15.25 28.30
N SER A 937 21.69 16.57 28.27
CA SER A 937 23.03 17.17 28.23
C SER A 937 23.86 16.84 29.46
N ASP A 938 23.24 16.35 30.55
CA ASP A 938 24.02 15.88 31.69
C ASP A 938 24.91 14.70 31.36
N LEU A 939 24.62 13.98 30.28
CA LEU A 939 25.43 12.84 29.84
C LEU A 939 26.33 13.33 28.73
N GLN A 940 27.64 13.31 28.97
CA GLN A 940 28.60 13.93 28.07
C GLN A 940 29.49 12.95 27.32
N ARG A 941 29.44 11.66 27.67
CA ARG A 941 30.32 10.68 27.03
C ARG A 941 29.59 9.35 26.97
N GLU A 942 29.91 8.55 25.96
CA GLU A 942 29.39 7.19 25.87
C GLU A 942 30.00 6.35 26.98
N VAL A 943 29.14 5.72 27.78
CA VAL A 943 29.56 4.85 28.88
C VAL A 943 29.26 3.42 28.46
N PHE A 944 30.29 2.67 28.13
CA PHE A 944 30.14 1.42 27.38
C PHE A 944 29.97 0.25 28.34
N GLY A 945 28.85 0.26 29.05
CA GLY A 945 28.60 -0.73 30.07
C GLY A 945 27.14 -0.75 30.44
N PRO A 946 26.78 -1.49 31.50
CA PRO A 946 25.35 -1.72 31.80
C PRO A 946 24.79 -0.59 32.65
N VAL A 947 24.66 0.58 32.04
CA VAL A 947 24.34 1.81 32.74
C VAL A 947 23.27 2.54 31.93
N LEU A 948 22.05 2.53 32.44
CA LEU A 948 20.93 3.21 31.79
C LEU A 948 20.72 4.54 32.46
N HIS A 949 20.61 5.59 31.65
CA HIS A 949 20.29 6.92 32.16
C HIS A 949 18.83 7.19 31.83
N VAL A 950 18.13 7.85 32.75
CA VAL A 950 16.69 8.09 32.59
C VAL A 950 16.42 9.58 32.74
N ILE A 951 15.71 10.15 31.77
CA ILE A 951 15.25 11.53 31.83
C ILE A 951 13.74 11.54 31.62
N ARG A 952 13.09 12.60 32.09
CA ARG A 952 11.67 12.78 31.94
C ARG A 952 11.41 14.00 31.05
N TYR A 953 10.27 13.99 30.36
CA TYR A 953 9.94 15.10 29.48
C TYR A 953 8.44 15.37 29.50
N ARG A 954 8.06 16.64 29.33
CA ARG A 954 6.66 16.99 29.17
C ARG A 954 6.26 16.80 27.71
N ARG A 955 5.02 16.34 27.49
CA ARG A 955 4.57 16.00 26.14
C ARG A 955 4.80 17.14 25.14
N ASP A 956 4.50 18.38 25.53
CA ASP A 956 4.66 19.49 24.61
C ASP A 956 6.11 19.73 24.22
N ASP A 957 7.06 19.20 24.98
CA ASP A 957 8.49 19.34 24.71
C ASP A 957 9.06 18.16 23.91
N LEU A 958 8.20 17.31 23.34
CA LEU A 958 8.69 16.16 22.59
C LEU A 958 9.62 16.59 21.46
N ASP A 959 9.25 17.62 20.70
CA ASP A 959 10.10 18.02 19.57
C ASP A 959 11.44 18.54 20.06
N ARG A 960 11.46 19.28 21.17
CA ARG A 960 12.74 19.73 21.72
C ARG A 960 13.56 18.54 22.19
N LEU A 961 12.91 17.53 22.77
CA LEU A 961 13.62 16.34 23.19
C LEU A 961 14.30 15.65 22.02
N VAL A 962 13.59 15.51 20.90
CA VAL A 962 14.20 14.94 19.71
C VAL A 962 15.42 15.76 19.31
N ASP A 963 15.31 17.09 19.37
CA ASP A 963 16.49 17.94 19.18
C ASP A 963 17.61 17.56 20.14
N ASP A 964 17.27 17.39 21.43
CA ASP A 964 18.28 17.01 22.43
C ASP A 964 18.95 15.67 22.08
N VAL A 965 18.17 14.70 21.59
CA VAL A 965 18.77 13.43 21.19
C VAL A 965 19.73 13.63 20.02
N ASN A 966 19.27 14.37 18.99
CA ASN A 966 20.12 14.62 17.83
C ASN A 966 21.35 15.41 18.21
N ALA A 967 21.26 16.24 19.25
CA ALA A 967 22.31 17.20 19.59
C ALA A 967 23.60 16.54 20.04
N THR A 968 23.56 15.28 20.50
CA THR A 968 24.79 14.60 20.87
C THR A 968 25.71 14.41 19.68
N GLY A 969 25.18 14.47 18.46
CA GLY A 969 25.96 14.19 17.27
C GLY A 969 26.03 12.73 16.88
N TYR A 970 25.55 11.83 17.74
CA TYR A 970 25.48 10.42 17.39
C TYR A 970 24.19 10.16 16.62
N GLY A 971 24.08 8.93 16.10
CA GLY A 971 22.92 8.59 15.28
C GLY A 971 22.92 7.12 14.91
N LEU A 972 22.99 6.25 15.92
CA LEU A 972 23.08 4.83 15.64
C LEU A 972 21.70 4.17 15.81
N THR A 973 21.36 3.72 17.01
CA THR A 973 20.04 3.14 17.22
C THR A 973 19.14 4.10 17.99
N PHE A 974 17.83 3.92 17.82
CA PHE A 974 16.85 4.78 18.45
C PHE A 974 15.55 3.99 18.60
N GLY A 975 14.90 4.11 19.74
CA GLY A 975 13.65 3.43 19.98
C GLY A 975 12.52 4.38 20.30
N LEU A 976 11.31 4.00 19.90
CA LEU A 976 10.10 4.75 20.23
C LEU A 976 9.00 3.77 20.61
N HIS A 977 8.41 3.98 21.79
CA HIS A 977 7.25 3.23 22.25
C HIS A 977 6.06 4.18 22.29
N THR A 978 5.13 3.98 21.37
CA THR A 978 3.90 4.74 21.32
C THR A 978 2.92 3.96 20.48
N ARG A 979 1.64 4.19 20.72
CA ARG A 979 0.59 3.63 19.88
C ARG A 979 0.06 4.64 18.88
N LEU A 980 0.55 5.88 18.90
CA LEU A 980 -0.10 6.99 18.22
C LEU A 980 0.61 7.35 16.93
N ASP A 981 -0.12 7.26 15.80
CA ASP A 981 0.49 7.53 14.50
C ASP A 981 1.06 8.94 14.41
N GLU A 982 0.39 9.93 15.01
CA GLU A 982 0.93 11.29 14.92
C GLU A 982 2.31 11.36 15.58
N THR A 983 2.48 10.67 16.71
CA THR A 983 3.77 10.68 17.40
C THR A 983 4.82 9.90 16.62
N ILE A 984 4.43 8.75 16.03
CA ILE A 984 5.37 8.01 15.19
C ILE A 984 5.84 8.86 14.03
N ALA A 985 4.90 9.52 13.34
CA ALA A 985 5.26 10.33 12.18
C ALA A 985 6.18 11.47 12.59
N HIS A 986 5.83 12.16 13.66
CA HIS A 986 6.64 13.29 14.14
C HIS A 986 8.04 12.84 14.50
N VAL A 987 8.13 11.86 15.40
CA VAL A 987 9.44 11.45 15.91
C VAL A 987 10.31 10.85 14.82
N THR A 988 9.74 9.96 14.00
CA THR A 988 10.59 9.32 12.99
C THR A 988 10.98 10.29 11.88
N SER A 989 10.20 11.35 11.66
CA SER A 989 10.61 12.32 10.66
C SER A 989 11.69 13.26 11.16
N ARG A 990 11.83 13.43 12.47
CA ARG A 990 12.75 14.41 13.03
C ARG A 990 14.01 13.80 13.61
N ILE A 991 13.95 12.52 14.04
CA ILE A 991 15.14 11.86 14.57
C ILE A 991 16.11 11.62 13.43
N LYS A 992 17.40 11.70 13.75
CA LYS A 992 18.47 11.45 12.78
C LYS A 992 19.30 10.28 13.28
N ALA A 993 18.85 9.06 12.97
CA ALA A 993 19.57 7.86 13.38
C ALA A 993 19.41 6.79 12.32
N GLY A 994 20.37 5.85 12.29
CA GLY A 994 20.40 4.88 11.22
C GLY A 994 19.52 3.67 11.41
N ASN A 995 19.20 3.31 12.66
CA ASN A 995 18.45 2.10 12.97
C ASN A 995 17.35 2.47 13.95
N LEU A 996 16.12 2.54 13.45
CA LEU A 996 14.98 2.92 14.27
C LEU A 996 14.18 1.68 14.60
N TYR A 997 13.59 1.69 15.81
CA TYR A 997 12.83 0.57 16.31
C TYR A 997 11.58 1.09 16.99
N ILE A 998 10.42 0.60 16.57
CA ILE A 998 9.13 1.08 17.07
CA ILE A 998 9.14 1.08 17.08
C ILE A 998 8.46 -0.05 17.82
N ASN A 999 8.19 0.17 19.11
CA ASN A 999 7.46 -0.78 19.97
C ASN A 999 8.16 -2.12 20.14
N ARG A 1000 9.48 -2.07 20.18
CA ARG A 1000 10.31 -3.26 20.40
C ARG A 1000 11.65 -2.80 20.99
N ASN A 1001 12.52 -3.76 21.27
CA ASN A 1001 13.84 -3.38 21.75
C ASN A 1001 14.67 -2.80 20.60
N ILE A 1002 15.86 -2.28 20.92
CA ILE A 1002 16.70 -1.58 19.94
C ILE A 1002 17.98 -2.35 19.63
N ILE A 1003 18.05 -3.64 19.97
CA ILE A 1003 19.28 -4.41 19.87
C ILE A 1003 19.07 -5.60 18.93
N GLY A 1004 20.18 -6.24 18.57
CA GLY A 1004 20.10 -7.44 17.76
C GLY A 1004 19.66 -7.22 16.32
N ALA A 1005 20.16 -6.15 15.68
CA ALA A 1005 19.87 -5.94 14.27
C ALA A 1005 20.22 -7.18 13.46
N VAL A 1006 19.32 -7.53 12.54
CA VAL A 1006 19.42 -8.77 11.76
C VAL A 1006 19.92 -8.45 10.36
N VAL A 1007 20.98 -9.15 9.95
CA VAL A 1007 21.57 -8.96 8.63
C VAL A 1007 20.51 -9.05 7.55
N GLY A 1008 20.49 -8.06 6.64
CA GLY A 1008 19.57 -8.08 5.51
C GLY A 1008 18.13 -7.77 5.86
N VAL A 1009 17.83 -7.54 7.14
CA VAL A 1009 16.49 -7.24 7.62
C VAL A 1009 16.46 -5.87 8.30
N GLN A 1010 17.38 -5.64 9.23
CA GLN A 1010 17.73 -4.30 9.69
C GLN A 1010 19.21 -4.07 9.39
N PRO A 1011 19.55 -3.78 8.13
CA PRO A 1011 20.92 -3.37 7.82
C PRO A 1011 21.40 -2.35 8.85
N PHE A 1012 22.61 -2.56 9.36
CA PHE A 1012 23.04 -1.91 10.59
C PHE A 1012 24.10 -0.86 10.33
N GLY A 1013 23.86 0.33 10.86
CA GLY A 1013 24.87 1.37 10.81
C GLY A 1013 24.23 2.74 10.91
N GLY A 1014 24.95 3.69 11.49
CA GLY A 1014 24.41 5.01 11.68
C GLY A 1014 25.19 6.13 11.04
N ARG A 1015 24.92 7.34 11.52
CA ARG A 1015 25.42 8.55 10.90
C ARG A 1015 26.12 9.40 11.96
N GLY A 1016 26.68 10.51 11.50
CA GLY A 1016 27.32 11.45 12.42
C GLY A 1016 28.49 10.78 13.12
N LEU A 1017 28.55 10.94 14.45
CA LEU A 1017 29.63 10.34 15.23
C LEU A 1017 29.53 8.82 15.31
N SER A 1018 28.46 8.22 14.77
CA SER A 1018 28.27 6.77 14.84
C SER A 1018 28.82 6.03 13.63
N GLY A 1019 29.20 6.73 12.57
CA GLY A 1019 29.67 5.98 11.43
C GLY A 1019 29.80 6.75 10.13
N THR A 1020 30.56 6.18 9.22
CA THR A 1020 30.64 6.66 7.85
C THR A 1020 29.63 5.99 6.94
N GLY A 1021 29.17 4.80 7.30
CA GLY A 1021 28.49 3.94 6.35
C GLY A 1021 29.46 3.45 5.29
N PRO A 1022 28.97 2.68 4.32
CA PRO A 1022 27.59 2.19 4.23
C PRO A 1022 27.26 1.14 5.31
N LYS A 1023 25.98 0.81 5.43
CA LYS A 1023 25.55 -0.13 6.46
C LYS A 1023 26.08 -1.54 6.20
N ALA A 1024 26.56 -2.17 7.26
CA ALA A 1024 26.83 -3.60 7.23
C ALA A 1024 25.51 -4.35 7.09
N GLY A 1025 25.56 -5.52 6.44
CA GLY A 1025 24.33 -6.27 6.25
C GLY A 1025 23.32 -5.59 5.36
N GLY A 1026 23.78 -4.64 4.54
CA GLY A 1026 22.92 -3.95 3.60
C GLY A 1026 23.52 -3.95 2.21
N PRO A 1027 22.74 -3.44 1.24
CA PRO A 1027 23.08 -3.68 -0.17
C PRO A 1027 24.11 -2.72 -0.74
N LEU A 1028 24.50 -1.68 -0.01
CA LEU A 1028 25.53 -0.77 -0.49
C LEU A 1028 26.92 -1.14 0.01
N TYR A 1029 27.03 -2.17 0.85
CA TYR A 1029 28.29 -2.45 1.54
C TYR A 1029 29.38 -2.90 0.58
N LEU A 1030 29.09 -3.90 -0.25
CA LEU A 1030 30.14 -4.44 -1.10
C LEU A 1030 30.66 -3.39 -2.07
N GLY A 1031 29.81 -2.45 -2.47
CA GLY A 1031 30.20 -1.48 -3.47
C GLY A 1031 31.29 -0.54 -3.02
N ARG A 1032 31.47 -0.40 -1.70
CA ARG A 1032 32.52 0.43 -1.16
C ARG A 1032 33.88 -0.26 -1.21
N LEU A 1033 33.89 -1.57 -1.46
CA LEU A 1033 35.09 -2.39 -1.41
C LEU A 1033 35.62 -2.72 -2.81
N VAL A 1034 35.15 -2.01 -3.83
CA VAL A 1034 35.63 -2.16 -5.20
C VAL A 1034 35.87 -0.77 -5.74
N THR A 1035 36.67 -0.69 -6.80
CA THR A 1035 37.00 0.63 -7.34
C THR A 1035 35.86 1.24 -8.15
N THR A 1036 35.02 0.41 -8.78
CA THR A 1036 33.83 0.89 -9.48
C THR A 1036 32.63 0.17 -8.89
N ALA A 1037 31.72 0.92 -8.30
CA ALA A 1037 30.63 0.28 -7.56
C ALA A 1037 29.56 -0.25 -8.51
N PRO A 1038 29.04 -1.44 -8.24
CA PRO A 1038 27.92 -1.97 -9.04
C PRO A 1038 26.62 -1.33 -8.60
N VAL A 1039 25.56 -1.59 -9.36
CA VAL A 1039 24.21 -1.18 -9.00
C VAL A 1039 23.64 -2.24 -8.07
N PRO A 1040 23.37 -1.91 -6.81
CA PRO A 1040 22.84 -2.92 -5.88
C PRO A 1040 21.47 -3.40 -6.31
N PRO A 1041 21.05 -4.58 -5.86
CA PRO A 1041 19.67 -5.02 -6.10
C PRO A 1041 18.69 -4.01 -5.54
N GLN A 1042 17.63 -3.77 -6.30
CA GLN A 1042 16.50 -2.91 -5.92
C GLN A 1042 16.87 -1.45 -5.75
N HIS A 1043 18.08 -1.05 -6.14
CA HIS A 1043 18.60 0.29 -5.85
C HIS A 1043 18.24 1.22 -7.01
N SER A 1044 17.15 1.96 -6.84
CA SER A 1044 16.72 2.97 -7.80
C SER A 1044 15.63 3.79 -7.12
N SER A 1045 15.29 4.92 -7.75
CA SER A 1045 14.17 5.71 -7.27
C SER A 1045 13.57 6.45 -8.45
N VAL A 1046 12.23 6.53 -8.48
CA VAL A 1046 11.56 7.29 -9.53
C VAL A 1046 11.43 8.75 -9.21
N HIS A 1047 11.88 9.18 -8.03
CA HIS A 1047 11.72 10.55 -7.59
C HIS A 1047 12.94 11.36 -7.95
N THR A 1048 12.71 12.61 -8.36
CA THR A 1048 13.77 13.52 -8.74
C THR A 1048 13.75 14.69 -7.77
N ASP A 1049 14.91 15.01 -7.21
CA ASP A 1049 14.96 16.12 -6.27
C ASP A 1049 14.59 17.42 -6.98
N PRO A 1050 13.69 18.22 -6.41
CA PRO A 1050 13.23 19.42 -7.14
C PRO A 1050 14.23 20.56 -7.17
N VAL A 1051 15.13 20.62 -6.18
CA VAL A 1051 16.18 21.63 -6.20
C VAL A 1051 17.20 21.28 -7.27
N LEU A 1052 17.51 19.99 -7.40
CA LEU A 1052 18.32 19.53 -8.53
C LEU A 1052 17.73 20.01 -9.84
N LEU A 1053 16.40 19.85 -10.01
CA LEU A 1053 15.78 20.26 -11.26
C LEU A 1053 15.89 21.77 -11.46
N ASP A 1054 15.69 22.56 -10.39
CA ASP A 1054 15.81 24.00 -10.51
C ASP A 1054 17.24 24.39 -10.87
N PHE A 1055 18.22 23.68 -10.30
CA PHE A 1055 19.62 23.94 -10.64
C PHE A 1055 19.89 23.63 -12.10
N ALA A 1056 19.37 22.50 -12.61
CA ALA A 1056 19.59 22.16 -14.01
C ALA A 1056 19.02 23.23 -14.93
N LYS A 1057 17.84 23.77 -14.60
CA LYS A 1057 17.27 24.86 -15.39
C LYS A 1057 18.13 26.11 -15.30
N TRP A 1058 18.67 26.40 -14.11
CA TRP A 1058 19.57 27.54 -13.97
C TRP A 1058 20.81 27.38 -14.83
N LEU A 1059 21.39 26.16 -14.85
CA LEU A 1059 22.54 25.91 -15.72
C LEU A 1059 22.20 26.14 -17.18
N ASP A 1060 21.04 25.63 -17.63
CA ASP A 1060 20.62 25.86 -19.00
C ASP A 1060 20.49 27.35 -19.29
N GLY A 1061 19.96 28.12 -18.33
CA GLY A 1061 19.83 29.56 -18.54
C GLY A 1061 21.16 30.28 -18.58
N LYS A 1062 22.17 29.77 -17.91
CA LYS A 1062 23.53 30.30 -18.00
C LYS A 1062 24.28 29.80 -19.24
N GLY A 1063 23.69 28.90 -20.02
CA GLY A 1063 24.34 28.35 -21.19
C GLY A 1063 25.20 27.13 -20.94
N ALA A 1064 25.25 26.62 -19.71
CA ALA A 1064 26.07 25.46 -19.37
C ALA A 1064 25.30 24.18 -19.72
N ARG A 1065 25.17 23.96 -21.02
CA ARG A 1065 24.30 22.89 -21.51
C ARG A 1065 24.81 21.51 -21.11
N ALA A 1066 26.12 21.27 -21.22
CA ALA A 1066 26.65 19.97 -20.82
C ALA A 1066 26.44 19.71 -19.33
N GLU A 1067 26.68 20.71 -18.49
CA GLU A 1067 26.48 20.52 -17.05
C GLU A 1067 25.00 20.36 -16.71
N ALA A 1068 24.12 21.07 -17.43
CA ALA A 1068 22.69 20.89 -17.21
C ALA A 1068 22.26 19.47 -17.53
N GLU A 1069 22.78 18.91 -18.63
CA GLU A 1069 22.50 17.52 -18.96
C GLU A 1069 23.04 16.58 -17.90
N ALA A 1070 24.27 16.83 -17.42
CA ALA A 1070 24.83 16.00 -16.35
C ALA A 1070 24.02 16.12 -15.07
N ALA A 1071 23.49 17.30 -14.79
CA ALA A 1071 22.64 17.49 -13.62
C ALA A 1071 21.36 16.67 -13.74
N ARG A 1072 20.70 16.72 -14.91
CA ARG A 1072 19.50 15.91 -15.08
C ARG A 1072 19.80 14.43 -14.97
N ASN A 1073 20.93 13.99 -15.52
CA ASN A 1073 21.32 12.59 -15.40
C ASN A 1073 21.54 12.21 -13.94
N ALA A 1074 22.19 13.10 -13.16
CA ALA A 1074 22.34 12.84 -11.73
C ALA A 1074 21.00 12.76 -11.04
N GLY A 1075 20.07 13.65 -11.41
CA GLY A 1075 18.74 13.59 -10.82
C GLY A 1075 18.07 12.25 -11.02
N SER A 1076 18.23 11.67 -12.22
CA SER A 1076 17.66 10.35 -12.53
C SER A 1076 18.44 9.22 -11.87
N SER A 1077 19.77 9.31 -11.86
CA SER A 1077 20.57 8.23 -11.32
CA SER A 1077 20.61 8.25 -11.33
C SER A 1077 20.48 8.14 -9.80
N SER A 1078 20.19 9.24 -9.14
CA SER A 1078 20.08 9.23 -7.69
C SER A 1078 19.03 8.24 -7.24
N ALA A 1079 19.32 7.53 -6.15
CA ALA A 1079 18.34 6.63 -5.53
C ALA A 1079 17.69 7.26 -4.31
N LEU A 1080 17.89 8.57 -4.10
CA LEU A 1080 17.18 9.28 -3.04
C LEU A 1080 15.68 9.02 -3.17
N GLY A 1081 15.06 8.64 -2.06
CA GLY A 1081 13.65 8.34 -2.06
C GLY A 1081 13.31 6.87 -2.16
N LEU A 1082 14.29 6.01 -2.40
CA LEU A 1082 14.07 4.57 -2.35
CA LEU A 1082 14.09 4.57 -2.35
C LEU A 1082 13.39 4.23 -1.03
N ASP A 1083 12.37 3.39 -1.11
CA ASP A 1083 11.56 3.08 0.08
C ASP A 1083 11.07 1.64 -0.06
N LEU A 1084 11.73 0.71 0.63
CA LEU A 1084 11.50 -0.72 0.45
C LEU A 1084 11.10 -1.35 1.78
N GLU A 1085 10.35 -2.45 1.67
CA GLU A 1085 10.12 -3.35 2.79
C GLU A 1085 10.94 -4.60 2.55
N LEU A 1086 11.74 -4.98 3.54
CA LEU A 1086 12.62 -6.14 3.42
C LEU A 1086 11.94 -7.38 4.02
N PRO A 1087 12.12 -8.54 3.39
CA PRO A 1087 11.54 -9.76 3.94
C PRO A 1087 12.08 -10.07 5.32
N GLY A 1088 11.19 -10.51 6.20
CA GLY A 1088 11.56 -10.87 7.54
C GLY A 1088 10.47 -11.66 8.24
N PRO A 1089 10.51 -11.69 9.56
CA PRO A 1089 9.52 -12.46 10.30
C PRO A 1089 8.13 -11.83 10.24
N VAL A 1090 7.13 -12.67 10.51
CA VAL A 1090 5.78 -12.15 10.68
C VAL A 1090 5.73 -11.26 11.92
N GLY A 1091 4.74 -10.37 11.95
CA GLY A 1091 4.55 -9.53 13.11
C GLY A 1091 5.53 -8.37 13.21
N GLU A 1092 6.22 -8.06 12.13
CA GLU A 1092 7.17 -6.98 12.10
C GLU A 1092 7.19 -6.45 10.68
N ARG A 1093 7.36 -5.15 10.53
CA ARG A 1093 7.58 -4.54 9.23
C ARG A 1093 8.97 -3.92 9.26
N ASN A 1094 9.81 -4.32 8.32
CA ASN A 1094 11.20 -3.88 8.30
C ASN A 1094 11.43 -3.06 7.04
N LEU A 1095 11.72 -1.78 7.23
CA LEU A 1095 11.75 -0.82 6.14
C LEU A 1095 13.16 -0.31 5.95
N TYR A 1096 13.48 0.00 4.69
CA TYR A 1096 14.82 0.46 4.32
C TYR A 1096 14.63 1.60 3.34
N THR A 1097 15.19 2.76 3.68
CA THR A 1097 14.93 3.98 2.92
C THR A 1097 16.24 4.73 2.70
N LEU A 1098 16.32 5.49 1.59
CA LEU A 1098 17.46 6.33 1.28
C LEU A 1098 17.06 7.80 1.36
N HIS A 1099 17.76 8.55 2.20
CA HIS A 1099 17.52 9.96 2.45
C HIS A 1099 18.77 10.77 2.12
N ALA A 1100 18.64 12.09 2.18
CA ALA A 1100 19.82 12.93 2.09
C ALA A 1100 20.72 12.69 3.29
N ARG A 1101 22.02 12.89 3.08
CA ARG A 1101 22.98 12.81 4.18
C ARG A 1101 22.95 14.06 5.06
N GLY A 1102 22.84 15.24 4.46
CA GLY A 1102 22.87 16.47 5.21
C GLY A 1102 23.53 17.57 4.41
N ARG A 1103 24.55 18.21 4.98
CA ARG A 1103 25.28 19.25 4.28
C ARG A 1103 26.62 18.67 3.84
N ILE A 1104 26.87 18.70 2.53
CA ILE A 1104 28.09 18.15 1.94
C ILE A 1104 29.07 19.30 1.75
N LEU A 1105 30.31 19.11 2.20
CA LEU A 1105 31.37 20.08 1.95
C LEU A 1105 31.87 19.92 0.52
N LEU A 1106 31.82 21.00 -0.26
CA LEU A 1106 32.29 21.00 -1.64
C LEU A 1106 33.60 21.75 -1.69
N VAL A 1107 34.65 21.10 -2.22
CA VAL A 1107 35.94 21.75 -2.40
C VAL A 1107 36.26 21.69 -3.88
N PRO A 1108 35.73 22.61 -4.68
CA PRO A 1108 35.96 22.56 -6.12
C PRO A 1108 37.26 23.27 -6.50
N ALA A 1109 37.69 23.00 -7.72
CA ALA A 1109 38.79 23.74 -8.32
C ALA A 1109 38.39 24.54 -9.56
N THR A 1110 37.43 24.06 -10.36
CA THR A 1110 37.03 24.72 -11.58
C THR A 1110 35.52 24.95 -11.54
N GLU A 1111 35.07 25.85 -12.42
CA GLU A 1111 33.63 26.12 -12.50
C GLU A 1111 32.85 24.88 -12.88
N SER A 1112 33.31 24.16 -13.91
CA SER A 1112 32.62 22.94 -14.31
C SER A 1112 32.65 21.91 -13.19
N GLY A 1113 33.78 21.79 -12.50
CA GLY A 1113 33.84 20.89 -11.36
C GLY A 1113 32.81 21.23 -10.30
N LEU A 1114 32.68 22.52 -9.99
CA LEU A 1114 31.69 22.95 -9.00
C LEU A 1114 30.29 22.59 -9.45
N TYR A 1115 29.96 22.82 -10.72
CA TYR A 1115 28.63 22.49 -11.20
C TYR A 1115 28.36 21.00 -11.08
N HIS A 1116 29.35 20.17 -11.40
CA HIS A 1116 29.19 18.72 -11.28
C HIS A 1116 29.05 18.30 -9.82
N GLN A 1117 29.85 18.91 -8.94
CA GLN A 1117 29.73 18.60 -7.52
C GLN A 1117 28.36 19.00 -7.00
N LEU A 1118 27.90 20.19 -7.37
CA LEU A 1118 26.60 20.65 -6.90
CA LEU A 1118 26.59 20.67 -6.92
C LEU A 1118 25.48 19.75 -7.42
N ALA A 1119 25.57 19.35 -8.69
CA ALA A 1119 24.56 18.45 -9.24
C ALA A 1119 24.51 17.16 -8.44
N ALA A 1120 25.67 16.56 -8.14
CA ALA A 1120 25.68 15.30 -7.41
C ALA A 1120 25.07 15.46 -6.03
N ALA A 1121 25.40 16.56 -5.33
CA ALA A 1121 24.90 16.75 -3.98
C ALA A 1121 23.40 17.06 -3.98
N LEU A 1122 22.96 17.92 -4.90
CA LEU A 1122 21.54 18.29 -4.91
C LEU A 1122 20.68 17.12 -5.36
N ALA A 1123 21.15 16.31 -6.32
CA ALA A 1123 20.37 15.16 -6.79
C ALA A 1123 20.13 14.15 -5.70
N THR A 1124 20.97 14.15 -4.67
CA THR A 1124 20.86 13.25 -3.52
C THR A 1124 20.24 13.96 -2.31
N GLY A 1125 19.63 15.12 -2.52
CA GLY A 1125 18.82 15.80 -1.52
C GLY A 1125 19.57 16.64 -0.52
N ASN A 1126 20.87 16.82 -0.69
CA ASN A 1126 21.72 17.47 0.29
C ASN A 1126 21.77 18.98 0.08
N SER A 1127 22.12 19.67 1.15
CA SER A 1127 22.62 21.03 1.07
C SER A 1127 24.14 20.97 0.95
N VAL A 1128 24.75 22.13 0.69
CA VAL A 1128 26.19 22.20 0.48
C VAL A 1128 26.79 23.39 1.21
N ALA A 1129 28.06 23.25 1.58
CA ALA A 1129 28.92 24.36 1.94
C ALA A 1129 30.10 24.32 0.98
N ILE A 1130 30.28 25.40 0.23
CA ILE A 1130 31.30 25.47 -0.82
C ILE A 1130 32.50 26.22 -0.29
N ASP A 1131 33.69 25.65 -0.49
CA ASP A 1131 34.92 26.29 -0.03
C ASP A 1131 35.05 27.68 -0.64
N ALA A 1132 35.06 28.70 0.21
CA ALA A 1132 35.21 30.07 -0.28
C ALA A 1132 36.60 30.31 -0.86
N ALA A 1133 37.60 29.54 -0.42
CA ALA A 1133 38.96 29.69 -0.93
C ALA A 1133 39.10 29.25 -2.39
N SER A 1134 38.08 28.59 -2.95
CA SER A 1134 38.10 28.23 -4.37
C SER A 1134 38.06 29.43 -5.29
N GLY A 1135 37.56 30.57 -4.81
CA GLY A 1135 37.44 31.74 -5.66
C GLY A 1135 36.37 31.65 -6.71
N LEU A 1136 35.42 30.72 -6.59
CA LEU A 1136 34.43 30.47 -7.62
C LEU A 1136 33.08 31.11 -7.33
N GLN A 1137 33.03 32.10 -6.43
CA GLN A 1137 31.76 32.73 -6.09
C GLN A 1137 31.06 33.28 -7.32
N ALA A 1138 31.81 33.87 -8.26
CA ALA A 1138 31.20 34.45 -9.45
C ALA A 1138 30.61 33.41 -10.39
N SER A 1139 30.80 32.12 -10.13
CA SER A 1139 30.20 31.09 -10.98
C SER A 1139 28.79 30.74 -10.56
N LEU A 1140 28.32 31.24 -9.42
CA LEU A 1140 27.00 30.89 -8.89
C LEU A 1140 26.17 32.13 -8.65
N LYS A 1141 26.17 33.07 -9.60
CA LYS A 1141 25.39 34.29 -9.47
C LYS A 1141 23.93 34.04 -9.84
N ASN A 1142 23.02 34.69 -9.11
CA ASN A 1142 21.60 34.71 -9.45
C ASN A 1142 20.96 33.32 -9.41
N LEU A 1143 21.29 32.54 -8.38
CA LEU A 1143 20.66 31.24 -8.22
C LEU A 1143 19.18 31.41 -7.93
N PRO A 1144 18.35 30.47 -8.37
CA PRO A 1144 16.97 30.43 -7.87
C PRO A 1144 16.98 30.32 -6.36
N GLN A 1145 15.97 30.92 -5.73
CA GLN A 1145 15.91 30.90 -4.27
C GLN A 1145 15.90 29.48 -3.71
N THR A 1146 15.26 28.53 -4.41
CA THR A 1146 15.23 27.15 -3.93
C THR A 1146 16.63 26.57 -3.83
N VAL A 1147 17.50 26.88 -4.80
CA VAL A 1147 18.87 26.40 -4.77
C VAL A 1147 19.68 27.20 -3.78
N GLY A 1148 19.49 28.52 -3.75
CA GLY A 1148 20.20 29.36 -2.79
C GLY A 1148 19.98 28.92 -1.35
N LEU A 1149 18.76 28.48 -1.03
CA LEU A 1149 18.47 27.99 0.31
C LEU A 1149 19.38 26.83 0.71
N ARG A 1150 19.84 26.05 -0.27
CA ARG A 1150 20.68 24.89 -0.02
C ARG A 1150 22.17 25.19 -0.12
N VAL A 1151 22.56 26.40 -0.49
CA VAL A 1151 23.95 26.72 -0.78
C VAL A 1151 24.46 27.72 0.25
N SER A 1152 25.61 27.40 0.85
CA SER A 1152 26.36 28.36 1.64
C SER A 1152 27.82 28.29 1.25
N TRP A 1153 28.54 29.36 1.55
CA TRP A 1153 29.96 29.43 1.28
C TRP A 1153 30.70 29.45 2.60
N SER A 1154 31.78 28.68 2.68
CA SER A 1154 32.50 28.49 3.93
C SER A 1154 33.94 28.93 3.75
N LYS A 1155 34.37 29.88 4.60
CA LYS A 1155 35.79 30.19 4.73
C LYS A 1155 36.44 29.31 5.80
N ASP A 1156 35.75 29.11 6.92
CA ASP A 1156 36.25 28.34 8.06
C ASP A 1156 35.41 27.07 8.12
N TRP A 1157 35.91 26.00 7.51
CA TRP A 1157 35.13 24.76 7.41
C TRP A 1157 34.75 24.23 8.79
N ALA A 1158 35.65 24.33 9.77
CA ALA A 1158 35.34 23.78 11.08
C ALA A 1158 34.19 24.52 11.75
N ALA A 1159 34.00 25.80 11.42
CA ALA A 1159 32.94 26.57 12.04
C ALA A 1159 31.57 26.26 11.44
N ASP A 1160 31.53 25.75 10.21
CA ASP A 1160 30.29 25.59 9.47
C ASP A 1160 29.76 24.16 9.44
N GLY A 1161 30.37 23.25 10.20
CA GLY A 1161 29.89 21.89 10.28
C GLY A 1161 28.75 21.73 11.26
N PRO A 1162 28.37 20.48 11.56
CA PRO A 1162 28.98 19.27 10.99
C PRO A 1162 28.52 19.01 9.56
N PHE A 1163 29.44 18.47 8.76
CA PHE A 1163 29.10 18.03 7.42
C PHE A 1163 28.78 16.53 7.45
N ALA A 1164 28.18 16.06 6.36
CA ALA A 1164 27.83 14.64 6.24
C ALA A 1164 28.57 13.96 5.09
N GLY A 1165 29.51 14.65 4.47
CA GLY A 1165 30.28 14.10 3.37
C GLY A 1165 31.05 15.23 2.73
N ALA A 1166 31.91 14.87 1.78
CA ALA A 1166 32.67 15.88 1.06
C ALA A 1166 32.93 15.41 -0.36
N LEU A 1167 33.00 16.38 -1.28
CA LEU A 1167 33.41 16.19 -2.67
C LEU A 1167 34.57 17.13 -2.95
N VAL A 1168 35.65 16.59 -3.50
CA VAL A 1168 36.89 17.34 -3.70
C VAL A 1168 37.31 17.22 -5.15
N GLU A 1169 37.73 18.34 -5.73
CA GLU A 1169 38.31 18.38 -7.07
C GLU A 1169 39.74 18.88 -7.00
N GLY A 1170 40.64 18.22 -7.70
CA GLY A 1170 42.00 18.70 -7.78
C GLY A 1170 42.95 17.63 -8.27
N ASP A 1171 44.20 18.03 -8.46
CA ASP A 1171 45.24 17.06 -8.75
C ASP A 1171 45.59 16.29 -7.49
N ALA A 1172 46.50 15.33 -7.62
CA ALA A 1172 46.77 14.41 -6.51
C ALA A 1172 47.26 15.17 -5.27
N GLU A 1173 48.15 16.15 -5.46
CA GLU A 1173 48.66 16.92 -4.33
C GLU A 1173 47.54 17.73 -3.67
N ARG A 1174 46.66 18.32 -4.48
CA ARG A 1174 45.54 19.08 -3.92
C ARG A 1174 44.59 18.16 -3.16
N ILE A 1175 44.30 16.98 -3.72
CA ILE A 1175 43.41 16.03 -3.05
C ILE A 1175 43.99 15.64 -1.70
N ARG A 1176 45.29 15.34 -1.66
CA ARG A 1176 45.92 14.93 -0.41
C ARG A 1176 45.82 16.03 0.64
N ALA A 1177 46.12 17.28 0.24
CA ALA A 1177 46.08 18.40 1.18
C ALA A 1177 44.68 18.63 1.70
N VAL A 1178 43.68 18.56 0.83
CA VAL A 1178 42.30 18.74 1.27
C VAL A 1178 41.88 17.61 2.18
N ASN A 1179 42.25 16.38 1.82
CA ASN A 1179 41.88 15.23 2.64
C ASN A 1179 42.46 15.35 4.04
N LYS A 1180 43.70 15.86 4.16
CA LYS A 1180 44.28 16.07 5.48
C LYS A 1180 43.53 17.18 6.23
N ALA A 1181 43.18 18.26 5.54
CA ALA A 1181 42.39 19.33 6.15
C ALA A 1181 41.02 18.83 6.61
N ILE A 1182 40.40 17.94 5.84
CA ILE A 1182 39.08 17.43 6.23
C ILE A 1182 39.20 16.53 7.46
N ALA A 1183 40.27 15.72 7.53
CA ALA A 1183 40.46 14.88 8.70
C ALA A 1183 40.61 15.69 9.98
N ALA A 1184 41.03 16.96 9.86
CA ALA A 1184 41.20 17.82 11.03
C ALA A 1184 39.90 18.46 11.51
N LEU A 1185 38.81 18.31 10.77
CA LEU A 1185 37.57 18.93 11.20
C LEU A 1185 37.01 18.18 12.40
N PRO A 1186 36.57 18.89 13.44
CA PRO A 1186 35.93 18.21 14.58
C PRO A 1186 34.64 17.55 14.16
N GLY A 1187 34.27 16.53 14.93
CA GLY A 1187 32.99 15.88 14.74
C GLY A 1187 33.09 14.61 13.91
N PRO A 1188 32.09 14.41 13.05
CA PRO A 1188 31.98 13.14 12.34
C PRO A 1188 33.11 12.93 11.33
N LEU A 1189 33.46 11.66 11.13
CA LEU A 1189 34.39 11.30 10.07
C LEU A 1189 33.66 11.40 8.74
N LEU A 1190 34.16 12.24 7.84
CA LEU A 1190 33.44 12.51 6.60
C LEU A 1190 33.82 11.47 5.56
N LEU A 1191 32.81 10.98 4.84
CA LEU A 1191 33.05 10.15 3.67
C LEU A 1191 33.41 11.09 2.52
N VAL A 1192 34.66 11.01 2.07
CA VAL A 1192 35.23 11.94 1.11
C VAL A 1192 35.37 11.25 -0.25
N GLN A 1193 34.91 11.91 -1.30
CA GLN A 1193 35.15 11.47 -2.67
C GLN A 1193 35.93 12.55 -3.40
N ALA A 1194 36.96 12.13 -4.14
CA ALA A 1194 37.79 13.08 -4.85
C ALA A 1194 37.90 12.69 -6.32
N ALA A 1195 38.13 13.68 -7.16
CA ALA A 1195 38.34 13.46 -8.58
C ALA A 1195 39.15 14.62 -9.14
N SER A 1196 39.95 14.33 -10.16
CA SER A 1196 40.59 15.40 -10.91
C SER A 1196 39.59 16.05 -11.86
N SER A 1197 39.93 17.25 -12.33
CA SER A 1197 39.10 17.91 -13.32
C SER A 1197 38.90 17.03 -14.55
N GLY A 1198 39.96 16.36 -15.00
CA GLY A 1198 39.85 15.51 -16.17
C GLY A 1198 38.96 14.30 -15.91
N GLU A 1199 39.03 13.75 -14.69
CA GLU A 1199 38.14 12.64 -14.35
C GLU A 1199 36.68 13.09 -14.35
N ILE A 1200 36.41 14.30 -13.87
CA ILE A 1200 35.05 14.83 -13.92
C ILE A 1200 34.58 14.94 -15.37
N ALA A 1201 35.47 15.32 -16.28
CA ALA A 1201 35.10 15.45 -17.68
C ALA A 1201 34.90 14.09 -18.34
N ARG A 1202 35.72 13.10 -17.98
CA ARG A 1202 35.66 11.80 -18.65
C ARG A 1202 34.59 10.89 -18.06
N ASN A 1203 34.34 10.97 -16.76
CA ASN A 1203 33.55 9.93 -16.08
C ASN A 1203 32.32 10.52 -15.42
N PRO A 1204 31.13 10.25 -15.94
CA PRO A 1204 29.90 10.78 -15.31
C PRO A 1204 29.73 10.32 -13.88
N ASP A 1205 30.34 9.21 -13.48
CA ASP A 1205 30.27 8.69 -12.13
C ASP A 1205 31.51 9.02 -11.30
N ALA A 1206 32.27 10.04 -11.70
CA ALA A 1206 33.46 10.43 -10.93
C ALA A 1206 33.12 10.59 -9.45
N TYR A 1207 31.97 11.18 -9.15
CA TYR A 1207 31.42 11.23 -7.80
C TYR A 1207 30.24 10.26 -7.76
N CYS A 1208 30.38 9.21 -6.96
CA CYS A 1208 29.39 8.15 -6.93
C CYS A 1208 28.23 8.54 -6.02
N LEU A 1209 27.02 8.47 -6.54
CA LEU A 1209 25.86 8.90 -5.78
C LEU A 1209 25.51 7.94 -4.65
N ASN A 1210 26.05 6.72 -4.67
CA ASN A 1210 25.81 5.77 -3.59
C ASN A 1210 26.19 6.37 -2.23
N TRP A 1211 27.24 7.18 -2.21
CA TRP A 1211 27.83 7.63 -0.95
C TRP A 1211 27.33 9.00 -0.54
N LEU A 1212 26.38 9.57 -1.30
CA LEU A 1212 25.80 10.87 -1.01
C LEU A 1212 24.37 10.77 -0.47
N VAL A 1213 23.87 9.54 -0.28
CA VAL A 1213 22.61 9.31 0.39
C VAL A 1213 22.90 8.62 1.72
N GLU A 1214 21.93 8.65 2.61
CA GLU A 1214 22.02 8.05 3.92
C GLU A 1214 20.97 6.96 4.01
N GLU A 1215 21.40 5.77 4.44
CA GLU A 1215 20.48 4.66 4.63
C GLU A 1215 19.83 4.73 6.00
N VAL A 1216 18.54 4.45 6.05
CA VAL A 1216 17.82 4.37 7.31
C VAL A 1216 17.03 3.06 7.33
N SER A 1217 17.18 2.31 8.41
CA SER A 1217 16.41 1.10 8.66
C SER A 1217 15.41 1.38 9.76
N ALA A 1218 14.19 0.92 9.57
CA ALA A 1218 13.18 1.06 10.62
C ALA A 1218 12.48 -0.28 10.79
N SER A 1219 12.41 -0.76 12.02
CA SER A 1219 11.78 -2.03 12.34
C SER A 1219 10.60 -1.74 13.27
N ILE A 1220 9.39 -2.01 12.80
CA ILE A 1220 8.16 -1.76 13.56
C ILE A 1220 7.56 -3.09 14.00
N ASN A 1221 7.35 -3.23 15.30
CA ASN A 1221 6.69 -4.42 15.86
C ASN A 1221 5.19 -4.25 15.66
N THR A 1222 4.65 -4.89 14.62
CA THR A 1222 3.24 -4.75 14.28
C THR A 1222 2.36 -5.67 15.10
N ALA A 1223 2.95 -6.51 15.95
CA ALA A 1223 2.18 -7.32 16.87
C ALA A 1223 2.02 -6.66 18.24
N ALA A 1224 2.49 -5.43 18.39
CA ALA A 1224 2.58 -4.82 19.71
C ALA A 1224 1.22 -4.62 20.36
N ALA A 1225 0.15 -4.48 19.57
CA ALA A 1225 -1.18 -4.26 20.12
C ALA A 1225 -1.78 -5.53 20.72
N GLY A 1226 -1.18 -6.69 20.49
CA GLY A 1226 -1.59 -7.91 21.16
C GLY A 1226 -1.79 -9.07 20.22
N GLY A 1227 -1.71 -8.80 18.93
CA GLY A 1227 -1.89 -9.84 17.93
C GLY A 1227 -1.46 -9.32 16.58
N ASN A 1228 -1.58 -10.20 15.59
CA ASN A 1228 -1.06 -9.98 14.23
C ASN A 1228 -2.25 -9.94 13.26
N ALA A 1229 -2.51 -8.76 12.70
CA ALA A 1229 -3.68 -8.60 11.83
C ALA A 1229 -3.55 -9.45 10.56
N SER A 1230 -2.37 -9.46 9.94
CA SER A 1230 -2.19 -10.24 8.72
C SER A 1230 -2.43 -11.73 8.96
N LEU A 1231 -2.02 -12.23 10.12
CA LEU A 1231 -2.18 -13.65 10.41
C LEU A 1231 -3.61 -14.01 10.80
N MET A 1232 -4.48 -13.02 11.05
CA MET A 1232 -5.89 -13.33 11.27
C MET A 1232 -6.55 -13.90 10.04
N ALA A 1233 -5.95 -13.72 8.86
CA ALA A 1233 -6.47 -14.24 7.60
C ALA A 1233 -5.87 -15.58 7.21
N ILE A 1234 -4.89 -16.08 7.96
CA ILE A 1234 -4.18 -17.31 7.64
C ILE A 1234 -4.73 -18.43 8.52
N GLY A 1235 -5.40 -19.39 7.90
CA GLY A 1235 -5.93 -20.54 8.62
C GLY A 1235 -5.88 -21.80 7.78
N ALA B 16 -37.18 23.24 -42.52
CA ALA B 16 -36.44 22.84 -41.33
C ALA B 16 -36.84 21.44 -40.88
N PRO B 17 -35.85 20.58 -40.65
CA PRO B 17 -36.16 19.23 -40.17
C PRO B 17 -36.82 19.27 -38.81
N ALA B 18 -37.83 18.42 -38.63
CA ALA B 18 -38.53 18.36 -37.35
C ALA B 18 -37.59 17.81 -36.28
N PRO B 19 -37.66 18.32 -35.05
CA PRO B 19 -36.76 17.85 -33.99
C PRO B 19 -36.87 16.35 -33.77
N PHE B 20 -35.73 15.68 -33.78
CA PHE B 20 -35.57 14.27 -33.43
C PHE B 20 -36.25 13.31 -34.40
N ALA B 21 -36.72 13.80 -35.55
CA ALA B 21 -37.34 12.94 -36.54
C ALA B 21 -36.38 11.91 -37.12
N ASP B 22 -35.06 12.15 -37.05
CA ASP B 22 -34.06 11.24 -37.57
C ASP B 22 -33.02 10.92 -36.51
N PHE B 23 -33.44 10.76 -35.24
CA PHE B 23 -32.48 10.69 -34.16
C PHE B 23 -31.57 9.46 -34.27
N ALA B 24 -32.18 8.27 -34.31
CA ALA B 24 -31.41 7.04 -34.33
C ALA B 24 -32.23 5.89 -34.91
N PRO B 25 -32.72 6.00 -36.13
CA PRO B 25 -33.49 4.90 -36.72
C PRO B 25 -32.64 3.65 -36.84
N PRO B 26 -33.19 2.49 -36.53
CA PRO B 26 -32.40 1.26 -36.65
C PRO B 26 -32.11 0.93 -38.10
N VAL B 27 -31.04 0.15 -38.29
CA VAL B 27 -30.68 -0.31 -39.64
C VAL B 27 -31.87 -1.01 -40.29
N ARG B 28 -32.60 -1.80 -39.52
CA ARG B 28 -33.74 -2.54 -40.04
C ARG B 28 -34.76 -2.70 -38.92
N PRO B 29 -36.02 -2.93 -39.26
CA PRO B 29 -37.01 -3.24 -38.21
C PRO B 29 -36.57 -4.48 -37.45
N GLN B 30 -36.69 -4.42 -36.13
CA GLN B 30 -36.18 -5.48 -35.25
C GLN B 30 -37.17 -6.63 -35.19
N SER B 31 -36.72 -7.82 -35.59
CA SER B 31 -37.54 -9.02 -35.55
C SER B 31 -37.73 -9.50 -34.12
N THR B 32 -38.63 -10.47 -33.96
CA THR B 32 -38.82 -11.10 -32.66
C THR B 32 -37.48 -11.63 -32.12
N LEU B 33 -36.69 -12.29 -32.97
CA LEU B 33 -35.42 -12.83 -32.53
C LEU B 33 -34.42 -11.74 -32.19
N ARG B 34 -34.36 -10.67 -33.00
CA ARG B 34 -33.46 -9.58 -32.65
C ARG B 34 -33.88 -8.93 -31.34
N ARG B 35 -35.19 -8.77 -31.13
CA ARG B 35 -35.66 -8.17 -29.88
C ARG B 35 -35.30 -9.02 -28.67
N ALA B 36 -35.31 -10.35 -28.82
CA ALA B 36 -34.97 -11.22 -27.69
C ALA B 36 -33.50 -11.05 -27.30
N ILE B 37 -32.63 -10.80 -28.27
CA ILE B 37 -31.23 -10.47 -27.96
C ILE B 37 -31.17 -9.20 -27.13
N THR B 38 -31.77 -8.12 -27.64
CA THR B 38 -31.66 -6.83 -26.97
C THR B 38 -32.22 -6.90 -25.55
N ALA B 39 -33.30 -7.66 -25.36
CA ALA B 39 -33.91 -7.78 -24.04
C ALA B 39 -32.96 -8.38 -23.01
N ALA B 40 -31.98 -9.16 -23.45
CA ALA B 40 -31.07 -9.84 -22.53
C ALA B 40 -29.81 -9.04 -22.25
N TYR B 41 -29.64 -7.85 -22.87
CA TYR B 41 -28.36 -7.16 -22.90
C TYR B 41 -27.76 -7.05 -21.49
N ARG B 42 -28.56 -6.57 -20.53
CA ARG B 42 -28.05 -6.39 -19.16
C ARG B 42 -28.92 -7.10 -18.15
N ARG B 43 -29.40 -8.29 -18.50
CA ARG B 43 -30.29 -9.05 -17.64
C ARG B 43 -29.56 -9.43 -16.34
N PRO B 44 -30.22 -9.37 -15.19
CA PRO B 44 -29.55 -9.72 -13.94
C PRO B 44 -28.97 -11.13 -14.00
N GLU B 45 -27.81 -11.28 -13.38
CA GLU B 45 -27.07 -12.53 -13.45
C GLU B 45 -27.88 -13.69 -12.88
N THR B 46 -28.66 -13.43 -11.82
CA THR B 46 -29.49 -14.46 -11.23
C THR B 46 -30.63 -14.91 -12.14
N GLU B 47 -31.04 -14.06 -13.09
CA GLU B 47 -32.03 -14.48 -14.08
C GLU B 47 -31.39 -15.24 -15.24
N CYS B 48 -30.15 -14.90 -15.60
CA CYS B 48 -29.51 -15.54 -16.75
C CYS B 48 -29.16 -16.99 -16.47
N LEU B 49 -28.71 -17.30 -15.27
CA LEU B 49 -28.09 -18.60 -15.02
C LEU B 49 -29.02 -19.81 -15.04
N PRO B 50 -30.21 -19.76 -14.43
CA PRO B 50 -31.02 -20.99 -14.31
C PRO B 50 -31.30 -21.65 -15.65
N PRO B 51 -31.69 -20.92 -16.71
CA PRO B 51 -31.89 -21.62 -17.99
C PRO B 51 -30.61 -22.16 -18.61
N LEU B 52 -29.47 -21.50 -18.37
CA LEU B 52 -28.19 -22.04 -18.83
C LEU B 52 -27.83 -23.33 -18.09
N VAL B 53 -28.02 -23.34 -16.76
CA VAL B 53 -27.81 -24.55 -15.98
C VAL B 53 -28.63 -25.70 -16.54
N GLU B 54 -29.91 -25.44 -16.83
CA GLU B 54 -30.78 -26.48 -17.36
C GLU B 54 -30.28 -26.99 -18.70
N ALA B 55 -29.93 -26.08 -19.60
CA ALA B 55 -29.49 -26.47 -20.94
C ALA B 55 -28.14 -27.19 -20.92
N ALA B 56 -27.29 -26.90 -19.94
CA ALA B 56 -25.98 -27.51 -19.82
C ALA B 56 -25.98 -28.81 -19.02
N THR B 57 -27.12 -29.22 -18.49
CA THR B 57 -27.20 -30.42 -17.67
C THR B 57 -26.92 -31.66 -18.51
N GLN B 58 -26.06 -32.55 -17.98
CA GLN B 58 -25.77 -33.83 -18.63
C GLN B 58 -25.92 -34.97 -17.62
N SER B 59 -26.11 -36.17 -18.15
CA SER B 59 -26.33 -37.34 -17.32
C SER B 59 -25.09 -37.68 -16.48
N LYS B 60 -25.31 -38.48 -15.44
CA LYS B 60 -24.19 -38.91 -14.59
C LYS B 60 -23.15 -39.68 -15.38
N GLU B 61 -23.59 -40.52 -16.32
CA GLU B 61 -22.66 -41.31 -17.12
C GLU B 61 -21.75 -40.40 -17.93
N ILE B 62 -22.34 -39.40 -18.60
CA ILE B 62 -21.56 -38.48 -19.43
C ILE B 62 -20.64 -37.64 -18.55
N ARG B 63 -21.16 -37.12 -17.44
CA ARG B 63 -20.33 -36.33 -16.53
C ARG B 63 -19.15 -37.14 -16.01
N ASP B 64 -19.39 -38.39 -15.61
CA ASP B 64 -18.30 -39.25 -15.17
C ASP B 64 -17.30 -39.48 -16.30
N ALA B 65 -17.81 -39.80 -17.49
CA ALA B 65 -16.93 -40.02 -18.64
C ALA B 65 -16.14 -38.77 -19.01
N ALA B 66 -16.78 -37.60 -18.93
CA ALA B 66 -16.09 -36.36 -19.26
C ALA B 66 -15.00 -36.05 -18.23
N ALA B 67 -15.27 -36.34 -16.95
CA ALA B 67 -14.27 -36.12 -15.92
C ALA B 67 -13.03 -36.98 -16.18
N SER B 68 -13.23 -38.21 -16.65
CA SER B 68 -12.08 -39.08 -16.94
C SER B 68 -11.31 -38.59 -18.15
N THR B 69 -12.02 -38.15 -19.19
CA THR B 69 -11.35 -37.57 -20.36
C THR B 69 -10.56 -36.33 -19.97
N ALA B 70 -11.16 -35.46 -19.15
CA ALA B 70 -10.47 -34.25 -18.72
C ALA B 70 -9.22 -34.59 -17.91
N ARG B 71 -9.32 -35.55 -16.98
CA ARG B 71 -8.15 -35.92 -16.19
C ARG B 71 -7.02 -36.44 -17.07
N LYS B 72 -7.35 -37.26 -18.06
CA LYS B 72 -6.34 -37.75 -19.01
C LYS B 72 -5.70 -36.61 -19.78
N LEU B 73 -6.51 -35.68 -20.29
CA LEU B 73 -5.96 -34.53 -20.99
C LEU B 73 -5.04 -33.71 -20.08
N ILE B 74 -5.44 -33.53 -18.82
CA ILE B 74 -4.69 -32.67 -17.92
C ILE B 74 -3.35 -33.30 -17.55
N GLU B 75 -3.33 -34.62 -17.34
CA GLU B 75 -2.07 -35.30 -17.06
C GLU B 75 -1.11 -35.15 -18.22
N ALA B 76 -1.60 -35.32 -19.45
CA ALA B 76 -0.75 -35.12 -20.61
C ALA B 76 -0.23 -33.68 -20.67
N LEU B 77 -1.11 -32.71 -20.43
CA LEU B 77 -0.71 -31.30 -20.47
C LEU B 77 0.40 -31.01 -19.45
N ARG B 78 0.18 -31.44 -18.20
CA ARG B 78 1.14 -31.17 -17.14
C ARG B 78 2.38 -32.03 -17.24
N GLY B 79 2.35 -33.07 -18.07
CA GLY B 79 3.50 -33.91 -18.22
C GLY B 79 4.31 -33.64 -19.47
N LYS B 80 4.38 -32.38 -19.87
CA LYS B 80 5.16 -31.99 -21.05
C LYS B 80 5.23 -30.47 -21.16
N GLY B 85 11.07 -21.23 -22.03
CA GLY B 85 12.31 -20.64 -22.49
C GLY B 85 12.79 -19.52 -21.59
N VAL B 86 11.90 -18.58 -21.28
CA VAL B 86 12.26 -17.45 -20.43
C VAL B 86 12.63 -17.94 -19.03
N GLU B 87 11.93 -18.97 -18.55
CA GLU B 87 12.23 -19.51 -17.22
C GLU B 87 13.64 -20.07 -17.16
N GLY B 88 14.06 -20.80 -18.19
CA GLY B 88 15.41 -21.35 -18.22
C GLY B 88 16.47 -20.28 -18.37
N LEU B 89 16.15 -19.19 -19.07
CA LEU B 89 17.08 -18.08 -19.20
C LEU B 89 17.26 -17.37 -17.86
N VAL B 90 16.15 -17.14 -17.15
CA VAL B 90 16.22 -16.54 -15.82
C VAL B 90 17.03 -17.42 -14.87
N GLN B 91 16.83 -18.74 -14.95
CA GLN B 91 17.56 -19.63 -14.06
C GLN B 91 19.04 -19.72 -14.42
N GLU B 92 19.35 -19.77 -15.72
CA GLU B 92 20.75 -19.93 -16.13
C GLU B 92 21.59 -18.72 -15.70
N TYR B 93 21.03 -17.52 -15.79
CA TYR B 93 21.80 -16.32 -15.47
C TYR B 93 21.41 -15.71 -14.12
N SER B 94 20.59 -16.40 -13.34
CA SER B 94 20.21 -15.96 -12.01
C SER B 94 19.61 -14.55 -12.04
N LEU B 95 18.71 -14.33 -12.98
CA LEU B 95 18.12 -13.02 -13.16
C LEU B 95 17.00 -12.80 -12.16
N SER B 96 16.93 -11.58 -11.63
CA SER B 96 15.72 -11.16 -10.96
C SER B 96 14.62 -10.95 -12.00
N SER B 97 13.38 -10.74 -11.51
CA SER B 97 12.27 -10.48 -12.42
C SER B 97 12.52 -9.21 -13.23
N GLN B 98 12.88 -8.12 -12.55
CA GLN B 98 13.14 -6.87 -13.25
C GLN B 98 14.28 -7.02 -14.26
N GLU B 99 15.30 -7.82 -13.93
CA GLU B 99 16.38 -8.07 -14.89
C GLU B 99 15.86 -8.83 -16.10
N GLY B 100 14.99 -9.83 -15.87
CA GLY B 100 14.40 -10.53 -17.00
C GLY B 100 13.60 -9.61 -17.90
N VAL B 101 12.78 -8.75 -17.30
CA VAL B 101 11.99 -7.79 -18.08
C VAL B 101 12.91 -6.85 -18.84
N ALA B 102 13.90 -6.28 -18.15
CA ALA B 102 14.84 -5.36 -18.79
C ALA B 102 15.57 -6.03 -19.95
N LEU B 103 15.99 -7.29 -19.77
CA LEU B 103 16.69 -8.00 -20.83
C LEU B 103 15.80 -8.18 -22.04
N MET B 104 14.53 -8.50 -21.84
CA MET B 104 13.64 -8.67 -22.98
C MET B 104 13.39 -7.35 -23.69
N CYS B 105 13.31 -6.26 -22.94
CA CYS B 105 13.18 -4.95 -23.58
C CYS B 105 14.41 -4.63 -24.41
N LEU B 106 15.60 -4.91 -23.87
CA LEU B 106 16.82 -4.73 -24.66
C LEU B 106 16.79 -5.60 -25.90
N ALA B 107 16.37 -6.85 -25.75
CA ALA B 107 16.31 -7.75 -26.90
C ALA B 107 15.34 -7.24 -27.94
N GLU B 108 14.18 -6.74 -27.51
CA GLU B 108 13.20 -6.16 -28.43
C GLU B 108 13.83 -5.02 -29.24
N ALA B 109 14.57 -4.13 -28.56
CA ALA B 109 15.16 -3.00 -29.27
C ALA B 109 16.25 -3.46 -30.24
N LEU B 110 17.07 -4.44 -29.82
CA LEU B 110 18.10 -4.94 -30.73
C LEU B 110 17.48 -5.61 -31.95
N LEU B 111 16.30 -6.20 -31.80
CA LEU B 111 15.64 -6.85 -32.93
C LEU B 111 15.04 -5.87 -33.91
N ARG B 112 14.94 -4.58 -33.54
CA ARG B 112 14.55 -3.57 -34.51
C ARG B 112 15.68 -3.25 -35.48
N ILE B 113 16.91 -3.68 -35.19
CA ILE B 113 18.00 -3.64 -36.17
C ILE B 113 17.83 -4.86 -37.06
N PRO B 114 17.52 -4.67 -38.36
CA PRO B 114 17.11 -5.79 -39.21
C PRO B 114 18.26 -6.70 -39.64
N ASP B 115 19.45 -6.13 -39.79
CA ASP B 115 20.60 -6.85 -40.31
C ASP B 115 21.34 -7.53 -39.17
N THR B 116 21.50 -8.86 -39.28
CA THR B 116 22.14 -9.63 -38.22
C THR B 116 23.56 -9.13 -37.94
N ALA B 117 24.31 -8.81 -38.99
CA ALA B 117 25.70 -8.40 -38.80
C ALA B 117 25.79 -7.08 -38.03
N THR B 118 24.94 -6.11 -38.37
CA THR B 118 24.97 -4.82 -37.68
C THR B 118 24.55 -4.97 -36.23
N ARG B 119 23.54 -5.82 -35.98
CA ARG B 119 23.06 -6.03 -34.62
C ARG B 119 24.10 -6.73 -33.77
N ASP B 120 24.69 -7.81 -34.30
CA ASP B 120 25.71 -8.54 -33.56
C ASP B 120 26.92 -7.69 -33.25
N ALA B 121 27.29 -6.76 -34.16
CA ALA B 121 28.43 -5.89 -33.91
C ALA B 121 28.12 -4.86 -32.83
N LEU B 122 26.90 -4.32 -32.84
CA LEU B 122 26.51 -3.39 -31.78
C LEU B 122 26.57 -4.07 -30.42
N ILE B 123 26.11 -5.32 -30.36
CA ILE B 123 26.14 -6.08 -29.11
C ILE B 123 27.58 -6.27 -28.62
N ARG B 124 28.45 -6.72 -29.51
CA ARG B 124 29.81 -7.08 -29.12
C ARG B 124 30.65 -5.85 -28.78
N ASP B 125 30.48 -4.77 -29.52
CA ASP B 125 31.37 -3.62 -29.43
C ASP B 125 30.82 -2.45 -28.62
N LYS B 126 29.51 -2.43 -28.36
CA LYS B 126 28.91 -1.28 -27.69
C LYS B 126 28.08 -1.68 -26.48
N ILE B 127 27.18 -2.65 -26.65
CA ILE B 127 26.23 -2.95 -25.58
C ILE B 127 26.89 -3.74 -24.44
N ALA B 128 27.72 -4.74 -24.77
CA ALA B 128 28.29 -5.58 -23.74
C ALA B 128 29.21 -4.82 -22.79
N ASP B 129 29.70 -3.64 -23.20
CA ASP B 129 30.55 -2.80 -22.37
C ASP B 129 29.75 -1.80 -21.54
N GLY B 130 28.44 -2.00 -21.41
CA GLY B 130 27.64 -1.16 -20.53
C GLY B 130 26.93 -0.03 -21.23
N ASN B 131 27.60 0.64 -22.17
CA ASN B 131 27.03 1.82 -22.82
C ASN B 131 25.78 1.47 -23.63
N TRP B 132 24.75 0.94 -22.96
CA TRP B 132 23.52 0.60 -23.66
C TRP B 132 22.62 1.81 -23.85
N LYS B 133 22.73 2.81 -22.97
CA LYS B 133 21.82 3.95 -23.03
C LYS B 133 22.00 4.73 -24.32
N SER B 134 23.24 5.00 -24.71
CA SER B 134 23.51 5.84 -25.88
C SER B 134 23.02 5.15 -27.16
N HIS B 135 23.54 3.96 -27.44
CA HIS B 135 23.35 3.32 -28.74
C HIS B 135 21.92 2.84 -28.99
N LEU B 136 21.06 2.79 -27.97
CA LEU B 136 19.69 2.34 -28.17
C LEU B 136 18.67 3.29 -27.56
N ARG B 140 13.38 7.49 -27.39
CA ARG B 140 12.48 6.40 -27.05
C ARG B 140 13.08 5.50 -25.97
N SER B 141 12.38 5.38 -24.85
CA SER B 141 12.82 4.48 -23.78
C SER B 141 12.90 3.05 -24.29
N LEU B 142 13.97 2.35 -23.89
CA LEU B 142 14.05 0.92 -24.12
C LEU B 142 12.84 0.18 -23.55
N PHE B 143 12.17 0.77 -22.57
CA PHE B 143 11.23 0.06 -21.72
C PHE B 143 9.77 0.38 -22.06
N VAL B 144 9.51 0.94 -23.25
CA VAL B 144 8.15 1.31 -23.65
C VAL B 144 7.18 0.15 -23.49
N ASN B 145 7.60 -1.06 -23.88
CA ASN B 145 6.73 -2.22 -23.83
C ASN B 145 7.01 -3.12 -22.62
N ALA B 146 7.60 -2.57 -21.56
CA ALA B 146 7.97 -3.41 -20.42
C ALA B 146 6.77 -4.00 -19.70
N ALA B 147 5.60 -3.36 -19.78
CA ALA B 147 4.43 -3.98 -19.14
C ALA B 147 4.10 -5.31 -19.81
N THR B 148 4.28 -5.37 -21.13
CA THR B 148 4.04 -6.62 -21.85
C THR B 148 5.06 -7.66 -21.46
N TRP B 149 6.35 -7.30 -21.48
CA TRP B 149 7.38 -8.24 -21.07
C TRP B 149 7.25 -8.62 -19.60
N GLY B 150 6.73 -7.71 -18.77
CA GLY B 150 6.45 -8.08 -17.39
C GLY B 150 5.45 -9.22 -17.29
N LEU B 151 4.41 -9.18 -18.15
CA LEU B 151 3.49 -10.32 -18.20
C LEU B 151 4.20 -11.58 -18.65
N VAL B 152 5.05 -11.47 -19.66
CA VAL B 152 5.77 -12.65 -20.16
C VAL B 152 6.64 -13.25 -19.06
N VAL B 153 7.38 -12.39 -18.34
CA VAL B 153 8.40 -12.88 -17.41
C VAL B 153 7.78 -13.30 -16.09
N THR B 154 6.87 -12.49 -15.53
CA THR B 154 6.37 -12.70 -14.18
C THR B 154 4.95 -13.25 -14.12
N GLY B 155 4.17 -13.14 -15.20
CA GLY B 155 2.78 -13.48 -15.17
C GLY B 155 1.89 -12.41 -14.56
N LYS B 156 2.45 -11.29 -14.14
CA LYS B 156 1.69 -10.20 -13.55
C LYS B 156 1.77 -8.98 -14.46
N LEU B 157 0.68 -8.21 -14.46
CA LEU B 157 0.61 -6.97 -15.23
C LEU B 157 0.81 -5.79 -14.29
N THR B 158 1.65 -4.85 -14.71
CA THR B 158 1.82 -3.57 -14.04
C THR B 158 1.55 -2.49 -15.08
N SER B 159 0.58 -1.62 -14.80
CA SER B 159 0.03 -0.74 -15.82
C SER B 159 1.07 0.25 -16.34
N THR B 160 1.96 0.71 -15.48
CA THR B 160 3.07 1.56 -15.92
C THR B 160 4.40 0.92 -15.51
N VAL B 161 5.46 1.53 -16.01
CA VAL B 161 6.79 0.91 -16.07
C VAL B 161 7.71 1.67 -15.12
N ASN B 162 8.35 0.95 -14.19
CA ASN B 162 9.36 1.58 -13.34
C ASN B 162 10.66 1.59 -14.13
N ASP B 163 10.81 2.65 -14.94
CA ASP B 163 11.96 2.75 -15.83
C ASP B 163 13.27 2.96 -15.11
N ARG B 164 13.25 3.50 -13.88
CA ARG B 164 14.49 3.61 -13.13
C ARG B 164 14.93 2.25 -12.60
N SER B 165 13.97 1.44 -12.14
CA SER B 165 14.29 0.09 -11.70
C SER B 165 14.78 -0.75 -12.85
N LEU B 166 14.14 -0.61 -14.02
CA LEU B 166 14.55 -1.39 -15.19
C LEU B 166 15.92 -0.94 -15.70
N ALA B 167 16.19 0.37 -15.69
CA ALA B 167 17.52 0.82 -16.10
C ALA B 167 18.59 0.28 -15.17
N ALA B 168 18.32 0.31 -13.87
CA ALA B 168 19.25 -0.24 -12.89
C ALA B 168 19.45 -1.73 -13.12
N ALA B 169 18.36 -2.46 -13.37
CA ALA B 169 18.46 -3.90 -13.57
C ALA B 169 19.24 -4.23 -14.85
N LEU B 170 19.00 -3.46 -15.92
CA LEU B 170 19.72 -3.74 -17.17
C LEU B 170 21.21 -3.47 -17.02
N THR B 171 21.57 -2.34 -16.40
CA THR B 171 22.98 -2.08 -16.11
C THR B 171 23.58 -3.20 -15.27
N ARG B 172 22.84 -3.64 -14.25
CA ARG B 172 23.37 -4.66 -13.35
C ARG B 172 23.61 -5.97 -14.10
N LEU B 173 22.64 -6.38 -14.91
CA LEU B 173 22.78 -7.68 -15.56
C LEU B 173 23.87 -7.67 -16.63
N ILE B 174 24.02 -6.55 -17.35
CA ILE B 174 25.05 -6.48 -18.38
C ILE B 174 26.43 -6.45 -17.73
N SER B 175 26.59 -5.64 -16.68
CA SER B 175 27.88 -5.58 -16.01
C SER B 175 28.23 -6.90 -15.35
N ARG B 176 27.22 -7.69 -14.98
CA ARG B 176 27.49 -8.98 -14.34
C ARG B 176 27.78 -10.07 -15.37
N CYS B 177 27.00 -10.11 -16.46
CA CYS B 177 27.00 -11.27 -17.34
C CYS B 177 27.41 -10.97 -18.78
N GLY B 178 27.43 -9.71 -19.20
CA GLY B 178 28.07 -9.36 -20.45
C GLY B 178 27.35 -9.89 -21.68
N GLU B 179 28.13 -10.08 -22.75
CA GLU B 179 27.54 -10.47 -24.02
C GLU B 179 26.75 -11.77 -23.98
N PRO B 180 27.18 -12.84 -23.29
CA PRO B 180 26.40 -14.09 -23.34
C PRO B 180 24.94 -13.94 -22.94
N VAL B 181 24.64 -13.12 -21.94
CA VAL B 181 23.24 -12.98 -21.57
C VAL B 181 22.47 -12.14 -22.59
N ILE B 182 23.13 -11.17 -23.21
CA ILE B 182 22.48 -10.39 -24.26
C ILE B 182 22.15 -11.28 -25.45
N ARG B 183 23.13 -12.10 -25.86
CA ARG B 183 22.93 -13.07 -26.93
C ARG B 183 21.74 -13.97 -26.64
N ARG B 184 21.71 -14.57 -25.44
CA ARG B 184 20.60 -15.45 -25.07
C ARG B 184 19.27 -14.72 -25.08
N GLY B 185 19.24 -13.47 -24.59
CA GLY B 185 17.99 -12.72 -24.60
C GLY B 185 17.51 -12.40 -26.00
N VAL B 186 18.45 -12.01 -26.88
CA VAL B 186 18.08 -11.72 -28.28
C VAL B 186 17.51 -12.96 -28.95
N ASP B 187 18.19 -14.09 -28.81
CA ASP B 187 17.71 -15.32 -29.43
C ASP B 187 16.35 -15.72 -28.88
N MET B 188 16.14 -15.52 -27.57
CA MET B 188 14.87 -15.88 -26.95
C MET B 188 13.73 -15.00 -27.45
N ALA B 189 13.96 -13.68 -27.50
CA ALA B 189 12.92 -12.78 -27.98
C ALA B 189 12.64 -13.01 -29.46
N MET B 190 13.68 -13.33 -30.23
CA MET B 190 13.48 -13.61 -31.64
C MET B 190 12.56 -14.81 -31.85
N ARG B 191 12.76 -15.88 -31.06
CA ARG B 191 11.90 -17.05 -31.18
C ARG B 191 10.47 -16.73 -30.73
N MET B 192 10.33 -16.03 -29.60
CA MET B 192 8.99 -15.76 -29.09
C MET B 192 8.21 -14.88 -30.06
N MET B 193 8.84 -13.83 -30.58
CA MET B 193 8.13 -12.89 -31.43
C MET B 193 8.06 -13.35 -32.88
N GLY B 194 8.81 -14.39 -33.25
CA GLY B 194 8.82 -14.83 -34.63
C GLY B 194 8.07 -16.13 -34.84
N GLU B 195 7.92 -16.92 -33.77
CA GLU B 195 7.40 -18.28 -33.86
C GLU B 195 6.35 -18.64 -32.82
N GLN B 196 6.28 -17.94 -31.69
CA GLN B 196 5.33 -18.30 -30.63
C GLN B 196 4.14 -17.36 -30.59
N PHE B 197 4.37 -16.05 -30.49
CA PHE B 197 3.27 -15.09 -30.49
C PHE B 197 2.65 -14.94 -31.87
N VAL B 198 3.36 -15.30 -32.93
CA VAL B 198 2.82 -15.33 -34.28
C VAL B 198 3.21 -16.65 -34.91
N THR B 199 2.39 -17.13 -35.83
CA THR B 199 2.79 -18.30 -36.60
C THR B 199 3.90 -17.96 -37.58
N GLY B 200 3.90 -16.71 -38.06
CA GLY B 200 4.96 -16.23 -38.92
C GLY B 200 4.83 -14.71 -39.04
N GLU B 201 5.91 -14.10 -39.54
CA GLU B 201 5.91 -12.66 -39.68
C GLU B 201 5.06 -12.21 -40.86
N THR B 202 5.01 -13.00 -41.92
CA THR B 202 4.20 -12.73 -43.10
C THR B 202 3.32 -13.93 -43.37
N ILE B 203 2.34 -13.76 -44.25
CA ILE B 203 1.45 -14.87 -44.59
C ILE B 203 2.23 -15.99 -45.28
N ARG B 204 3.22 -15.63 -46.09
CA ARG B 204 4.05 -16.63 -46.75
C ARG B 204 4.71 -17.54 -45.73
N GLU B 205 5.32 -16.94 -44.70
CA GLU B 205 6.01 -17.72 -43.68
C GLU B 205 5.01 -18.51 -42.85
N ALA B 206 3.88 -17.90 -42.50
CA ALA B 206 2.87 -18.61 -41.72
C ALA B 206 2.33 -19.82 -42.47
N LEU B 207 2.07 -19.67 -43.77
CA LEU B 207 1.54 -20.79 -44.55
C LEU B 207 2.57 -21.91 -44.65
N LYS B 208 3.84 -21.56 -44.84
CA LYS B 208 4.87 -22.59 -44.92
C LYS B 208 4.94 -23.39 -43.63
N ARG B 209 4.86 -22.71 -42.49
CA ARG B 209 4.97 -23.37 -41.19
C ARG B 209 3.72 -24.13 -40.81
N SER B 210 2.63 -23.98 -41.57
CA SER B 210 1.36 -24.62 -41.22
C SER B 210 1.27 -26.05 -41.73
N LYS B 211 2.12 -26.43 -42.66
CA LYS B 211 1.98 -27.73 -43.29
C LYS B 211 2.20 -28.87 -42.30
N GLU B 212 3.08 -28.66 -41.32
CA GLU B 212 3.42 -29.75 -40.39
C GLU B 212 2.20 -30.21 -39.61
N LEU B 213 1.45 -29.27 -39.04
CA LEU B 213 0.27 -29.64 -38.26
C LEU B 213 -0.92 -29.97 -39.14
N GLU B 214 -1.01 -29.39 -40.35
CA GLU B 214 -2.05 -29.80 -41.27
C GLU B 214 -1.91 -31.27 -41.65
N GLU B 215 -0.67 -31.77 -41.76
CA GLU B 215 -0.46 -33.18 -42.03
C GLU B 215 -0.97 -34.05 -40.89
N LYS B 216 -1.01 -33.52 -39.67
CA LYS B 216 -1.50 -34.24 -38.52
C LYS B 216 -3.01 -34.12 -38.34
N GLY B 217 -3.69 -33.33 -39.17
CA GLY B 217 -5.12 -33.21 -39.11
C GLY B 217 -5.62 -31.89 -38.56
N PHE B 218 -4.72 -30.98 -38.20
CA PHE B 218 -5.14 -29.63 -37.83
C PHE B 218 -5.48 -28.83 -39.08
N SER B 219 -6.21 -27.74 -38.87
CA SER B 219 -6.47 -26.73 -39.89
C SER B 219 -6.12 -25.38 -39.30
N TYR B 220 -6.29 -24.32 -40.11
CA TYR B 220 -5.84 -22.99 -39.69
C TYR B 220 -6.86 -21.93 -40.04
N SER B 221 -6.87 -20.87 -39.22
CA SER B 221 -7.53 -19.62 -39.55
C SER B 221 -6.54 -18.52 -39.22
N TYR B 222 -6.16 -17.71 -40.21
CA TYR B 222 -5.11 -16.72 -40.01
C TYR B 222 -5.67 -15.39 -39.55
N ASP B 223 -4.97 -14.78 -38.59
CA ASP B 223 -5.35 -13.52 -37.98
C ASP B 223 -4.27 -12.51 -38.36
N MET B 224 -4.58 -11.59 -39.27
CA MET B 224 -3.59 -10.64 -39.75
C MET B 224 -3.34 -9.49 -38.77
N LEU B 225 -3.90 -9.53 -37.57
CA LEU B 225 -3.55 -8.67 -36.45
C LEU B 225 -3.95 -7.20 -36.62
N GLY B 226 -4.84 -6.89 -37.57
CA GLY B 226 -5.35 -5.55 -37.72
C GLY B 226 -6.59 -5.33 -36.86
N GLU B 227 -6.69 -4.15 -36.26
CA GLU B 227 -7.92 -3.80 -35.55
C GLU B 227 -7.92 -2.31 -35.23
N ALA B 228 -9.12 -1.83 -34.91
CA ALA B 228 -9.33 -0.47 -34.40
C ALA B 228 -8.67 0.58 -35.29
N ALA B 229 -9.08 0.60 -36.56
CA ALA B 229 -8.63 1.65 -37.46
C ALA B 229 -8.93 3.02 -36.85
N THR B 230 -7.95 3.90 -36.87
CA THR B 230 -8.13 5.28 -36.41
C THR B 230 -8.44 6.25 -37.54
N THR B 231 -7.94 6.00 -38.73
CA THR B 231 -8.11 6.90 -39.87
C THR B 231 -8.62 6.11 -41.06
N ALA B 232 -9.10 6.83 -42.07
CA ALA B 232 -9.51 6.19 -43.31
C ALA B 232 -8.35 5.41 -43.93
N ALA B 233 -7.14 5.99 -43.88
CA ALA B 233 -5.99 5.30 -44.45
C ALA B 233 -5.70 3.99 -43.74
N ASP B 234 -5.90 3.95 -42.40
CA ASP B 234 -5.72 2.70 -41.67
C ASP B 234 -6.67 1.64 -42.18
N ALA B 235 -7.95 2.00 -42.27
CA ALA B 235 -8.98 1.05 -42.68
C ALA B 235 -8.75 0.57 -44.10
N GLU B 236 -8.32 1.46 -44.99
CA GLU B 236 -8.05 1.04 -46.36
C GLU B 236 -6.86 0.10 -46.41
N ARG B 237 -5.83 0.38 -45.61
CA ARG B 237 -4.67 -0.51 -45.56
C ARG B 237 -5.06 -1.89 -45.03
N TYR B 238 -5.81 -1.93 -43.91
CA TYR B 238 -6.22 -3.22 -43.36
C TYR B 238 -7.06 -4.00 -44.37
N TYR B 239 -7.95 -3.30 -45.09
CA TYR B 239 -8.73 -3.95 -46.13
C TYR B 239 -7.84 -4.59 -47.18
N ARG B 240 -6.87 -3.84 -47.69
CA ARG B 240 -5.98 -4.37 -48.72
C ARG B 240 -5.11 -5.49 -48.17
N ASP B 241 -4.73 -5.40 -46.89
CA ASP B 241 -3.94 -6.48 -46.29
C ASP B 241 -4.78 -7.76 -46.17
N TYR B 242 -6.06 -7.64 -45.81
CA TYR B 242 -6.92 -8.82 -45.79
C TYR B 242 -7.07 -9.40 -47.20
N GLU B 243 -7.27 -8.54 -48.19
CA GLU B 243 -7.45 -8.99 -49.56
C GLU B 243 -6.23 -9.78 -50.03
N SER B 244 -5.04 -9.24 -49.78
CA SER B 244 -3.81 -9.93 -50.17
CA SER B 244 -3.82 -9.93 -50.17
CA SER B 244 -3.81 -9.93 -50.17
C SER B 244 -3.68 -11.26 -49.44
N ALA B 245 -3.99 -11.28 -48.14
CA ALA B 245 -3.91 -12.53 -47.39
C ALA B 245 -4.91 -13.55 -47.93
N ILE B 246 -6.12 -13.12 -48.30
CA ILE B 246 -7.09 -14.06 -48.85
C ILE B 246 -6.56 -14.72 -50.13
N HIS B 247 -5.90 -13.94 -51.00
CA HIS B 247 -5.31 -14.56 -52.18
C HIS B 247 -4.28 -15.61 -51.79
N ALA B 248 -3.43 -15.31 -50.80
CA ALA B 248 -2.39 -16.26 -50.43
C ALA B 248 -3.01 -17.50 -49.79
N ILE B 249 -3.95 -17.29 -48.86
CA ILE B 249 -4.58 -18.42 -48.18
C ILE B 249 -5.41 -19.23 -49.17
N GLY B 250 -6.08 -18.56 -50.09
CA GLY B 250 -6.91 -19.26 -51.05
C GLY B 250 -6.09 -20.10 -52.01
N LYS B 251 -4.97 -19.56 -52.48
CA LYS B 251 -4.08 -20.34 -53.34
C LYS B 251 -3.49 -21.52 -52.58
N ALA B 252 -3.14 -21.31 -51.32
CA ALA B 252 -2.58 -22.41 -50.52
C ALA B 252 -3.64 -23.48 -50.23
N SER B 253 -4.88 -23.04 -50.00
CA SER B 253 -5.96 -23.99 -49.76
C SER B 253 -6.08 -24.99 -50.91
N ALA B 254 -5.93 -24.51 -52.15
CA ALA B 254 -5.84 -25.38 -53.32
C ALA B 254 -7.05 -26.32 -53.43
N GLY B 255 -8.24 -25.79 -53.16
CA GLY B 255 -9.45 -26.57 -53.35
C GLY B 255 -9.81 -27.49 -52.20
N ARG B 256 -9.13 -27.40 -51.06
CA ARG B 256 -9.45 -28.28 -49.94
C ARG B 256 -10.81 -27.97 -49.29
N GLY B 257 -11.40 -26.81 -49.57
CA GLY B 257 -12.70 -26.47 -49.01
C GLY B 257 -12.61 -25.85 -47.63
N ILE B 258 -13.78 -25.47 -47.11
CA ILE B 258 -13.83 -24.64 -45.91
C ILE B 258 -13.57 -25.43 -44.62
N TYR B 259 -13.70 -26.75 -44.64
CA TYR B 259 -13.49 -27.53 -43.43
C TYR B 259 -12.05 -28.03 -43.31
N GLU B 260 -11.52 -28.68 -44.35
CA GLU B 260 -10.14 -29.16 -44.28
C GLU B 260 -9.14 -28.04 -44.55
N GLY B 261 -9.48 -27.09 -45.40
CA GLY B 261 -8.55 -26.05 -45.81
C GLY B 261 -8.55 -24.86 -44.87
N PRO B 262 -7.54 -24.00 -45.03
CA PRO B 262 -7.40 -22.84 -44.14
C PRO B 262 -8.41 -21.75 -44.46
N GLY B 263 -8.61 -20.88 -43.47
CA GLY B 263 -9.42 -19.70 -43.64
C GLY B 263 -8.77 -18.46 -43.05
N ILE B 264 -9.50 -17.36 -43.03
CA ILE B 264 -9.02 -16.10 -42.48
C ILE B 264 -10.03 -15.59 -41.45
N SER B 265 -9.53 -14.79 -40.51
CA SER B 265 -10.34 -14.10 -39.52
C SER B 265 -10.13 -12.61 -39.70
N ILE B 266 -11.19 -11.83 -39.52
CA ILE B 266 -11.16 -10.38 -39.66
C ILE B 266 -11.85 -9.75 -38.46
N LYS B 267 -11.51 -8.52 -38.20
CA LYS B 267 -12.19 -7.70 -37.21
C LYS B 267 -12.84 -6.53 -37.91
N LEU B 268 -14.15 -6.35 -37.71
CA LEU B 268 -14.83 -5.23 -38.36
C LEU B 268 -14.23 -3.88 -37.96
N SER B 269 -13.70 -3.75 -36.73
CA SER B 269 -13.10 -2.49 -36.32
C SER B 269 -11.87 -2.13 -37.16
N ALA B 270 -11.25 -3.11 -37.82
CA ALA B 270 -10.13 -2.82 -38.70
C ALA B 270 -10.58 -2.18 -40.01
N LEU B 271 -11.86 -2.32 -40.36
CA LEU B 271 -12.30 -1.96 -41.70
C LEU B 271 -13.00 -0.60 -41.77
N HIS B 272 -13.14 0.11 -40.65
CA HIS B 272 -13.72 1.43 -40.74
C HIS B 272 -13.30 2.19 -39.50
N PRO B 273 -12.98 3.48 -39.59
CA PRO B 273 -12.58 4.22 -38.39
C PRO B 273 -13.73 4.60 -37.47
N ARG B 274 -14.98 4.48 -37.91
CA ARG B 274 -16.13 4.81 -37.07
C ARG B 274 -17.08 3.62 -36.98
N TYR B 275 -16.56 2.47 -36.54
CA TYR B 275 -17.37 1.26 -36.40
C TYR B 275 -18.10 1.33 -35.07
N SER B 276 -19.33 1.87 -35.11
CA SER B 276 -20.12 2.00 -33.89
C SER B 276 -21.59 2.17 -34.26
N ARG B 277 -22.46 1.87 -33.30
CA ARG B 277 -23.90 2.03 -33.52
C ARG B 277 -24.26 3.48 -33.85
N ALA B 278 -23.54 4.44 -33.25
CA ALA B 278 -23.84 5.84 -33.53
C ALA B 278 -23.60 6.20 -34.98
N GLN B 279 -22.73 5.45 -35.66
CA GLN B 279 -22.43 5.68 -37.07
C GLN B 279 -22.94 4.54 -37.96
N ALA B 280 -24.09 3.95 -37.59
CA ALA B 280 -24.60 2.75 -38.26
C ALA B 280 -24.76 2.97 -39.77
N ALA B 281 -25.22 4.16 -40.17
CA ALA B 281 -25.44 4.39 -41.60
C ALA B 281 -24.12 4.33 -42.36
N ARG B 282 -23.06 4.93 -41.80
CA ARG B 282 -21.76 4.86 -42.44
C ARG B 282 -21.21 3.44 -42.42
N VAL B 283 -21.48 2.70 -41.35
CA VAL B 283 -21.03 1.31 -41.29
C VAL B 283 -21.68 0.49 -42.40
N MET B 284 -23.01 0.60 -42.56
CA MET B 284 -23.70 -0.15 -43.59
C MET B 284 -23.33 0.34 -44.99
N GLY B 285 -23.01 1.62 -45.13
CA GLY B 285 -22.71 2.16 -46.43
C GLY B 285 -21.27 2.00 -46.87
N GLU B 286 -20.34 1.94 -45.91
CA GLU B 286 -18.92 1.98 -46.21
C GLU B 286 -18.16 0.75 -45.73
N LEU B 287 -18.48 0.25 -44.55
CA LEU B 287 -17.81 -0.94 -44.02
C LEU B 287 -18.35 -2.20 -44.68
N LEU B 288 -19.67 -2.34 -44.74
CA LEU B 288 -20.27 -3.55 -45.31
C LEU B 288 -19.78 -3.89 -46.71
N PRO B 289 -19.69 -2.96 -47.67
CA PRO B 289 -19.16 -3.32 -48.99
C PRO B 289 -17.74 -3.87 -48.95
N ARG B 290 -16.93 -3.43 -47.99
CA ARG B 290 -15.58 -4.00 -47.87
C ARG B 290 -15.63 -5.44 -47.43
N VAL B 291 -16.48 -5.75 -46.43
CA VAL B 291 -16.62 -7.15 -46.02
C VAL B 291 -17.19 -7.98 -47.15
N LYS B 292 -18.18 -7.44 -47.87
CA LYS B 292 -18.73 -8.20 -48.99
C LYS B 292 -17.65 -8.53 -50.01
N ALA B 293 -16.80 -7.55 -50.34
CA ALA B 293 -15.75 -7.80 -51.31
C ALA B 293 -14.80 -8.88 -50.84
N LEU B 294 -14.42 -8.86 -49.56
CA LEU B 294 -13.54 -9.90 -49.03
C LEU B 294 -14.24 -11.25 -49.04
N ALA B 295 -15.54 -11.25 -48.72
CA ALA B 295 -16.30 -12.50 -48.73
C ALA B 295 -16.39 -13.08 -50.14
N LEU B 296 -16.55 -12.20 -51.15
CA LEU B 296 -16.60 -12.69 -52.52
C LEU B 296 -15.29 -13.37 -52.90
N LEU B 297 -14.16 -12.80 -52.46
CA LEU B 297 -12.88 -13.43 -52.72
C LEU B 297 -12.77 -14.77 -51.99
N ALA B 298 -13.20 -14.81 -50.73
CA ALA B 298 -13.19 -16.06 -49.99
C ALA B 298 -14.10 -17.09 -50.65
N LYS B 299 -15.26 -16.66 -51.15
CA LYS B 299 -16.12 -17.59 -51.90
C LYS B 299 -15.41 -18.13 -53.14
N ASN B 300 -14.69 -17.27 -53.86
CA ASN B 300 -14.02 -17.70 -55.07
C ASN B 300 -12.99 -18.77 -54.80
N TYR B 301 -12.31 -18.70 -53.66
CA TYR B 301 -11.32 -19.72 -53.29
C TYR B 301 -11.91 -20.82 -52.43
N ASP B 302 -13.18 -20.69 -52.05
CA ASP B 302 -13.85 -21.62 -51.15
C ASP B 302 -13.08 -21.81 -49.84
N ILE B 303 -12.83 -20.67 -49.17
CA ILE B 303 -12.20 -20.67 -47.86
C ILE B 303 -13.16 -20.04 -46.85
N GLY B 304 -12.90 -20.32 -45.58
CA GLY B 304 -13.67 -19.68 -44.52
C GLY B 304 -13.24 -18.24 -44.29
N LEU B 305 -14.21 -17.40 -43.97
CA LEU B 305 -13.95 -16.00 -43.58
C LEU B 305 -14.76 -15.75 -42.33
N ASN B 306 -14.07 -15.52 -41.22
CA ASN B 306 -14.69 -15.43 -39.90
C ASN B 306 -14.64 -13.99 -39.40
N ILE B 307 -15.78 -13.52 -38.91
CA ILE B 307 -15.86 -12.21 -38.25
C ILE B 307 -15.64 -12.41 -36.76
N ASP B 308 -14.49 -11.95 -36.26
CA ASP B 308 -14.17 -11.97 -34.84
C ASP B 308 -15.13 -11.08 -34.05
N ALA B 309 -15.40 -11.45 -32.81
CA ALA B 309 -16.26 -10.66 -31.95
C ALA B 309 -15.44 -9.73 -31.06
N GLU B 310 -15.94 -8.52 -30.87
CA GLU B 310 -15.19 -7.48 -30.17
C GLU B 310 -15.99 -6.99 -28.98
N GLU B 311 -16.07 -5.68 -28.77
CA GLU B 311 -16.70 -5.14 -27.56
C GLU B 311 -18.21 -5.38 -27.60
N ALA B 312 -18.81 -5.38 -26.40
CA ALA B 312 -20.22 -5.72 -26.30
C ALA B 312 -21.12 -4.75 -27.06
N ASP B 313 -20.72 -3.48 -27.16
CA ASP B 313 -21.55 -2.50 -27.85
C ASP B 313 -21.45 -2.59 -29.36
N ARG B 314 -20.71 -3.56 -29.89
CA ARG B 314 -20.65 -3.83 -31.32
C ARG B 314 -21.34 -5.12 -31.71
N LEU B 315 -21.80 -5.91 -30.73
CA LEU B 315 -22.37 -7.21 -31.04
C LEU B 315 -23.57 -7.08 -31.98
N GLU B 316 -24.58 -6.34 -31.56
CA GLU B 316 -25.81 -6.32 -32.34
C GLU B 316 -25.61 -5.61 -33.68
N LEU B 317 -24.78 -4.57 -33.72
CA LEU B 317 -24.49 -3.93 -35.00
C LEU B 317 -23.89 -4.94 -35.98
N SER B 318 -23.01 -5.81 -35.49
CA SER B 318 -22.37 -6.77 -36.38
C SER B 318 -23.39 -7.72 -36.98
N LEU B 319 -24.48 -8.00 -36.26
CA LEU B 319 -25.52 -8.88 -36.80
C LEU B 319 -26.20 -8.28 -38.03
N ASP B 320 -26.27 -6.95 -38.11
CA ASP B 320 -26.85 -6.34 -39.30
C ASP B 320 -25.99 -6.57 -40.53
N LEU B 321 -24.66 -6.65 -40.36
CA LEU B 321 -23.80 -7.02 -41.47
C LEU B 321 -23.95 -8.50 -41.82
N LEU B 322 -23.98 -9.36 -40.79
CA LEU B 322 -24.14 -10.79 -41.05
C LEU B 322 -25.45 -11.08 -41.78
N GLU B 323 -26.53 -10.40 -41.40
CA GLU B 323 -27.80 -10.56 -42.08
C GLU B 323 -27.67 -10.29 -43.58
N VAL B 324 -27.07 -9.16 -43.95
CA VAL B 324 -26.95 -8.79 -45.36
C VAL B 324 -26.05 -9.76 -46.10
N LEU B 325 -24.93 -10.15 -45.49
CA LEU B 325 -24.00 -11.05 -46.17
C LEU B 325 -24.65 -12.41 -46.44
N CYS B 326 -25.37 -12.96 -45.46
CA CYS B 326 -25.97 -14.27 -45.63
C CYS B 326 -27.11 -14.27 -46.64
N LEU B 327 -27.71 -13.11 -46.92
CA LEU B 327 -28.79 -13.04 -47.89
C LEU B 327 -28.33 -12.50 -49.25
N ASP B 328 -27.05 -12.20 -49.39
CA ASP B 328 -26.53 -11.62 -50.63
C ASP B 328 -26.36 -12.73 -51.66
N GLY B 329 -27.17 -12.69 -52.73
CA GLY B 329 -27.12 -13.71 -53.76
C GLY B 329 -25.77 -13.84 -54.43
N ASP B 330 -24.92 -12.81 -54.37
CA ASP B 330 -23.60 -12.95 -54.96
C ASP B 330 -22.75 -13.98 -54.23
N LEU B 331 -23.07 -14.29 -52.98
CA LEU B 331 -22.36 -15.28 -52.20
C LEU B 331 -23.06 -16.63 -52.18
N SER B 332 -24.10 -16.80 -52.99
CA SER B 332 -24.87 -18.03 -53.02
C SER B 332 -23.96 -19.23 -53.22
N GLY B 333 -24.19 -20.27 -52.40
CA GLY B 333 -23.46 -21.52 -52.53
C GLY B 333 -22.24 -21.63 -51.66
N TRP B 334 -21.77 -20.52 -51.08
CA TRP B 334 -20.59 -20.52 -50.24
C TRP B 334 -21.01 -20.63 -48.80
N ASN B 335 -20.46 -21.61 -48.09
CA ASN B 335 -20.77 -21.84 -46.69
C ASN B 335 -19.62 -21.43 -45.77
N GLY B 336 -18.70 -20.62 -46.26
CA GLY B 336 -17.54 -20.23 -45.49
C GLY B 336 -17.69 -19.03 -44.59
N MET B 337 -18.84 -18.36 -44.60
CA MET B 337 -19.04 -17.22 -43.71
C MET B 337 -19.04 -17.69 -42.26
N GLY B 338 -18.18 -17.08 -41.45
CA GLY B 338 -18.05 -17.45 -40.05
C GLY B 338 -18.31 -16.27 -39.13
N PHE B 339 -18.71 -16.59 -37.90
CA PHE B 339 -19.11 -15.53 -36.96
C PHE B 339 -18.87 -15.99 -35.53
N VAL B 340 -18.20 -15.15 -34.73
CA VAL B 340 -17.89 -15.48 -33.33
C VAL B 340 -19.02 -15.03 -32.42
N VAL B 341 -19.37 -15.87 -31.44
CA VAL B 341 -20.25 -15.46 -30.35
CA VAL B 341 -20.25 -15.46 -30.35
C VAL B 341 -19.54 -15.74 -29.04
N GLN B 342 -19.67 -14.80 -28.10
CA GLN B 342 -18.93 -14.81 -26.84
C GLN B 342 -19.80 -15.33 -25.70
N ALA B 343 -19.44 -16.48 -25.15
CA ALA B 343 -20.25 -17.09 -24.09
C ALA B 343 -20.18 -16.31 -22.76
N TYR B 344 -19.21 -15.42 -22.58
CA TYR B 344 -19.27 -14.59 -21.38
C TYR B 344 -20.36 -13.53 -21.47
N GLY B 345 -21.03 -13.41 -22.61
CA GLY B 345 -22.05 -12.40 -22.79
C GLY B 345 -23.45 -12.96 -22.50
N LYS B 346 -24.28 -12.12 -21.88
CA LYS B 346 -25.60 -12.54 -21.46
C LYS B 346 -26.54 -12.77 -22.64
N ARG B 347 -26.22 -12.18 -23.79
CA ARG B 347 -27.05 -12.36 -24.97
C ARG B 347 -26.73 -13.61 -25.76
N CYS B 348 -25.67 -14.34 -25.40
CA CYS B 348 -25.13 -15.41 -26.24
C CYS B 348 -26.17 -16.42 -26.73
N PRO B 349 -26.98 -17.05 -25.88
CA PRO B 349 -27.95 -18.04 -26.41
C PRO B 349 -28.96 -17.42 -27.36
N PHE B 350 -29.36 -16.18 -27.11
CA PHE B 350 -30.32 -15.51 -27.98
C PHE B 350 -29.68 -15.10 -29.30
N VAL B 351 -28.41 -14.68 -29.25
CA VAL B 351 -27.68 -14.46 -30.50
C VAL B 351 -27.61 -15.75 -31.31
N LEU B 352 -27.33 -16.88 -30.66
CA LEU B 352 -27.29 -18.16 -31.38
C LEU B 352 -28.64 -18.50 -31.99
N ASP B 353 -29.74 -18.27 -31.25
CA ASP B 353 -31.06 -18.49 -31.83
C ASP B 353 -31.23 -17.68 -33.11
N PHE B 354 -30.81 -16.41 -33.09
CA PHE B 354 -30.90 -15.55 -34.26
C PHE B 354 -30.06 -16.09 -35.41
N ILE B 355 -28.83 -16.51 -35.12
CA ILE B 355 -27.92 -16.98 -36.17
C ILE B 355 -28.42 -18.27 -36.77
N ILE B 356 -28.90 -19.21 -35.93
CA ILE B 356 -29.42 -20.47 -36.44
C ILE B 356 -30.62 -20.21 -37.34
N ASP B 357 -31.50 -19.28 -36.94
CA ASP B 357 -32.64 -18.96 -37.78
C ASP B 357 -32.21 -18.29 -39.08
N LEU B 358 -31.22 -17.39 -39.01
CA LEU B 358 -30.69 -16.77 -40.22
C LEU B 358 -30.12 -17.82 -41.16
N ALA B 359 -29.40 -18.80 -40.62
CA ALA B 359 -28.86 -19.87 -41.45
C ALA B 359 -30.00 -20.62 -42.15
N ARG B 360 -31.07 -20.92 -41.41
CA ARG B 360 -32.17 -21.68 -41.97
C ARG B 360 -32.82 -20.93 -43.13
N ARG B 361 -33.15 -19.66 -42.93
CA ARG B 361 -33.86 -18.95 -43.98
C ARG B 361 -32.96 -18.57 -45.15
N SER B 362 -31.66 -18.37 -44.91
CA SER B 362 -30.75 -17.99 -45.98
C SER B 362 -30.16 -19.16 -46.74
N GLY B 363 -30.27 -20.38 -46.20
CA GLY B 363 -29.64 -21.51 -46.83
C GLY B 363 -28.13 -21.48 -46.77
N ARG B 364 -27.56 -20.75 -45.83
CA ARG B 364 -26.12 -20.71 -45.60
C ARG B 364 -25.82 -21.46 -44.33
N ARG B 365 -24.90 -22.42 -44.41
CA ARG B 365 -24.46 -23.13 -43.20
C ARG B 365 -23.40 -22.26 -42.52
N ILE B 366 -23.85 -21.42 -41.61
CA ILE B 366 -22.95 -20.46 -40.99
C ILE B 366 -21.97 -21.19 -40.08
N MET B 367 -20.69 -20.81 -40.15
CA MET B 367 -19.68 -21.34 -39.24
C MET B 367 -19.71 -20.48 -37.98
N VAL B 368 -19.94 -21.10 -36.83
CA VAL B 368 -20.15 -20.36 -35.59
C VAL B 368 -19.03 -20.70 -34.63
N ARG B 369 -18.18 -19.73 -34.33
CA ARG B 369 -17.09 -19.94 -33.38
C ARG B 369 -17.59 -19.51 -32.01
N LEU B 370 -17.73 -20.47 -31.11
CA LEU B 370 -18.13 -20.20 -29.73
C LEU B 370 -16.87 -19.97 -28.90
N VAL B 371 -16.71 -18.78 -28.35
CA VAL B 371 -15.58 -18.46 -27.49
C VAL B 371 -16.13 -18.04 -26.15
N LYS B 372 -15.23 -17.88 -25.18
CA LYS B 372 -15.66 -17.27 -23.93
C LYS B 372 -15.70 -15.74 -24.04
N GLY B 373 -14.58 -15.12 -24.37
CA GLY B 373 -14.58 -13.69 -24.60
C GLY B 373 -13.31 -13.02 -24.10
N ALA B 374 -12.80 -12.05 -24.85
CA ALA B 374 -11.46 -11.53 -24.60
C ALA B 374 -11.43 -10.15 -23.94
N TYR B 375 -12.57 -9.53 -23.68
CA TYR B 375 -12.62 -8.12 -23.26
C TYR B 375 -13.21 -7.94 -21.86
N TRP B 376 -13.09 -8.95 -21.01
CA TRP B 376 -13.87 -8.97 -19.77
C TRP B 376 -13.60 -7.75 -18.89
N ASP B 377 -12.35 -7.51 -18.50
CA ASP B 377 -12.12 -6.43 -17.55
C ASP B 377 -12.52 -5.08 -18.13
N ALA B 378 -12.41 -4.91 -19.45
CA ALA B 378 -12.83 -3.67 -20.09
C ALA B 378 -14.36 -3.53 -20.06
N GLU B 379 -15.09 -4.64 -20.19
CA GLU B 379 -16.55 -4.55 -20.11
C GLU B 379 -17.00 -4.18 -18.70
N ILE B 380 -16.32 -4.69 -17.68
CA ILE B 380 -16.67 -4.30 -16.30
C ILE B 380 -16.47 -2.80 -16.12
N LYS B 381 -15.29 -2.30 -16.50
CA LYS B 381 -15.00 -0.88 -16.34
C LYS B 381 -15.99 -0.02 -17.12
N ARG B 382 -16.29 -0.40 -18.36
CA ARG B 382 -17.15 0.43 -19.20
C ARG B 382 -18.55 0.57 -18.60
N ALA B 383 -19.13 -0.54 -18.15
CA ALA B 383 -20.46 -0.48 -17.58
C ALA B 383 -20.48 0.37 -16.32
N GLN B 384 -19.44 0.27 -15.50
CA GLN B 384 -19.37 1.11 -14.31
C GLN B 384 -19.25 2.59 -14.67
N LEU B 385 -18.35 2.91 -15.60
CA LEU B 385 -18.19 4.32 -16.01
C LEU B 385 -19.49 4.88 -16.55
N ASP B 386 -20.24 4.08 -17.30
CA ASP B 386 -21.44 4.58 -17.94
C ASP B 386 -22.68 4.50 -17.06
N GLY B 387 -22.56 3.99 -15.83
CA GLY B 387 -23.71 3.97 -14.94
C GLY B 387 -24.86 3.13 -15.46
N LEU B 388 -24.55 2.03 -16.14
CA LEU B 388 -25.63 1.28 -16.77
C LEU B 388 -26.22 0.25 -15.79
N ALA B 389 -27.33 -0.36 -16.22
CA ALA B 389 -28.15 -1.13 -15.30
C ALA B 389 -27.41 -2.33 -14.73
N ASP B 390 -26.58 -2.95 -15.54
CA ASP B 390 -25.86 -4.16 -15.13
C ASP B 390 -24.78 -4.33 -16.17
N PHE B 391 -24.00 -5.38 -16.01
CA PHE B 391 -22.97 -5.71 -16.97
C PHE B 391 -23.55 -6.49 -18.15
N PRO B 392 -22.93 -6.39 -19.33
CA PRO B 392 -23.34 -7.24 -20.45
C PRO B 392 -22.59 -8.56 -20.51
N VAL B 393 -21.78 -8.83 -19.49
CA VAL B 393 -21.03 -10.07 -19.36
C VAL B 393 -21.27 -10.58 -17.95
N PHE B 394 -20.98 -11.87 -17.75
CA PHE B 394 -21.01 -12.44 -16.42
C PHE B 394 -19.87 -11.87 -15.58
N THR B 395 -20.03 -11.99 -14.26
CA THR B 395 -19.03 -11.51 -13.32
C THR B 395 -18.34 -12.64 -12.56
N ARG B 396 -18.85 -13.86 -12.62
CA ARG B 396 -18.15 -15.03 -12.09
C ARG B 396 -17.70 -15.90 -13.26
N LYS B 397 -16.43 -16.31 -13.21
CA LYS B 397 -15.87 -17.09 -14.30
C LYS B 397 -16.65 -18.39 -14.53
N ILE B 398 -17.11 -19.00 -13.44
CA ILE B 398 -17.85 -20.26 -13.56
C ILE B 398 -19.17 -20.05 -14.31
N HIS B 399 -19.72 -18.83 -14.28
CA HIS B 399 -20.95 -18.57 -15.05
C HIS B 399 -20.68 -18.57 -16.54
N THR B 400 -19.55 -17.99 -16.94
CA THR B 400 -19.16 -18.07 -18.34
C THR B 400 -18.96 -19.52 -18.77
N ASP B 401 -18.40 -20.35 -17.89
CA ASP B 401 -18.21 -21.74 -18.25
C ASP B 401 -19.54 -22.46 -18.46
N VAL B 402 -20.51 -22.21 -17.57
CA VAL B 402 -21.84 -22.81 -17.75
C VAL B 402 -22.49 -22.29 -19.01
N SER B 403 -22.41 -20.97 -19.24
CA SER B 403 -22.94 -20.39 -20.47
C SER B 403 -22.36 -21.08 -21.69
N TYR B 404 -21.04 -21.31 -21.70
CA TYR B 404 -20.40 -21.94 -22.86
C TYR B 404 -20.97 -23.33 -23.12
N ILE B 405 -21.12 -24.14 -22.06
CA ILE B 405 -21.62 -25.49 -22.21
C ILE B 405 -23.07 -25.49 -22.69
N ALA B 406 -23.90 -24.61 -22.11
CA ALA B 406 -25.30 -24.52 -22.54
C ALA B 406 -25.40 -24.09 -24.00
N CYS B 407 -24.54 -23.19 -24.43
CA CYS B 407 -24.59 -22.73 -25.81
C CYS B 407 -24.03 -23.78 -26.77
N ALA B 408 -23.08 -24.58 -26.30
CA ALA B 408 -22.62 -25.72 -27.10
C ALA B 408 -23.75 -26.72 -27.32
N ALA B 409 -24.58 -26.95 -26.29
CA ALA B 409 -25.71 -27.85 -26.46
C ALA B 409 -26.67 -27.34 -27.53
N LYS B 410 -26.90 -26.03 -27.56
CA LYS B 410 -27.76 -25.45 -28.59
C LYS B 410 -27.16 -25.63 -29.98
N LEU B 411 -25.86 -25.38 -30.11
CA LEU B 411 -25.21 -25.51 -31.42
C LEU B 411 -25.21 -26.96 -31.90
N LEU B 412 -24.91 -27.90 -31.00
CA LEU B 412 -24.85 -29.30 -31.39
C LEU B 412 -26.20 -29.84 -31.85
N ALA B 413 -27.30 -29.20 -31.42
CA ALA B 413 -28.62 -29.59 -31.87
C ALA B 413 -28.97 -29.01 -33.24
N ALA B 414 -28.10 -28.20 -33.83
CA ALA B 414 -28.40 -27.52 -35.09
C ALA B 414 -27.30 -27.73 -36.14
N THR B 415 -26.59 -28.85 -36.09
CA THR B 415 -25.46 -29.03 -37.01
C THR B 415 -25.88 -29.15 -38.47
N ASP B 416 -27.16 -29.40 -38.76
CA ASP B 416 -27.58 -29.41 -40.16
C ASP B 416 -27.48 -28.03 -40.78
N VAL B 417 -27.66 -26.98 -39.97
CA VAL B 417 -27.71 -25.62 -40.50
C VAL B 417 -26.54 -24.74 -40.09
N VAL B 418 -25.80 -25.09 -39.03
CA VAL B 418 -24.62 -24.34 -38.65
C VAL B 418 -23.48 -25.31 -38.41
N PHE B 419 -22.26 -24.79 -38.51
CA PHE B 419 -21.03 -25.55 -38.24
C PHE B 419 -20.42 -25.04 -36.94
N PRO B 420 -20.64 -25.73 -35.82
CA PRO B 420 -20.12 -25.23 -34.55
C PRO B 420 -18.61 -25.38 -34.47
N GLN B 421 -17.96 -24.35 -33.93
CA GLN B 421 -16.51 -24.34 -33.78
C GLN B 421 -16.21 -23.96 -32.33
N PHE B 422 -15.75 -24.93 -31.54
CA PHE B 422 -15.62 -24.75 -30.10
C PHE B 422 -14.19 -24.32 -29.77
N ALA B 423 -13.98 -23.02 -29.63
CA ALA B 423 -12.67 -22.46 -29.31
C ALA B 423 -12.48 -22.42 -27.80
N THR B 424 -11.59 -23.24 -27.28
CA THR B 424 -11.27 -23.16 -25.85
C THR B 424 -9.98 -23.90 -25.57
N HIS B 425 -9.26 -23.43 -24.56
CA HIS B 425 -8.09 -24.14 -24.05
C HIS B 425 -8.36 -24.88 -22.77
N ASN B 426 -9.61 -24.89 -22.30
CA ASN B 426 -9.98 -25.49 -21.04
C ASN B 426 -10.34 -26.96 -21.28
N ALA B 427 -9.53 -27.87 -20.73
CA ALA B 427 -9.74 -29.31 -20.95
C ALA B 427 -11.05 -29.81 -20.35
N GLN B 428 -11.51 -29.18 -19.26
CA GLN B 428 -12.80 -29.56 -18.70
C GLN B 428 -13.93 -29.18 -19.65
N THR B 429 -13.89 -27.94 -20.18
CA THR B 429 -14.89 -27.51 -21.16
C THR B 429 -14.88 -28.43 -22.37
N LEU B 430 -13.69 -28.73 -22.90
CA LEU B 430 -13.55 -29.57 -24.09
C LEU B 430 -14.14 -30.96 -23.86
N ALA B 431 -13.79 -31.58 -22.74
CA ALA B 431 -14.26 -32.94 -22.47
C ALA B 431 -15.78 -32.98 -22.35
N ALA B 432 -16.37 -31.97 -21.70
CA ALA B 432 -17.83 -31.92 -21.56
C ALA B 432 -18.50 -31.91 -22.92
N ILE B 433 -17.95 -31.13 -23.86
CA ILE B 433 -18.55 -31.03 -25.19
C ILE B 433 -18.24 -32.27 -26.02
N TYR B 434 -17.02 -32.81 -25.88
CA TYR B 434 -16.67 -34.03 -26.60
C TYR B 434 -17.66 -35.15 -26.28
N HIS B 435 -18.01 -35.32 -25.02
CA HIS B 435 -18.99 -36.36 -24.68
C HIS B 435 -20.42 -35.93 -25.01
N MET B 436 -20.74 -34.65 -24.85
CA MET B 436 -22.07 -34.17 -25.22
C MET B 436 -22.38 -34.46 -26.67
N ALA B 437 -21.40 -34.32 -27.56
CA ALA B 437 -21.66 -34.49 -28.99
C ALA B 437 -21.96 -35.94 -29.38
N GLY B 438 -21.55 -36.90 -28.55
CA GLY B 438 -21.84 -38.29 -28.84
C GLY B 438 -20.85 -38.94 -29.77
N LYS B 439 -21.20 -40.16 -30.20
CA LYS B 439 -20.31 -41.02 -30.96
C LYS B 439 -20.31 -40.77 -32.46
N ASP B 440 -21.37 -40.19 -33.00
CA ASP B 440 -21.49 -40.02 -34.45
C ASP B 440 -20.77 -38.75 -34.85
N PHE B 441 -19.76 -38.88 -35.69
CA PHE B 441 -18.98 -37.71 -36.11
C PHE B 441 -18.51 -37.88 -37.54
N HIS B 442 -18.46 -36.75 -38.26
CA HIS B 442 -17.81 -36.67 -39.55
C HIS B 442 -17.20 -35.28 -39.64
N VAL B 443 -16.07 -35.19 -40.37
CA VAL B 443 -15.48 -33.88 -40.61
C VAL B 443 -16.51 -33.01 -41.32
N GLY B 444 -16.69 -31.80 -40.81
CA GLY B 444 -17.75 -30.94 -41.25
C GLY B 444 -18.94 -30.88 -40.30
N LYS B 445 -19.02 -31.78 -39.33
CA LYS B 445 -20.11 -31.72 -38.35
C LYS B 445 -19.88 -30.58 -37.37
N TYR B 446 -18.76 -30.62 -36.66
CA TYR B 446 -18.28 -29.51 -35.83
C TYR B 446 -16.76 -29.66 -35.73
N GLU B 447 -16.11 -28.69 -35.10
CA GLU B 447 -14.69 -28.77 -34.86
C GLU B 447 -14.37 -28.04 -33.56
N PHE B 448 -13.17 -28.27 -33.03
CA PHE B 448 -12.61 -27.44 -31.98
C PHE B 448 -11.66 -26.41 -32.57
N GLN B 449 -11.29 -25.42 -31.76
CA GLN B 449 -10.33 -24.41 -32.18
C GLN B 449 -9.44 -24.02 -31.01
N CYS B 450 -8.22 -23.57 -31.34
CA CYS B 450 -7.27 -23.15 -30.32
C CYS B 450 -6.36 -22.06 -30.88
N LEU B 451 -5.57 -21.45 -30.00
CA LEU B 451 -4.67 -20.39 -30.38
C LEU B 451 -3.29 -20.97 -30.68
N HIS B 452 -2.67 -20.50 -31.76
CA HIS B 452 -1.31 -20.90 -32.07
C HIS B 452 -0.39 -20.62 -30.89
N GLY B 453 0.51 -21.55 -30.63
CA GLY B 453 1.51 -21.34 -29.59
C GLY B 453 0.97 -21.34 -28.19
N MET B 454 -0.22 -21.89 -28.00
CA MET B 454 -0.85 -21.94 -26.68
C MET B 454 -1.68 -23.21 -26.59
N GLY B 455 -2.48 -23.48 -27.61
CA GLY B 455 -3.41 -24.59 -27.59
C GLY B 455 -2.92 -25.90 -28.15
N GLU B 456 -1.80 -25.93 -28.86
CA GLU B 456 -1.35 -27.20 -29.42
C GLU B 456 -1.06 -28.29 -28.40
N PRO B 457 -0.42 -28.01 -27.25
CA PRO B 457 -0.23 -29.11 -26.27
C PRO B 457 -1.52 -29.81 -25.89
N LEU B 458 -2.62 -29.07 -25.76
CA LEU B 458 -3.90 -29.73 -25.48
C LEU B 458 -4.41 -30.48 -26.70
N TYR B 459 -4.45 -29.82 -27.85
CA TYR B 459 -5.13 -30.42 -28.99
C TYR B 459 -4.31 -31.49 -29.70
N GLU B 460 -3.02 -31.60 -29.42
CA GLU B 460 -2.34 -32.79 -29.89
C GLU B 460 -2.79 -34.04 -29.14
N GLU B 461 -3.57 -33.87 -28.06
CA GLU B 461 -4.22 -34.99 -27.40
C GLU B 461 -5.65 -35.20 -27.90
N VAL B 462 -6.05 -34.47 -28.95
CA VAL B 462 -7.42 -34.50 -29.46
C VAL B 462 -7.48 -34.92 -30.92
N VAL B 463 -6.67 -34.27 -31.76
CA VAL B 463 -6.71 -34.53 -33.20
C VAL B 463 -6.12 -35.90 -33.51
N GLY B 464 -6.75 -36.61 -34.42
CA GLY B 464 -6.17 -37.80 -35.00
C GLY B 464 -6.82 -39.08 -34.49
N ARG B 465 -6.68 -40.14 -35.29
CA ARG B 465 -7.28 -41.42 -34.95
C ARG B 465 -6.71 -42.01 -33.66
N GLY B 466 -5.45 -41.71 -33.34
CA GLY B 466 -4.83 -42.17 -32.12
C GLY B 466 -5.21 -41.41 -30.88
N LYS B 467 -6.02 -40.35 -31.02
CA LYS B 467 -6.46 -39.56 -29.88
C LYS B 467 -7.97 -39.56 -29.80
N LEU B 468 -8.61 -38.40 -29.83
CA LEU B 468 -10.06 -38.32 -29.81
C LEU B 468 -10.69 -38.25 -31.21
N ASP B 469 -9.86 -38.10 -32.24
CA ASP B 469 -10.33 -38.08 -33.63
C ASP B 469 -11.31 -36.94 -33.88
N ARG B 470 -10.97 -35.77 -33.35
CA ARG B 470 -11.75 -34.58 -33.61
C ARG B 470 -10.81 -33.49 -34.12
N PRO B 471 -11.20 -32.77 -35.16
CA PRO B 471 -10.32 -31.77 -35.76
C PRO B 471 -10.27 -30.50 -34.93
N CYS B 472 -9.15 -29.78 -35.09
CA CYS B 472 -8.94 -28.51 -34.40
C CYS B 472 -8.37 -27.52 -35.40
N ARG B 473 -8.98 -26.33 -35.45
CA ARG B 473 -8.49 -25.23 -36.26
C ARG B 473 -7.68 -24.29 -35.38
N ILE B 474 -6.46 -24.01 -35.82
CA ILE B 474 -5.54 -23.15 -35.07
C ILE B 474 -5.71 -21.71 -35.53
N TYR B 475 -6.05 -20.82 -34.60
CA TYR B 475 -6.08 -19.38 -34.82
C TYR B 475 -4.65 -18.88 -34.83
N ALA B 476 -4.19 -18.39 -35.97
CA ALA B 476 -2.77 -18.18 -36.21
C ALA B 476 -2.47 -16.70 -36.47
N PRO B 477 -1.95 -15.98 -35.48
CA PRO B 477 -1.61 -14.57 -35.72
C PRO B 477 -0.45 -14.48 -36.67
N VAL B 478 -0.48 -13.44 -37.51
CA VAL B 478 0.54 -13.22 -38.52
C VAL B 478 0.88 -11.74 -38.50
N GLY B 479 2.15 -11.42 -38.31
CA GLY B 479 2.54 -10.03 -38.36
C GLY B 479 3.92 -9.78 -37.80
N THR B 480 4.33 -8.52 -37.90
CA THR B 480 5.61 -8.00 -37.45
C THR B 480 5.61 -7.85 -35.94
N HIS B 481 6.81 -7.59 -35.40
CA HIS B 481 6.94 -7.38 -33.96
C HIS B 481 6.08 -6.22 -33.49
N GLU B 482 6.11 -5.10 -34.22
CA GLU B 482 5.33 -3.94 -33.80
C GLU B 482 3.84 -4.26 -33.79
N THR B 483 3.37 -4.99 -34.80
CA THR B 483 1.95 -5.32 -34.87
C THR B 483 1.55 -6.27 -33.74
N LEU B 484 2.36 -7.30 -33.47
CA LEU B 484 1.98 -8.26 -32.44
C LEU B 484 2.03 -7.65 -31.05
N LEU B 485 2.94 -6.70 -30.82
CA LEU B 485 3.06 -6.10 -29.50
C LEU B 485 1.92 -5.16 -29.16
N ALA B 486 1.16 -4.70 -30.17
CA ALA B 486 0.13 -3.70 -29.93
C ALA B 486 -0.97 -4.21 -29.00
N TYR B 487 -1.37 -5.47 -29.14
CA TYR B 487 -2.44 -6.00 -28.29
C TYR B 487 -2.03 -7.33 -27.66
N LEU B 488 -0.73 -7.55 -27.50
CA LEU B 488 -0.27 -8.78 -26.86
C LEU B 488 -0.75 -8.89 -25.42
N VAL B 489 -0.93 -7.75 -24.73
CA VAL B 489 -1.37 -7.79 -23.35
C VAL B 489 -2.75 -8.45 -23.23
N ARG B 490 -3.70 -8.03 -24.05
CA ARG B 490 -5.03 -8.64 -24.01
C ARG B 490 -4.95 -10.14 -24.29
N ARG B 491 -4.09 -10.52 -25.22
CA ARG B 491 -3.90 -11.93 -25.55
C ARG B 491 -3.31 -12.70 -24.38
N LEU B 492 -2.30 -12.14 -23.70
CA LEU B 492 -1.70 -12.82 -22.57
C LEU B 492 -2.67 -12.94 -21.40
N LEU B 493 -3.61 -11.99 -21.26
CA LEU B 493 -4.60 -12.08 -20.18
C LEU B 493 -5.60 -13.18 -20.43
N GLU B 494 -5.86 -13.52 -21.70
CA GLU B 494 -6.86 -14.55 -22.02
C GLU B 494 -6.56 -15.84 -21.28
N ASN B 495 -5.29 -16.24 -21.23
CA ASN B 495 -4.90 -17.51 -20.63
C ASN B 495 -3.96 -17.32 -19.43
N GLY B 496 -3.86 -16.09 -18.89
CA GLY B 496 -2.88 -15.81 -17.86
C GLY B 496 -3.37 -15.19 -16.56
N ALA B 497 -4.69 -15.15 -16.35
CA ALA B 497 -5.24 -14.65 -15.09
C ALA B 497 -5.41 -15.79 -14.09
N ASN B 498 -5.64 -15.42 -12.82
CA ASN B 498 -5.69 -16.43 -11.77
C ASN B 498 -6.80 -17.45 -12.01
N SER B 499 -7.92 -17.01 -12.57
CA SER B 499 -9.02 -17.91 -12.84
C SER B 499 -8.88 -18.64 -14.19
N SER B 500 -7.86 -18.31 -14.96
CA SER B 500 -7.67 -18.94 -16.27
C SER B 500 -7.24 -20.39 -16.09
N PHE B 501 -7.73 -21.26 -16.99
CA PHE B 501 -7.32 -22.66 -16.97
C PHE B 501 -5.82 -22.83 -17.22
N VAL B 502 -5.28 -22.07 -18.17
CA VAL B 502 -3.87 -22.22 -18.52
C VAL B 502 -2.97 -21.83 -17.35
N HIS B 503 -3.32 -20.75 -16.64
CA HIS B 503 -2.57 -20.39 -15.44
C HIS B 503 -2.73 -21.42 -14.33
N ARG B 504 -3.95 -21.95 -14.17
CA ARG B 504 -4.18 -22.98 -13.15
C ARG B 504 -3.46 -24.28 -13.47
N ILE B 505 -3.32 -24.62 -14.76
CA ILE B 505 -2.57 -25.80 -15.15
C ILE B 505 -1.14 -25.73 -14.65
N ASN B 506 -0.52 -24.56 -14.74
CA ASN B 506 0.86 -24.35 -14.33
C ASN B 506 1.01 -23.99 -12.85
N ASP B 507 -0.05 -24.14 -12.07
CA ASP B 507 0.00 -23.91 -10.64
C ASP B 507 0.01 -25.25 -9.92
N PRO B 508 1.11 -25.64 -9.25
CA PRO B 508 1.11 -26.93 -8.54
C PRO B 508 0.13 -27.00 -7.38
N LYS B 509 -0.28 -25.86 -6.81
CA LYS B 509 -1.23 -25.86 -5.71
C LYS B 509 -2.63 -26.28 -6.14
N VAL B 510 -2.90 -26.33 -7.45
CA VAL B 510 -4.22 -26.69 -7.98
C VAL B 510 -4.19 -28.15 -8.37
N SER B 511 -5.08 -28.95 -7.78
CA SER B 511 -5.12 -30.37 -8.08
C SER B 511 -5.89 -30.64 -9.37
N ILE B 512 -5.68 -31.82 -9.91
CA ILE B 512 -6.45 -32.26 -11.08
C ILE B 512 -7.93 -32.35 -10.72
N ASP B 513 -8.24 -32.79 -9.49
CA ASP B 513 -9.63 -32.80 -9.03
C ASP B 513 -10.26 -31.41 -9.14
N GLU B 514 -9.52 -30.37 -8.76
CA GLU B 514 -10.03 -29.01 -8.87
C GLU B 514 -10.27 -28.63 -10.32
N LEU B 515 -9.39 -29.06 -11.22
CA LEU B 515 -9.48 -28.67 -12.62
C LEU B 515 -10.60 -29.40 -13.36
N ILE B 516 -11.00 -30.58 -12.90
CA ILE B 516 -12.08 -31.33 -13.53
C ILE B 516 -13.42 -31.11 -12.84
N ALA B 517 -13.46 -30.21 -11.85
CA ALA B 517 -14.73 -29.84 -11.24
C ALA B 517 -15.71 -29.35 -12.30
N ASP B 518 -16.95 -29.82 -12.21
CA ASP B 518 -17.98 -29.53 -13.20
C ASP B 518 -18.63 -28.19 -12.86
N PRO B 519 -18.41 -27.15 -13.67
CA PRO B 519 -19.03 -25.85 -13.37
C PRO B 519 -20.54 -25.90 -13.28
N VAL B 520 -21.19 -26.76 -14.06
CA VAL B 520 -22.65 -26.82 -14.08
C VAL B 520 -23.18 -27.25 -12.72
N GLU B 521 -22.53 -28.25 -12.12
CA GLU B 521 -22.96 -28.75 -10.81
C GLU B 521 -22.53 -27.82 -9.68
N VAL B 522 -21.39 -27.16 -9.82
CA VAL B 522 -21.01 -26.19 -8.80
C VAL B 522 -22.02 -25.05 -8.76
N VAL B 523 -22.41 -24.54 -9.93
CA VAL B 523 -23.38 -23.45 -9.97
C VAL B 523 -24.74 -23.91 -9.48
N ARG B 524 -25.15 -25.13 -9.84
CA ARG B 524 -26.46 -25.63 -9.43
C ARG B 524 -26.61 -25.68 -7.92
N ALA B 525 -25.51 -25.94 -7.20
CA ALA B 525 -25.56 -26.14 -5.75
C ALA B 525 -25.32 -24.87 -4.95
N MET B 526 -25.11 -23.73 -5.60
CA MET B 526 -24.91 -22.50 -4.86
CA MET B 526 -24.91 -22.48 -4.88
C MET B 526 -26.22 -22.05 -4.21
N PRO B 527 -26.14 -21.35 -3.07
CA PRO B 527 -27.37 -20.96 -2.38
C PRO B 527 -28.25 -20.01 -3.20
N VAL B 528 -27.63 -19.12 -3.96
CA VAL B 528 -28.33 -18.25 -4.91
C VAL B 528 -27.69 -18.51 -6.26
N VAL B 529 -28.38 -19.26 -7.11
CA VAL B 529 -27.85 -19.57 -8.43
C VAL B 529 -27.68 -18.30 -9.23
N GLY B 530 -26.47 -18.08 -9.75
CA GLY B 530 -26.19 -16.92 -10.58
C GLY B 530 -25.94 -15.62 -9.85
N ALA B 531 -25.65 -15.65 -8.56
CA ALA B 531 -25.33 -14.40 -7.86
C ALA B 531 -24.10 -13.73 -8.47
N LYS B 532 -24.17 -12.40 -8.57
CA LYS B 532 -23.05 -11.60 -9.02
C LYS B 532 -21.84 -11.84 -8.12
N HIS B 533 -20.64 -11.65 -8.70
CA HIS B 533 -19.43 -11.76 -7.91
C HIS B 533 -19.49 -10.79 -6.73
N ASP B 534 -19.10 -11.28 -5.55
CA ASP B 534 -19.17 -10.47 -4.34
C ASP B 534 -18.25 -9.25 -4.38
N ARG B 535 -17.18 -9.30 -5.18
CA ARG B 535 -16.17 -8.25 -5.16
C ARG B 535 -16.26 -7.34 -6.37
N ILE B 536 -17.33 -7.40 -7.15
CA ILE B 536 -17.53 -6.50 -8.27
C ILE B 536 -18.82 -5.73 -8.04
N ALA B 537 -18.72 -4.40 -7.99
CA ALA B 537 -19.88 -3.57 -7.71
C ALA B 537 -20.69 -3.36 -8.98
N LEU B 538 -22.02 -3.53 -8.88
CA LEU B 538 -22.88 -3.02 -9.93
C LEU B 538 -22.65 -1.51 -10.09
N PRO B 539 -22.84 -0.98 -11.28
CA PRO B 539 -22.62 0.47 -11.47
C PRO B 539 -23.37 1.32 -10.45
N ALA B 540 -24.62 0.97 -10.14
CA ALA B 540 -25.39 1.74 -9.18
C ALA B 540 -24.75 1.75 -7.80
N GLU B 541 -23.92 0.75 -7.51
CA GLU B 541 -23.43 0.50 -6.15
C GLU B 541 -21.94 0.87 -5.98
N LEU B 542 -21.37 1.65 -6.91
CA LEU B 542 -19.96 1.98 -6.85
C LEU B 542 -19.56 2.65 -5.54
N PHE B 543 -20.48 3.36 -4.92
CA PHE B 543 -20.18 4.12 -3.71
C PHE B 543 -20.74 3.45 -2.47
N GLY B 544 -21.27 2.24 -2.62
CA GLY B 544 -21.72 1.48 -1.46
C GLY B 544 -22.83 2.21 -0.71
N ASP B 545 -22.72 2.16 0.63
CA ASP B 545 -23.75 2.74 1.49
C ASP B 545 -23.75 4.26 1.48
N ALA B 546 -22.73 4.91 0.90
CA ALA B 546 -22.66 6.37 0.97
C ALA B 546 -23.77 7.03 0.15
N ARG B 547 -23.99 6.56 -1.07
CA ARG B 547 -24.99 7.14 -1.95
C ARG B 547 -25.13 6.25 -3.17
N THR B 548 -26.22 6.43 -3.89
CA THR B 548 -26.49 5.69 -5.10
C THR B 548 -25.91 6.44 -6.28
N ASN B 549 -25.17 5.72 -7.12
CA ASN B 549 -24.60 6.30 -8.31
C ASN B 549 -25.72 6.68 -9.27
N SER B 550 -25.54 7.80 -9.97
CA SER B 550 -26.46 8.13 -11.04
C SER B 550 -26.40 7.05 -12.12
N ALA B 551 -27.50 6.88 -12.84
CA ALA B 551 -27.57 5.93 -13.94
C ALA B 551 -27.59 6.66 -15.26
N GLY B 552 -26.92 6.10 -16.26
CA GLY B 552 -26.92 6.62 -17.60
C GLY B 552 -27.93 5.89 -18.48
N LEU B 553 -27.73 6.02 -19.79
CA LEU B 553 -28.58 5.37 -20.77
C LEU B 553 -27.66 4.77 -21.81
N ASP B 554 -28.00 3.57 -22.27
CA ASP B 554 -27.15 2.82 -23.20
C ASP B 554 -27.58 3.17 -24.62
N LEU B 555 -26.78 3.98 -25.30
CA LEU B 555 -27.08 4.40 -26.67
C LEU B 555 -26.72 3.33 -27.70
N SER B 556 -26.34 2.13 -27.27
CA SER B 556 -26.21 0.99 -28.17
C SER B 556 -27.39 0.02 -28.03
N ASN B 557 -28.35 0.32 -27.16
CA ASN B 557 -29.47 -0.55 -26.91
C ASN B 557 -30.66 -0.07 -27.73
N GLU B 558 -31.14 -0.90 -28.65
CA GLU B 558 -32.22 -0.47 -29.54
C GLU B 558 -33.51 -0.15 -28.81
N GLU B 559 -33.79 -0.85 -27.71
CA GLU B 559 -34.98 -0.48 -26.93
C GLU B 559 -34.81 0.92 -26.38
N THR B 560 -33.64 1.21 -25.83
CA THR B 560 -33.37 2.55 -25.30
C THR B 560 -33.44 3.59 -26.41
N LEU B 561 -32.85 3.31 -27.57
CA LEU B 561 -32.89 4.30 -28.65
C LEU B 561 -34.31 4.55 -29.12
N ALA B 562 -35.14 3.51 -29.19
CA ALA B 562 -36.51 3.69 -29.64
C ALA B 562 -37.32 4.51 -28.62
N SER B 563 -37.19 4.18 -27.33
CA SER B 563 -37.92 4.95 -26.31
C SER B 563 -37.39 6.37 -26.20
N LEU B 564 -36.07 6.54 -26.31
CA LEU B 564 -35.51 7.88 -26.25
CA LEU B 564 -35.51 7.89 -26.26
C LEU B 564 -36.01 8.72 -27.42
N THR B 565 -36.06 8.13 -28.62
CA THR B 565 -36.57 8.86 -29.78
C THR B 565 -37.94 9.45 -29.48
N GLU B 566 -38.82 8.64 -28.88
CA GLU B 566 -40.18 9.11 -28.63
C GLU B 566 -40.19 10.18 -27.54
N ALA B 567 -39.39 9.98 -26.49
CA ALA B 567 -39.37 10.97 -25.41
C ALA B 567 -38.76 12.28 -25.89
N LEU B 568 -37.76 12.20 -26.77
CA LEU B 568 -37.14 13.42 -27.29
C LEU B 568 -38.13 14.16 -28.19
N ARG B 569 -38.80 13.44 -29.09
CA ARG B 569 -39.83 14.05 -29.91
C ARG B 569 -40.90 14.73 -29.06
N GLU B 570 -41.36 14.03 -28.02
CA GLU B 570 -42.38 14.60 -27.14
C GLU B 570 -41.87 15.83 -26.41
N SER B 571 -40.57 15.87 -26.07
CA SER B 571 -40.03 17.02 -25.38
C SER B 571 -40.06 18.26 -26.26
N ALA B 572 -39.93 18.09 -27.57
CA ALA B 572 -39.95 19.22 -28.48
C ALA B 572 -41.35 19.79 -28.66
N ALA B 573 -42.39 19.02 -28.35
CA ALA B 573 -43.76 19.49 -28.45
C ALA B 573 -44.26 20.19 -27.19
N MET B 574 -43.45 20.23 -26.13
CA MET B 574 -43.84 20.86 -24.88
C MET B 574 -43.57 22.36 -24.93
N LYS B 575 -44.39 23.12 -24.22
CA LYS B 575 -44.13 24.56 -24.08
C LYS B 575 -43.13 24.79 -22.96
N TRP B 576 -41.92 25.20 -23.32
CA TRP B 576 -40.85 25.45 -22.37
C TRP B 576 -40.75 26.94 -22.10
N THR B 577 -40.81 27.31 -20.83
CA THR B 577 -40.73 28.69 -20.42
C THR B 577 -39.74 28.83 -19.28
N ALA B 578 -39.27 30.06 -19.09
CA ALA B 578 -38.49 30.43 -17.92
C ALA B 578 -38.91 31.83 -17.52
N LEU B 579 -39.26 32.00 -16.25
CA LEU B 579 -39.81 33.24 -15.74
C LEU B 579 -39.05 33.65 -14.50
N PRO B 580 -39.13 34.93 -14.11
CA PRO B 580 -38.61 35.33 -12.79
C PRO B 580 -39.53 34.76 -11.74
N GLN B 581 -39.10 33.66 -11.14
CA GLN B 581 -39.90 32.93 -10.16
C GLN B 581 -39.53 33.41 -8.77
N LEU B 582 -40.28 34.40 -8.29
CA LEU B 582 -40.06 34.91 -6.95
C LEU B 582 -40.88 34.10 -5.94
N ALA B 583 -40.63 34.32 -4.65
CA ALA B 583 -41.35 33.58 -3.62
C ALA B 583 -42.85 33.76 -3.75
N THR B 584 -43.29 34.94 -4.19
CA THR B 584 -44.70 35.27 -4.30
C THR B 584 -45.32 34.87 -5.64
N GLY B 585 -44.56 34.24 -6.53
CA GLY B 585 -45.06 33.91 -7.83
C GLY B 585 -44.18 34.47 -8.93
N PRO B 586 -44.48 34.10 -10.18
CA PRO B 586 -43.72 34.65 -11.31
C PRO B 586 -44.03 36.12 -11.51
N ALA B 587 -42.98 36.88 -11.82
CA ALA B 587 -43.09 38.31 -12.08
C ALA B 587 -43.11 38.58 -13.57
N ALA B 588 -43.67 39.73 -13.92
CA ALA B 588 -43.67 40.17 -15.31
C ALA B 588 -42.29 40.69 -15.70
N GLY B 589 -42.02 40.68 -16.99
CA GLY B 589 -40.76 41.20 -17.47
C GLY B 589 -40.69 41.17 -18.98
N GLU B 590 -39.50 41.44 -19.50
CA GLU B 590 -39.29 41.45 -20.95
C GLU B 590 -39.11 40.03 -21.46
N THR B 591 -39.87 39.64 -22.47
CA THR B 591 -39.89 38.27 -22.96
C THR B 591 -39.28 38.15 -24.35
N ARG B 592 -38.50 37.09 -24.55
CA ARG B 592 -37.93 36.81 -25.86
C ARG B 592 -37.85 35.30 -26.04
N THR B 593 -37.63 34.88 -27.28
CA THR B 593 -37.52 33.47 -27.61
C THR B 593 -36.09 32.98 -27.34
N VAL B 594 -36.00 31.67 -27.10
CA VAL B 594 -34.75 30.95 -26.95
C VAL B 594 -34.62 30.06 -28.18
N LEU B 595 -33.53 30.22 -28.93
CA LEU B 595 -33.34 29.53 -30.20
C LEU B 595 -32.28 28.45 -30.07
N ASN B 596 -32.47 27.36 -30.82
CA ASN B 596 -31.49 26.28 -30.87
C ASN B 596 -30.19 26.80 -31.48
N PRO B 597 -29.05 26.74 -30.77
CA PRO B 597 -27.81 27.21 -31.38
C PRO B 597 -27.41 26.47 -32.63
N GLY B 598 -27.92 25.25 -32.83
CA GLY B 598 -27.60 24.51 -34.03
C GLY B 598 -28.49 24.83 -35.21
N ASP B 599 -29.52 25.63 -34.99
CA ASP B 599 -30.48 25.97 -36.05
C ASP B 599 -31.45 26.99 -35.47
N HIS B 600 -31.20 28.27 -35.75
CA HIS B 600 -31.99 29.34 -35.15
C HIS B 600 -33.45 29.31 -35.59
N ARG B 601 -33.80 28.51 -36.59
CA ARG B 601 -35.19 28.35 -36.97
C ARG B 601 -35.97 27.54 -35.95
N ASP B 602 -35.27 26.79 -35.09
CA ASP B 602 -35.91 25.92 -34.10
C ASP B 602 -36.07 26.73 -32.81
N VAL B 603 -37.30 27.17 -32.55
CA VAL B 603 -37.62 27.91 -31.33
C VAL B 603 -37.82 26.90 -30.21
N VAL B 604 -36.96 26.97 -29.19
CA VAL B 604 -37.02 26.01 -28.12
C VAL B 604 -38.01 26.43 -27.06
N GLY B 605 -38.09 27.73 -26.78
CA GLY B 605 -38.98 28.18 -25.73
C GLY B 605 -38.90 29.69 -25.60
N SER B 606 -39.40 30.18 -24.48
CA SER B 606 -39.48 31.61 -24.24
CA SER B 606 -39.52 31.61 -24.22
C SER B 606 -39.02 31.91 -22.82
N VAL B 607 -38.26 33.00 -22.68
CA VAL B 607 -37.74 33.44 -21.39
C VAL B 607 -38.26 34.83 -21.10
N THR B 608 -38.72 35.04 -19.87
CA THR B 608 -39.09 36.35 -19.35
C THR B 608 -38.01 36.76 -18.36
N GLU B 609 -37.36 37.89 -18.63
CA GLU B 609 -36.18 38.24 -17.87
C GLU B 609 -36.51 39.19 -16.71
N THR B 610 -35.64 39.18 -15.72
CA THR B 610 -35.92 39.80 -14.42
C THR B 610 -35.54 41.27 -14.44
N SER B 611 -36.42 42.13 -13.94
CA SER B 611 -36.03 43.52 -13.75
C SER B 611 -35.08 43.63 -12.55
N GLU B 612 -34.27 44.68 -12.56
CA GLU B 612 -33.35 44.88 -11.43
C GLU B 612 -34.13 45.10 -10.14
N GLU B 613 -35.27 45.79 -10.21
CA GLU B 613 -36.12 45.95 -9.03
C GLU B 613 -36.57 44.59 -8.50
N ASP B 614 -36.98 43.68 -9.39
CA ASP B 614 -37.45 42.38 -8.92
C ASP B 614 -36.30 41.51 -8.41
N ALA B 615 -35.09 41.69 -8.95
CA ALA B 615 -33.93 41.00 -8.39
C ALA B 615 -33.71 41.42 -6.94
N ARG B 616 -33.77 42.73 -6.67
CA ARG B 616 -33.60 43.19 -5.29
C ARG B 616 -34.75 42.72 -4.41
N ARG B 617 -35.97 42.70 -4.94
CA ARG B 617 -37.10 42.19 -4.17
C ARG B 617 -36.90 40.72 -3.82
N ALA B 618 -36.37 39.94 -4.77
CA ALA B 618 -36.14 38.53 -4.50
C ALA B 618 -35.16 38.33 -3.33
N VAL B 619 -34.10 39.15 -3.28
CA VAL B 619 -33.15 39.00 -2.18
C VAL B 619 -33.81 39.33 -0.85
N ARG B 620 -34.69 40.34 -0.83
CA ARG B 620 -35.41 40.66 0.39
C ARG B 620 -36.30 39.51 0.82
N LEU B 621 -37.03 38.90 -0.12
CA LEU B 621 -37.87 37.75 0.19
C LEU B 621 -37.05 36.58 0.70
N ALA B 622 -35.86 36.36 0.13
CA ALA B 622 -34.98 35.30 0.59
C ALA B 622 -34.53 35.57 2.02
N ALA B 623 -34.18 36.82 2.32
CA ALA B 623 -33.76 37.17 3.67
C ALA B 623 -34.89 36.96 4.67
N ASP B 624 -36.11 37.35 4.29
CA ASP B 624 -37.26 37.15 5.18
C ASP B 624 -37.44 35.69 5.53
N ALA B 625 -37.24 34.80 4.56
CA ALA B 625 -37.49 33.38 4.74
C ALA B 625 -36.27 32.63 5.23
N ALA B 626 -35.12 33.30 5.37
CA ALA B 626 -33.91 32.58 5.73
C ALA B 626 -33.99 31.81 7.04
N PRO B 627 -34.55 32.35 8.13
CA PRO B 627 -34.63 31.54 9.36
C PRO B 627 -35.47 30.28 9.21
N ASP B 628 -36.57 30.34 8.44
CA ASP B 628 -37.43 29.17 8.30
C ASP B 628 -36.73 28.05 7.56
N TRP B 629 -35.93 28.38 6.53
CA TRP B 629 -35.21 27.34 5.83
C TRP B 629 -34.05 26.80 6.68
N ALA B 630 -33.34 27.69 7.39
CA ALA B 630 -32.28 27.22 8.27
C ALA B 630 -32.80 26.25 9.32
N ALA B 631 -34.06 26.41 9.74
CA ALA B 631 -34.63 25.57 10.78
C ALA B 631 -35.07 24.21 10.27
N VAL B 632 -35.11 24.00 8.96
CA VAL B 632 -35.35 22.65 8.46
C VAL B 632 -34.11 21.81 8.76
N PRO B 633 -34.24 20.68 9.44
CA PRO B 633 -33.07 19.90 9.86
C PRO B 633 -32.23 19.52 8.66
N PRO B 634 -30.90 19.51 8.81
CA PRO B 634 -30.03 19.13 7.69
C PRO B 634 -30.41 17.83 7.02
N SER B 635 -30.81 16.81 7.78
CA SER B 635 -31.19 15.54 7.16
C SER B 635 -32.41 15.70 6.28
N GLU B 636 -33.34 16.59 6.65
CA GLU B 636 -34.52 16.82 5.82
C GLU B 636 -34.18 17.68 4.60
N ARG B 637 -33.27 18.64 4.76
CA ARG B 637 -32.81 19.38 3.58
C ARG B 637 -32.12 18.42 2.61
N ALA B 638 -31.32 17.51 3.13
CA ALA B 638 -30.66 16.51 2.29
C ALA B 638 -31.68 15.60 1.62
N ALA B 639 -32.77 15.26 2.32
CA ALA B 639 -33.81 14.44 1.71
C ALA B 639 -34.46 15.14 0.52
N CYS B 640 -34.57 16.47 0.56
CA CYS B 640 -35.06 17.21 -0.60
C CYS B 640 -34.14 17.01 -1.79
N LEU B 641 -32.82 17.10 -1.56
CA LEU B 641 -31.87 16.89 -2.65
C LEU B 641 -31.99 15.49 -3.21
N ASP B 642 -32.08 14.48 -2.33
CA ASP B 642 -32.23 13.11 -2.81
C ASP B 642 -33.52 12.94 -3.60
N ARG B 643 -34.61 13.57 -3.17
CA ARG B 643 -35.84 13.46 -3.96
C ARG B 643 -35.69 14.14 -5.31
N ALA B 644 -35.03 15.29 -5.35
CA ALA B 644 -34.77 15.93 -6.63
C ALA B 644 -33.94 15.05 -7.55
N ALA B 645 -32.97 14.32 -6.98
CA ALA B 645 -32.16 13.44 -7.81
C ALA B 645 -32.99 12.32 -8.42
N GLU B 646 -33.93 11.76 -7.63
CA GLU B 646 -34.81 10.72 -8.16
C GLU B 646 -35.63 11.25 -9.32
N LEU B 647 -36.13 12.49 -9.20
CA LEU B 647 -36.93 13.08 -10.27
C LEU B 647 -36.10 13.32 -11.52
N MET B 648 -34.87 13.83 -11.38
CA MET B 648 -34.04 14.04 -12.56
C MET B 648 -33.68 12.71 -13.22
N GLN B 649 -33.47 11.66 -12.42
CA GLN B 649 -33.16 10.36 -12.98
C GLN B 649 -34.34 9.85 -13.80
N ALA B 650 -35.56 9.93 -13.23
CA ALA B 650 -36.73 9.42 -13.92
C ALA B 650 -37.06 10.26 -15.16
N ARG B 651 -36.75 11.54 -15.13
CA ARG B 651 -37.08 12.46 -16.21
C ARG B 651 -35.91 12.73 -17.13
N MET B 652 -34.82 11.98 -16.99
CA MET B 652 -33.64 12.17 -17.83
C MET B 652 -33.95 12.26 -19.33
N PRO B 653 -34.77 11.39 -19.92
CA PRO B 653 -35.01 11.50 -21.37
C PRO B 653 -35.56 12.87 -21.78
N THR B 654 -36.49 13.42 -21.00
CA THR B 654 -37.04 14.73 -21.31
C THR B 654 -36.02 15.82 -21.10
N LEU B 655 -35.25 15.74 -20.00
CA LEU B 655 -34.19 16.71 -19.75
C LEU B 655 -33.16 16.71 -20.88
N LEU B 656 -32.85 15.53 -21.43
CA LEU B 656 -31.93 15.45 -22.57
C LEU B 656 -32.44 16.29 -23.74
N GLY B 657 -33.72 16.16 -24.07
CA GLY B 657 -34.26 16.89 -25.20
C GLY B 657 -34.05 18.38 -25.06
N LEU B 658 -34.26 18.89 -23.84
CA LEU B 658 -34.09 20.32 -23.61
C LEU B 658 -32.61 20.72 -23.66
N ILE B 659 -31.72 19.90 -23.08
CA ILE B 659 -30.29 20.22 -23.11
C ILE B 659 -29.75 20.18 -24.53
N ILE B 660 -30.16 19.17 -25.31
CA ILE B 660 -29.73 19.08 -26.71
C ILE B 660 -30.12 20.34 -27.47
N ARG B 661 -31.38 20.76 -27.34
CA ARG B 661 -31.91 21.82 -28.20
C ARG B 661 -31.57 23.22 -27.69
N GLU B 662 -31.61 23.45 -26.37
CA GLU B 662 -31.28 24.79 -25.88
C GLU B 662 -29.78 25.02 -25.80
N ALA B 663 -29.03 24.04 -25.33
CA ALA B 663 -27.60 24.23 -25.09
C ALA B 663 -26.72 23.71 -26.22
N GLY B 664 -27.32 23.05 -27.21
CA GLY B 664 -26.56 22.58 -28.35
C GLY B 664 -25.72 21.34 -28.12
N LYS B 665 -26.06 20.53 -27.12
CA LYS B 665 -25.25 19.38 -26.75
C LYS B 665 -25.69 18.13 -27.50
N SER B 666 -24.76 17.18 -27.62
CA SER B 666 -25.09 15.86 -28.11
C SER B 666 -25.83 15.08 -27.03
N ALA B 667 -26.56 14.05 -27.46
CA ALA B 667 -27.28 13.21 -26.49
C ALA B 667 -26.31 12.59 -25.49
N LEU B 668 -25.15 12.14 -25.96
CA LEU B 668 -24.16 11.54 -25.08
C LEU B 668 -23.74 12.52 -23.99
N ASN B 669 -23.43 13.76 -24.36
CA ASN B 669 -22.99 14.72 -23.36
C ASN B 669 -24.16 15.18 -22.50
N ALA B 670 -25.37 15.20 -23.06
CA ALA B 670 -26.53 15.58 -22.27
C ALA B 670 -26.80 14.55 -21.18
N ILE B 671 -26.62 13.26 -21.49
CA ILE B 671 -26.76 12.22 -20.47
C ILE B 671 -25.76 12.45 -19.34
N ALA B 672 -24.49 12.67 -19.71
CA ALA B 672 -23.46 12.90 -18.70
C ALA B 672 -23.79 14.11 -17.86
N GLU B 673 -24.40 15.15 -18.45
CA GLU B 673 -24.72 16.34 -17.67
C GLU B 673 -25.83 16.06 -16.67
N VAL B 674 -26.88 15.36 -17.11
CA VAL B 674 -27.94 15.00 -16.16
C VAL B 674 -27.39 14.12 -15.05
N ARG B 675 -26.51 13.18 -15.41
CA ARG B 675 -25.89 12.35 -14.37
C ARG B 675 -25.13 13.21 -13.37
N GLU B 676 -24.36 14.18 -13.87
CA GLU B 676 -23.57 15.04 -12.98
C GLU B 676 -24.48 15.83 -12.03
N ALA B 677 -25.62 16.31 -12.53
CA ALA B 677 -26.55 17.00 -11.65
C ALA B 677 -27.09 16.06 -10.57
N ILE B 678 -27.45 14.84 -10.96
CA ILE B 678 -27.92 13.85 -10.00
C ILE B 678 -26.84 13.57 -8.97
N ASP B 679 -25.59 13.42 -9.43
CA ASP B 679 -24.50 13.10 -8.52
C ASP B 679 -24.23 14.25 -7.56
N PHE B 680 -24.29 15.51 -8.02
CA PHE B 680 -24.13 16.63 -7.09
C PHE B 680 -25.21 16.58 -6.00
N LEU B 681 -26.46 16.37 -6.41
CA LEU B 681 -27.55 16.33 -5.46
C LEU B 681 -27.30 15.26 -4.40
N ARG B 682 -26.97 14.05 -4.85
CA ARG B 682 -26.79 12.95 -3.90
C ARG B 682 -25.50 13.09 -3.09
N TYR B 683 -24.44 13.62 -3.69
CA TYR B 683 -23.19 13.79 -2.97
C TYR B 683 -23.33 14.86 -1.88
N TYR B 684 -23.91 16.02 -2.22
CA TYR B 684 -24.06 17.05 -1.20
C TYR B 684 -25.04 16.61 -0.11
N ALA B 685 -26.06 15.82 -0.46
CA ALA B 685 -26.95 15.24 0.55
C ALA B 685 -26.17 14.36 1.52
N GLU B 686 -25.33 13.47 0.99
CA GLU B 686 -24.58 12.58 1.90
C GLU B 686 -23.57 13.36 2.71
N GLN B 687 -22.85 14.29 2.09
CA GLN B 687 -21.90 15.09 2.86
C GLN B 687 -22.61 15.83 3.98
N THR B 688 -23.82 16.32 3.73
CA THR B 688 -24.60 16.96 4.78
C THR B 688 -24.89 15.99 5.91
N ARG B 689 -25.36 14.78 5.58
CA ARG B 689 -25.67 13.80 6.62
C ARG B 689 -24.43 13.43 7.43
N ARG B 690 -23.25 13.50 6.83
CA ARG B 690 -22.02 13.20 7.55
C ARG B 690 -21.53 14.33 8.44
N THR B 691 -21.98 15.57 8.23
CA THR B 691 -21.31 16.71 8.87
C THR B 691 -22.17 17.72 9.63
N LEU B 692 -23.28 18.19 9.06
CA LEU B 692 -23.87 19.42 9.55
C LEU B 692 -24.68 19.22 10.83
N GLY B 693 -24.39 20.05 11.82
CA GLY B 693 -25.08 20.06 13.08
C GLY B 693 -25.49 21.46 13.45
N PRO B 694 -26.06 21.60 14.65
CA PRO B 694 -26.65 22.90 15.01
C PRO B 694 -25.65 24.05 15.04
N GLY B 695 -24.38 23.79 15.31
CA GLY B 695 -23.42 24.87 15.35
C GLY B 695 -22.88 25.32 14.01
N HIS B 696 -23.30 24.70 12.92
CA HIS B 696 -22.83 25.07 11.59
C HIS B 696 -23.90 25.91 10.93
N GLY B 697 -23.98 27.18 11.35
CA GLY B 697 -25.04 28.06 10.94
C GLY B 697 -24.91 28.51 9.50
N PRO B 698 -26.02 28.78 8.84
CA PRO B 698 -25.98 29.21 7.44
C PRO B 698 -25.44 30.64 7.32
N LEU B 699 -25.02 30.95 6.10
CA LEU B 699 -24.63 32.32 5.81
C LEU B 699 -25.84 33.23 5.67
N GLY B 700 -26.89 32.76 5.01
CA GLY B 700 -27.98 33.61 4.59
C GLY B 700 -28.20 33.47 3.10
N PRO B 701 -28.95 34.41 2.51
CA PRO B 701 -29.21 34.35 1.07
C PRO B 701 -27.92 34.24 0.26
N ILE B 702 -27.86 33.24 -0.62
CA ILE B 702 -26.71 33.03 -1.49
CA ILE B 702 -26.71 33.01 -1.49
C ILE B 702 -27.15 33.23 -2.94
N VAL B 703 -26.37 34.01 -3.68
CA VAL B 703 -26.61 34.24 -5.09
C VAL B 703 -25.77 33.23 -5.87
N CYS B 704 -26.44 32.41 -6.68
CA CYS B 704 -25.78 31.37 -7.47
C CYS B 704 -25.85 31.77 -8.93
N ILE B 705 -24.70 32.05 -9.53
CA ILE B 705 -24.59 32.48 -10.92
C ILE B 705 -23.93 31.36 -11.69
N SER B 706 -24.63 30.80 -12.70
CA SER B 706 -24.21 29.59 -13.37
C SER B 706 -23.94 29.84 -14.84
N PRO B 707 -23.14 28.96 -15.49
CA PRO B 707 -22.70 29.18 -16.86
C PRO B 707 -23.60 28.49 -17.87
N TRP B 708 -23.41 28.81 -19.15
CA TRP B 708 -24.21 28.18 -20.21
C TRP B 708 -23.64 26.86 -20.67
N ASN B 709 -22.41 26.52 -20.28
CA ASN B 709 -21.79 25.32 -20.79
C ASN B 709 -22.14 24.07 -20.00
N PHE B 710 -22.55 24.23 -18.75
CA PHE B 710 -23.16 23.16 -17.95
C PHE B 710 -24.41 23.71 -17.33
N PRO B 711 -25.43 23.94 -18.15
CA PRO B 711 -26.59 24.73 -17.72
C PRO B 711 -27.53 23.98 -16.79
N LEU B 712 -27.37 22.66 -16.63
CA LEU B 712 -28.05 21.92 -15.59
C LEU B 712 -27.12 21.49 -14.49
N ALA B 713 -25.94 20.96 -14.83
CA ALA B 713 -25.12 20.30 -13.81
C ALA B 713 -24.50 21.33 -12.86
N ILE B 714 -23.85 22.37 -13.38
CA ILE B 714 -23.25 23.36 -12.49
C ILE B 714 -24.32 24.24 -11.86
N PHE B 715 -25.36 24.56 -12.63
CA PHE B 715 -26.55 25.20 -12.07
C PHE B 715 -27.03 24.45 -10.83
N THR B 716 -27.22 23.14 -10.95
CA THR B 716 -27.76 22.34 -9.85
C THR B 716 -26.75 22.21 -8.72
N GLY B 717 -25.48 21.99 -9.05
CA GLY B 717 -24.49 21.78 -8.00
C GLY B 717 -24.37 22.95 -7.05
N GLN B 718 -24.22 24.17 -7.59
CA GLN B 718 -24.09 25.33 -6.72
C GLN B 718 -25.34 25.52 -5.86
N ILE B 719 -26.52 25.40 -6.49
CA ILE B 719 -27.77 25.64 -5.78
C ILE B 719 -27.98 24.59 -4.70
N ALA B 720 -27.75 23.32 -5.04
CA ALA B 720 -27.97 22.24 -4.10
C ALA B 720 -27.08 22.38 -2.87
N ALA B 721 -25.81 22.73 -3.08
CA ALA B 721 -24.89 22.90 -1.96
C ALA B 721 -25.35 24.05 -1.07
N ALA B 722 -25.69 25.19 -1.67
CA ALA B 722 -26.13 26.32 -0.85
C ALA B 722 -27.39 25.99 -0.07
N LEU B 723 -28.37 25.35 -0.74
CA LEU B 723 -29.62 24.99 -0.06
C LEU B 723 -29.38 24.02 1.08
N VAL B 724 -28.62 22.96 0.83
CA VAL B 724 -28.50 21.93 1.84
C VAL B 724 -27.71 22.44 3.05
N ALA B 725 -26.82 23.41 2.84
CA ALA B 725 -26.13 24.07 3.93
C ALA B 725 -27.04 25.01 4.72
N GLY B 726 -28.30 25.13 4.33
CA GLY B 726 -29.26 25.93 5.06
C GLY B 726 -29.46 27.34 4.57
N ASN B 727 -29.09 27.65 3.33
CA ASN B 727 -29.17 28.99 2.78
C ASN B 727 -30.25 29.06 1.71
N PRO B 728 -31.12 30.06 1.74
CA PRO B 728 -32.00 30.26 0.59
C PRO B 728 -31.19 30.81 -0.56
N VAL B 729 -31.65 30.54 -1.79
CA VAL B 729 -30.85 30.77 -2.98
C VAL B 729 -31.58 31.68 -3.95
N LEU B 730 -30.84 32.62 -4.54
CA LEU B 730 -31.27 33.38 -5.72
C LEU B 730 -30.47 32.80 -6.87
N ALA B 731 -31.14 32.12 -7.79
CA ALA B 731 -30.49 31.43 -8.89
C ALA B 731 -30.57 32.29 -10.15
N LYS B 732 -29.41 32.75 -10.63
CA LYS B 732 -29.31 33.55 -11.85
C LYS B 732 -28.63 32.71 -12.91
N PRO B 733 -29.36 32.10 -13.84
CA PRO B 733 -28.74 31.25 -14.86
C PRO B 733 -28.16 32.12 -15.97
N ALA B 734 -27.31 31.49 -16.77
CA ALA B 734 -26.75 32.19 -17.90
C ALA B 734 -27.87 32.69 -18.81
N GLU B 735 -27.64 33.85 -19.42
CA GLU B 735 -28.63 34.41 -20.33
C GLU B 735 -28.96 33.46 -21.48
N GLU B 736 -27.99 32.65 -21.90
CA GLU B 736 -28.17 31.79 -23.05
C GLU B 736 -29.05 30.58 -22.75
N THR B 737 -29.12 30.12 -21.50
CA THR B 737 -29.70 28.82 -21.18
C THR B 737 -30.68 28.88 -20.00
N PRO B 738 -31.72 29.69 -20.11
CA PRO B 738 -32.65 29.82 -18.98
C PRO B 738 -33.65 28.67 -18.87
N LEU B 739 -33.94 27.98 -19.97
CA LEU B 739 -35.04 27.00 -19.93
C LEU B 739 -34.66 25.80 -19.08
N ILE B 740 -33.44 25.28 -19.24
CA ILE B 740 -33.06 24.12 -18.42
C ILE B 740 -32.92 24.52 -16.96
N ALA B 741 -32.48 25.75 -16.69
CA ALA B 741 -32.47 26.25 -15.32
C ALA B 741 -33.87 26.27 -14.72
N ALA B 742 -34.85 26.81 -15.46
CA ALA B 742 -36.23 26.82 -14.97
C ALA B 742 -36.70 25.40 -14.64
N GLU B 743 -36.34 24.45 -15.48
CA GLU B 743 -36.74 23.07 -15.23
C GLU B 743 -36.06 22.52 -13.98
N GLY B 744 -34.79 22.87 -13.77
CA GLY B 744 -34.12 22.48 -12.54
C GLY B 744 -34.82 23.02 -11.31
N VAL B 745 -35.25 24.27 -11.35
CA VAL B 745 -35.98 24.85 -10.23
C VAL B 745 -37.32 24.15 -10.03
N ARG B 746 -38.06 23.88 -11.12
CA ARG B 746 -39.30 23.11 -11.01
C ARG B 746 -39.08 21.81 -10.24
N ILE B 747 -38.00 21.09 -10.59
CA ILE B 747 -37.77 19.79 -9.98
C ILE B 747 -37.37 19.93 -8.51
N LEU B 748 -36.51 20.92 -8.21
CA LEU B 748 -36.13 21.13 -6.81
C LEU B 748 -37.32 21.55 -5.96
N ARG B 749 -38.17 22.43 -6.49
CA ARG B 749 -39.38 22.80 -5.76
C ARG B 749 -40.29 21.60 -5.58
N GLU B 750 -40.43 20.78 -6.63
CA GLU B 750 -41.29 19.61 -6.51
C GLU B 750 -40.78 18.65 -5.44
N ALA B 751 -39.46 18.60 -5.28
CA ALA B 751 -38.80 17.74 -4.31
C ALA B 751 -38.89 18.26 -2.89
N GLY B 752 -39.38 19.47 -2.68
CA GLY B 752 -39.58 19.95 -1.33
C GLY B 752 -38.93 21.28 -0.99
N ILE B 753 -38.13 21.85 -1.90
CA ILE B 753 -37.53 23.14 -1.60
C ILE B 753 -38.61 24.21 -1.67
N PRO B 754 -38.83 24.97 -0.60
CA PRO B 754 -39.89 25.99 -0.62
C PRO B 754 -39.60 27.08 -1.63
N ALA B 755 -40.67 27.69 -2.14
CA ALA B 755 -40.51 28.75 -3.13
C ALA B 755 -39.67 29.90 -2.59
N SER B 756 -39.83 30.23 -1.31
CA SER B 756 -39.03 31.29 -0.72
C SER B 756 -37.57 30.91 -0.58
N ALA B 757 -37.25 29.60 -0.59
CA ALA B 757 -35.87 29.18 -0.49
C ALA B 757 -35.16 29.07 -1.84
N LEU B 758 -35.89 29.09 -2.95
CA LEU B 758 -35.26 28.93 -4.26
C LEU B 758 -36.04 29.75 -5.27
N GLN B 759 -35.48 30.90 -5.64
CA GLN B 759 -36.07 31.78 -6.63
C GLN B 759 -35.18 31.82 -7.87
N LEU B 760 -35.80 31.86 -9.04
CA LEU B 760 -35.08 31.88 -10.32
C LEU B 760 -35.21 33.28 -10.93
N LEU B 761 -34.07 33.87 -11.31
CA LEU B 761 -34.02 35.22 -11.87
C LEU B 761 -33.31 35.18 -13.21
N PRO B 762 -34.02 34.83 -14.28
CA PRO B 762 -33.38 34.83 -15.60
C PRO B 762 -32.98 36.24 -16.01
N GLY B 763 -31.94 36.31 -16.84
CA GLY B 763 -31.54 37.58 -17.42
C GLY B 763 -30.04 37.68 -17.60
N ASP B 764 -29.59 38.91 -17.85
CA ASP B 764 -28.21 39.17 -18.25
C ASP B 764 -27.35 39.49 -17.02
N GLY B 765 -26.16 40.03 -17.27
CA GLY B 765 -25.24 40.31 -16.18
C GLY B 765 -25.69 41.42 -15.27
N ARG B 766 -26.56 42.33 -15.76
CA ARG B 766 -27.12 43.35 -14.89
C ARG B 766 -28.03 42.74 -13.83
N VAL B 767 -28.71 41.64 -14.16
CA VAL B 767 -29.49 40.94 -13.15
C VAL B 767 -28.56 40.32 -12.11
N GLY B 768 -27.50 39.68 -12.56
CA GLY B 768 -26.53 39.13 -11.62
C GLY B 768 -25.91 40.20 -10.75
N ALA B 769 -25.56 41.34 -11.36
CA ALA B 769 -24.94 42.41 -10.60
C ALA B 769 -25.89 42.96 -9.54
N ALA B 770 -27.18 43.10 -9.87
CA ALA B 770 -28.14 43.58 -8.88
C ALA B 770 -28.27 42.62 -7.72
N LEU B 771 -28.25 41.32 -7.99
CA LEU B 771 -28.31 40.34 -6.90
C LEU B 771 -27.07 40.42 -6.01
N VAL B 772 -25.89 40.51 -6.63
CA VAL B 772 -24.64 40.52 -5.87
C VAL B 772 -24.57 41.75 -4.97
N ALA B 773 -25.03 42.90 -5.46
CA ALA B 773 -24.93 44.14 -4.70
C ALA B 773 -25.98 44.27 -3.60
N ALA B 774 -26.99 43.41 -3.60
CA ALA B 774 -28.09 43.55 -2.64
C ALA B 774 -27.61 43.42 -1.20
N ALA B 775 -28.19 44.24 -0.33
CA ALA B 775 -27.69 44.35 1.04
C ALA B 775 -27.75 43.02 1.78
N GLU B 776 -28.79 42.22 1.52
CA GLU B 776 -28.98 40.99 2.28
C GLU B 776 -28.21 39.79 1.71
N THR B 777 -27.52 39.95 0.58
CA THR B 777 -26.77 38.85 0.00
C THR B 777 -25.59 38.49 0.90
N ALA B 778 -25.51 37.21 1.29
CA ALA B 778 -24.56 36.74 2.29
C ALA B 778 -23.48 35.85 1.69
N GLY B 779 -23.54 35.57 0.40
CA GLY B 779 -22.51 34.79 -0.26
C GLY B 779 -22.84 34.68 -1.73
N VAL B 780 -21.81 34.41 -2.53
CA VAL B 780 -21.95 34.30 -3.97
C VAL B 780 -21.21 33.07 -4.45
N MET B 781 -21.87 32.28 -5.30
CA MET B 781 -21.24 31.15 -5.97
C MET B 781 -21.32 31.46 -7.45
N PHE B 782 -20.16 31.57 -8.09
CA PHE B 782 -20.07 32.02 -9.46
C PHE B 782 -19.20 31.06 -10.26
N THR B 783 -19.68 30.66 -11.42
CA THR B 783 -18.87 29.92 -12.40
C THR B 783 -18.99 30.65 -13.72
N GLY B 784 -17.85 31.08 -14.26
CA GLY B 784 -17.86 31.93 -15.45
C GLY B 784 -16.49 32.54 -15.69
N SER B 785 -16.50 33.70 -16.32
CA SER B 785 -15.24 34.30 -16.76
C SER B 785 -14.46 34.93 -15.61
N THR B 786 -13.13 34.95 -15.77
CA THR B 786 -12.29 35.67 -14.81
C THR B 786 -12.70 37.13 -14.70
N GLU B 787 -13.01 37.78 -15.83
CA GLU B 787 -13.33 39.21 -15.81
C GLU B 787 -14.56 39.47 -14.93
N VAL B 788 -15.61 38.67 -15.08
CA VAL B 788 -16.82 38.89 -14.30
C VAL B 788 -16.57 38.52 -12.83
N ALA B 789 -15.81 37.46 -12.58
CA ALA B 789 -15.48 37.10 -11.20
C ALA B 789 -14.81 38.24 -10.47
N ARG B 790 -13.86 38.91 -11.13
CA ARG B 790 -13.20 40.05 -10.50
C ARG B 790 -14.19 41.16 -10.19
N LEU B 791 -15.15 41.42 -11.08
CA LEU B 791 -16.13 42.46 -10.82
C LEU B 791 -16.98 42.11 -9.60
N ILE B 792 -17.40 40.84 -9.49
CA ILE B 792 -18.18 40.40 -8.33
C ILE B 792 -17.36 40.55 -7.06
N GLN B 793 -16.09 40.16 -7.11
CA GLN B 793 -15.23 40.26 -5.93
C GLN B 793 -15.14 41.70 -5.46
N ALA B 794 -14.98 42.64 -6.40
CA ALA B 794 -14.94 44.05 -6.03
C ALA B 794 -16.25 44.50 -5.40
N GLN B 795 -17.39 44.11 -5.99
CA GLN B 795 -18.68 44.44 -5.40
C GLN B 795 -18.77 43.98 -3.96
N LEU B 796 -18.40 42.71 -3.72
CA LEU B 796 -18.59 42.15 -2.38
C LEU B 796 -17.66 42.78 -1.35
N ALA B 797 -16.46 43.20 -1.77
CA ALA B 797 -15.50 43.77 -0.83
C ALA B 797 -15.97 45.11 -0.27
N ASP B 798 -16.95 45.73 -0.91
CA ASP B 798 -17.49 46.97 -0.36
C ASP B 798 -18.37 46.74 0.87
N ARG B 799 -18.78 45.50 1.12
CA ARG B 799 -19.72 45.16 2.18
C ARG B 799 -19.09 44.16 3.15
N LEU B 800 -19.73 44.02 4.31
CA LEU B 800 -19.42 42.97 5.28
C LEU B 800 -20.71 42.27 5.66
N SER B 801 -20.55 41.05 6.19
CA SER B 801 -21.68 40.26 6.65
C SER B 801 -22.27 40.88 7.91
N PRO B 802 -23.46 40.45 8.33
CA PRO B 802 -23.98 40.91 9.64
C PRO B 802 -22.99 40.74 10.77
N ALA B 803 -22.19 39.67 10.75
CA ALA B 803 -21.18 39.44 11.78
C ALA B 803 -19.89 40.21 11.53
N GLY B 804 -19.85 41.06 10.51
CA GLY B 804 -18.68 41.90 10.27
C GLY B 804 -17.53 41.19 9.59
N ARG B 805 -17.81 40.25 8.71
CA ARG B 805 -16.79 39.42 8.09
C ARG B 805 -16.97 39.45 6.58
N PRO B 806 -15.90 39.16 5.83
CA PRO B 806 -16.02 39.18 4.37
C PRO B 806 -17.12 38.25 3.89
N ILE B 807 -17.82 38.68 2.85
CA ILE B 807 -18.85 37.88 2.20
CA ILE B 807 -18.84 37.84 2.24
C ILE B 807 -18.16 36.81 1.36
N PRO B 808 -18.43 35.52 1.58
CA PRO B 808 -17.74 34.48 0.82
C PRO B 808 -18.08 34.50 -0.66
N LEU B 809 -17.05 34.30 -1.49
CA LEU B 809 -17.24 34.10 -2.91
C LEU B 809 -16.53 32.80 -3.29
N ILE B 810 -17.27 31.89 -3.91
CA ILE B 810 -16.69 30.71 -4.56
C ILE B 810 -16.76 30.99 -6.05
N ALA B 811 -15.59 31.09 -6.69
CA ALA B 811 -15.54 31.48 -8.09
C ALA B 811 -14.68 30.46 -8.82
N GLU B 812 -15.26 29.80 -9.82
CA GLU B 812 -14.56 28.83 -10.68
CA GLU B 812 -14.52 28.88 -10.66
C GLU B 812 -14.49 29.45 -12.07
N THR B 813 -13.29 29.61 -12.60
CA THR B 813 -13.08 30.47 -13.76
C THR B 813 -12.22 29.85 -14.86
N GLY B 814 -12.26 28.54 -15.04
CA GLY B 814 -11.67 28.00 -16.28
C GLY B 814 -10.16 27.84 -16.25
N GLY B 815 -9.59 27.66 -17.45
CA GLY B 815 -8.20 27.20 -17.49
C GLY B 815 -7.60 27.34 -18.87
N GLN B 816 -6.31 27.05 -18.94
CA GLN B 816 -5.57 26.93 -20.19
C GLN B 816 -4.92 25.55 -20.20
N ASN B 817 -5.74 24.51 -20.39
CA ASN B 817 -5.37 23.16 -19.99
C ASN B 817 -4.48 22.48 -21.01
N ALA B 818 -3.42 21.86 -20.53
CA ALA B 818 -2.43 21.21 -21.36
C ALA B 818 -2.46 19.71 -21.16
N MET B 819 -1.99 19.00 -22.18
CA MET B 819 -1.70 17.58 -22.10
C MET B 819 -0.29 17.38 -22.61
N ILE B 820 0.55 16.71 -21.82
CA ILE B 820 1.91 16.39 -22.21
C ILE B 820 1.96 14.92 -22.62
N VAL B 821 2.51 14.65 -23.80
CA VAL B 821 2.63 13.31 -24.35
C VAL B 821 4.10 13.06 -24.65
N ASP B 822 4.65 11.96 -24.12
CA ASP B 822 6.01 11.58 -24.45
C ASP B 822 6.03 10.45 -25.48
N SER B 823 7.25 10.03 -25.84
CA SER B 823 7.41 9.03 -26.88
C SER B 823 7.03 7.62 -26.44
N SER B 824 6.74 7.41 -25.15
CA SER B 824 6.31 6.09 -24.70
C SER B 824 4.81 5.90 -24.82
N ALA B 825 4.05 6.97 -25.03
CA ALA B 825 2.61 6.88 -25.06
C ALA B 825 2.13 6.16 -26.32
N LEU B 826 0.96 5.54 -26.25
CA LEU B 826 0.39 4.86 -27.39
C LEU B 826 -0.41 5.86 -28.22
N ALA B 827 0.01 6.05 -29.48
CA ALA B 827 -0.58 7.10 -30.32
C ALA B 827 -2.10 6.99 -30.42
N GLU B 828 -2.63 5.78 -30.62
CA GLU B 828 -4.07 5.61 -30.74
C GLU B 828 -4.80 6.06 -29.48
N GLN B 829 -4.25 5.76 -28.31
CA GLN B 829 -4.89 6.19 -27.07
C GLN B 829 -4.83 7.71 -26.93
N VAL B 830 -3.66 8.28 -27.22
CA VAL B 830 -3.52 9.72 -27.22
C VAL B 830 -4.56 10.36 -28.12
N VAL B 831 -4.66 9.88 -29.36
CA VAL B 831 -5.53 10.55 -30.33
C VAL B 831 -6.99 10.49 -29.89
N GLY B 832 -7.44 9.33 -29.41
CA GLY B 832 -8.80 9.25 -28.89
C GLY B 832 -9.04 10.21 -27.75
N ASP B 833 -8.06 10.31 -26.84
CA ASP B 833 -8.25 11.17 -25.67
C ASP B 833 -8.14 12.64 -26.04
N VAL B 834 -7.37 12.96 -27.09
CA VAL B 834 -7.26 14.34 -27.54
C VAL B 834 -8.55 14.76 -28.26
N ILE B 835 -9.04 13.91 -29.17
CA ILE B 835 -10.27 14.23 -29.89
C ILE B 835 -11.40 14.46 -28.92
N THR B 836 -11.53 13.60 -27.91
CA THR B 836 -12.53 13.80 -26.87
C THR B 836 -12.27 15.08 -26.09
N SER B 837 -11.05 15.24 -25.54
CA SER B 837 -10.80 16.35 -24.64
C SER B 837 -10.89 17.72 -25.32
N ALA B 838 -10.44 17.81 -26.57
CA ALA B 838 -10.40 19.10 -27.23
C ALA B 838 -11.70 19.47 -27.93
N PHE B 839 -12.45 18.49 -28.43
CA PHE B 839 -13.53 18.77 -29.35
C PHE B 839 -14.91 18.31 -28.88
N ASP B 840 -15.01 17.41 -27.91
CA ASP B 840 -16.28 17.13 -27.24
C ASP B 840 -16.89 18.43 -26.76
N SER B 841 -18.20 18.55 -26.93
CA SER B 841 -18.95 19.75 -26.52
C SER B 841 -18.44 21.00 -27.22
N ALA B 842 -17.90 20.83 -28.43
CA ALA B 842 -17.34 21.93 -29.22
C ALA B 842 -16.27 22.68 -28.44
N GLY B 843 -15.53 21.96 -27.61
CA GLY B 843 -14.49 22.57 -26.81
C GLY B 843 -15.00 23.59 -25.81
N GLN B 844 -16.27 23.49 -25.41
CA GLN B 844 -16.89 24.46 -24.53
C GLN B 844 -16.88 24.01 -23.07
N ARG B 845 -16.09 23.00 -22.73
CA ARG B 845 -15.88 22.65 -21.34
C ARG B 845 -14.76 23.51 -20.76
N CYS B 846 -14.92 23.90 -19.50
CA CYS B 846 -13.79 24.59 -18.87
C CYS B 846 -12.60 23.65 -18.73
N SER B 847 -12.85 22.34 -18.67
CA SER B 847 -11.83 21.30 -18.60
C SER B 847 -11.20 20.96 -19.95
N ALA B 848 -11.68 21.55 -21.04
CA ALA B 848 -11.25 21.14 -22.39
C ALA B 848 -9.74 21.30 -22.59
N LEU B 849 -9.18 20.39 -23.40
CA LEU B 849 -7.77 20.45 -23.75
C LEU B 849 -7.51 21.60 -24.72
N ARG B 850 -6.65 22.53 -24.33
CA ARG B 850 -6.31 23.70 -25.13
C ARG B 850 -4.94 23.59 -25.81
N VAL B 851 -3.97 22.95 -25.17
CA VAL B 851 -2.60 22.86 -25.68
C VAL B 851 -2.12 21.44 -25.56
N LEU B 852 -1.89 20.78 -26.69
CA LEU B 852 -1.30 19.45 -26.72
C LEU B 852 0.20 19.60 -26.93
N CYS B 853 0.99 19.00 -26.05
CA CYS B 853 2.45 19.10 -26.07
C CYS B 853 3.00 17.73 -26.42
N LEU B 854 3.61 17.63 -27.61
CA LEU B 854 4.05 16.37 -28.15
C LEU B 854 5.58 16.34 -28.16
N GLN B 855 6.16 15.26 -27.61
CA GLN B 855 7.60 15.09 -27.70
C GLN B 855 8.00 15.06 -29.17
N GLU B 856 9.11 15.76 -29.48
CA GLU B 856 9.47 16.04 -30.87
C GLU B 856 9.51 14.76 -31.72
N ASP B 857 10.06 13.68 -31.17
CA ASP B 857 10.30 12.47 -31.94
C ASP B 857 9.03 11.77 -32.39
N VAL B 858 7.89 12.05 -31.76
CA VAL B 858 6.63 11.42 -32.13
C VAL B 858 5.59 12.42 -32.63
N ALA B 859 5.93 13.71 -32.70
CA ALA B 859 4.92 14.74 -32.97
C ALA B 859 4.28 14.55 -34.34
N ASP B 860 5.09 14.30 -35.37
CA ASP B 860 4.53 14.20 -36.72
C ASP B 860 3.59 13.02 -36.86
N ARG B 861 3.98 11.86 -36.31
CA ARG B 861 3.13 10.68 -36.46
C ARG B 861 1.80 10.85 -35.72
N ILE B 862 1.85 11.40 -34.51
CA ILE B 862 0.62 11.63 -33.77
C ILE B 862 -0.25 12.67 -34.48
N LEU B 863 0.36 13.73 -35.01
CA LEU B 863 -0.41 14.75 -35.73
C LEU B 863 -1.11 14.17 -36.95
N THR B 864 -0.41 13.33 -37.72
CA THR B 864 -1.05 12.71 -38.88
C THR B 864 -2.26 11.88 -38.47
N MET B 865 -2.12 11.10 -37.40
CA MET B 865 -3.22 10.28 -36.93
C MET B 865 -4.35 11.15 -36.38
N LEU B 866 -3.99 12.21 -35.64
CA LEU B 866 -5.00 13.13 -35.12
C LEU B 866 -5.80 13.78 -36.24
N LYS B 867 -5.10 14.24 -37.29
CA LYS B 867 -5.78 14.87 -38.42
C LYS B 867 -6.68 13.87 -39.14
N GLY B 868 -6.22 12.63 -39.28
CA GLY B 868 -7.07 11.60 -39.86
C GLY B 868 -8.33 11.34 -39.05
N ALA B 869 -8.19 11.28 -37.72
CA ALA B 869 -9.35 11.07 -36.86
C ALA B 869 -10.29 12.27 -36.91
N LEU B 870 -9.73 13.48 -36.98
CA LEU B 870 -10.55 14.68 -37.07
C LEU B 870 -11.49 14.61 -38.26
N HIS B 871 -11.02 14.10 -39.39
CA HIS B 871 -11.86 14.16 -40.57
C HIS B 871 -12.99 13.14 -40.55
N GLU B 872 -13.05 12.28 -39.54
CA GLU B 872 -14.15 11.34 -39.40
C GLU B 872 -15.26 11.87 -38.50
N LEU B 873 -15.10 13.07 -37.96
CA LEU B 873 -16.12 13.64 -37.08
C LEU B 873 -17.26 14.22 -37.90
N HIS B 874 -18.47 14.11 -37.35
CA HIS B 874 -19.68 14.63 -37.95
C HIS B 874 -20.12 15.83 -37.13
N ILE B 875 -20.19 17.00 -37.76
CA ILE B 875 -20.57 18.25 -37.12
C ILE B 875 -21.94 18.66 -37.62
N GLY B 876 -22.86 18.94 -36.70
CA GLY B 876 -24.19 19.36 -37.12
C GLY B 876 -25.12 19.57 -35.94
N ARG B 877 -26.39 19.81 -36.27
CA ARG B 877 -27.42 19.94 -35.26
C ARG B 877 -27.53 18.64 -34.47
N THR B 878 -27.58 18.75 -33.14
CA THR B 878 -27.30 17.61 -32.27
C THR B 878 -28.51 16.74 -31.97
N ASP B 879 -29.60 16.87 -32.74
CA ASP B 879 -30.71 15.96 -32.56
C ASP B 879 -30.60 14.71 -33.44
N ARG B 880 -29.38 14.33 -33.82
CA ARG B 880 -29.10 13.06 -34.47
C ARG B 880 -27.98 12.36 -33.71
N LEU B 881 -28.17 11.07 -33.43
CA LEU B 881 -27.15 10.28 -32.73
C LEU B 881 -25.81 10.30 -33.45
N SER B 882 -25.82 10.42 -34.79
CA SER B 882 -24.58 10.39 -35.57
C SER B 882 -23.73 11.65 -35.43
N VAL B 883 -24.22 12.70 -34.77
CA VAL B 883 -23.46 13.93 -34.66
C VAL B 883 -22.47 13.81 -33.51
N ASP B 884 -21.21 14.14 -33.80
CA ASP B 884 -20.13 14.09 -32.81
C ASP B 884 -19.90 15.45 -32.16
N VAL B 885 -20.01 16.52 -32.93
CA VAL B 885 -19.69 17.87 -32.45
C VAL B 885 -20.83 18.78 -32.88
N GLY B 886 -21.44 19.46 -31.91
CA GLY B 886 -22.49 20.40 -32.17
C GLY B 886 -22.00 21.83 -32.31
N PRO B 887 -22.93 22.76 -32.23
CA PRO B 887 -22.61 24.18 -32.41
C PRO B 887 -21.96 24.79 -31.18
N VAL B 888 -21.37 25.96 -31.38
CA VAL B 888 -21.01 26.81 -30.26
C VAL B 888 -22.25 27.63 -29.86
N ILE B 889 -22.21 28.25 -28.68
CA ILE B 889 -23.45 28.64 -28.01
C ILE B 889 -24.12 29.83 -28.71
N THR B 890 -23.34 30.77 -29.24
CA THR B 890 -23.90 31.99 -29.84
C THR B 890 -23.03 32.45 -31.00
N SER B 891 -23.57 33.41 -31.75
CA SER B 891 -22.81 34.05 -32.82
CA SER B 891 -22.79 34.02 -32.82
CA SER B 891 -22.80 34.03 -32.82
C SER B 891 -21.62 34.80 -32.25
N GLU B 892 -21.81 35.46 -31.10
CA GLU B 892 -20.72 36.20 -30.48
C GLU B 892 -19.57 35.28 -30.11
N ALA B 893 -19.88 34.10 -29.56
CA ALA B 893 -18.84 33.12 -29.27
C ALA B 893 -18.13 32.70 -30.54
N LYS B 894 -18.91 32.39 -31.58
CA LYS B 894 -18.32 31.99 -32.85
C LYS B 894 -17.38 33.07 -33.38
N ASP B 895 -17.82 34.32 -33.34
CA ASP B 895 -16.97 35.42 -33.81
C ASP B 895 -15.69 35.52 -33.00
N ASN B 896 -15.78 35.36 -31.68
CA ASN B 896 -14.60 35.49 -30.83
C ASN B 896 -13.59 34.40 -31.14
N ILE B 897 -14.06 33.16 -31.28
CA ILE B 897 -13.19 32.03 -31.61
C ILE B 897 -12.56 32.25 -32.99
N GLU B 898 -13.38 32.63 -33.97
CA GLU B 898 -12.85 32.86 -35.32
C GLU B 898 -11.84 34.00 -35.35
N LYS B 899 -12.05 35.04 -34.53
CA LYS B 899 -11.07 36.13 -34.52
C LYS B 899 -9.70 35.62 -34.09
N HIS B 900 -9.67 34.71 -33.11
CA HIS B 900 -8.41 34.12 -32.71
C HIS B 900 -7.81 33.29 -33.82
N ILE B 901 -8.63 32.44 -34.45
CA ILE B 901 -8.13 31.55 -35.49
C ILE B 901 -7.52 32.35 -36.63
N GLU B 902 -8.13 33.49 -36.95
CA GLU B 902 -7.60 34.32 -38.04
C GLU B 902 -6.35 35.08 -37.62
N ARG B 903 -6.28 35.52 -36.36
CA ARG B 903 -5.05 36.13 -35.87
C ARG B 903 -3.89 35.14 -35.96
N MET B 904 -4.12 33.87 -35.62
CA MET B 904 -3.08 32.85 -35.75
C MET B 904 -2.71 32.60 -37.20
N ARG B 905 -3.70 32.55 -38.09
CA ARG B 905 -3.39 32.44 -39.52
C ARG B 905 -2.63 33.68 -40.00
N GLY B 906 -3.09 34.87 -39.62
CA GLY B 906 -2.40 36.09 -40.00
C GLY B 906 -0.96 36.09 -39.53
N LEU B 907 -0.71 35.52 -38.35
CA LEU B 907 0.65 35.36 -37.86
C LEU B 907 1.41 34.24 -38.57
N GLY B 908 0.71 33.42 -39.36
CA GLY B 908 1.34 32.38 -40.16
C GLY B 908 1.59 31.05 -39.50
N ARG B 909 0.55 30.43 -38.93
CA ARG B 909 0.66 29.12 -38.29
C ARG B 909 -0.19 28.10 -39.05
N LYS B 910 0.24 26.84 -39.02
CA LYS B 910 -0.51 25.80 -39.70
C LYS B 910 -1.84 25.57 -39.02
N VAL B 911 -2.90 25.42 -39.82
CA VAL B 911 -4.29 25.36 -39.34
C VAL B 911 -5.01 24.27 -40.11
N GLU B 912 -5.41 23.20 -39.42
CA GLU B 912 -6.23 22.15 -40.00
C GLU B 912 -7.67 22.33 -39.54
N GLN B 913 -8.62 22.22 -40.46
CA GLN B 913 -10.03 22.39 -40.13
C GLN B 913 -10.88 21.36 -40.87
N ILE B 914 -11.85 20.81 -40.15
CA ILE B 914 -12.90 20.03 -40.78
C ILE B 914 -13.72 20.95 -41.69
N GLY B 915 -14.17 20.41 -42.82
CA GLY B 915 -15.16 21.13 -43.64
C GLY B 915 -16.55 20.91 -43.08
N LEU B 916 -17.32 22.00 -43.02
CA LEU B 916 -18.66 21.96 -42.45
C LEU B 916 -19.71 21.85 -43.55
N ALA B 917 -20.73 21.03 -43.30
CA ALA B 917 -21.82 20.85 -44.25
C ALA B 917 -22.65 22.12 -44.34
N SER B 918 -23.32 22.30 -45.49
CA SER B 918 -24.11 23.51 -45.70
C SER B 918 -25.24 23.65 -44.69
N GLU B 919 -25.70 22.53 -44.13
CA GLU B 919 -26.77 22.58 -43.12
C GLU B 919 -26.35 23.33 -41.86
N THR B 920 -25.04 23.52 -41.64
CA THR B 920 -24.61 24.24 -40.45
C THR B 920 -24.89 25.74 -40.52
N GLY B 921 -25.15 26.28 -41.72
CA GLY B 921 -25.33 27.71 -41.88
C GLY B 921 -26.49 28.30 -41.10
N VAL B 922 -27.48 27.48 -40.73
CA VAL B 922 -28.62 27.97 -39.97
C VAL B 922 -28.32 28.09 -38.49
N GLY B 923 -27.20 27.56 -38.02
CA GLY B 923 -26.79 27.72 -36.64
C GLY B 923 -25.42 28.35 -36.53
N THR B 924 -24.80 28.28 -35.36
CA THR B 924 -23.50 28.89 -35.11
C THR B 924 -22.48 27.80 -34.81
N PHE B 925 -21.72 27.40 -35.83
CA PHE B 925 -20.76 26.32 -35.72
C PHE B 925 -19.34 26.81 -35.99
N VAL B 926 -18.40 26.24 -35.27
CA VAL B 926 -16.98 26.37 -35.55
C VAL B 926 -16.44 24.97 -35.81
N PRO B 927 -15.76 24.72 -36.92
CA PRO B 927 -15.23 23.38 -37.16
C PRO B 927 -14.08 23.10 -36.21
N PRO B 928 -13.95 21.85 -35.77
CA PRO B 928 -12.76 21.47 -35.01
C PRO B 928 -11.49 21.90 -35.73
N THR B 929 -10.61 22.56 -34.99
CA THR B 929 -9.46 23.26 -35.55
C THR B 929 -8.20 22.86 -34.78
N ILE B 930 -7.12 22.61 -35.51
CA ILE B 930 -5.82 22.34 -34.93
C ILE B 930 -4.87 23.45 -35.36
N ILE B 931 -4.21 24.08 -34.39
CA ILE B 931 -3.29 25.19 -34.65
C ILE B 931 -1.93 24.83 -34.09
N GLU B 932 -0.92 24.74 -34.95
CA GLU B 932 0.42 24.39 -34.52
C GLU B 932 1.16 25.67 -34.11
N LEU B 933 1.63 25.71 -32.86
CA LEU B 933 2.30 26.87 -32.30
C LEU B 933 3.79 26.59 -32.11
N GLU B 934 4.56 27.67 -31.97
CA GLU B 934 5.98 27.58 -31.69
C GLU B 934 6.25 27.45 -30.19
N LYS B 935 5.70 28.37 -29.40
CA LYS B 935 5.88 28.38 -27.96
C LYS B 935 4.53 28.52 -27.27
N LEU B 936 4.43 27.96 -26.06
CA LEU B 936 3.18 28.05 -25.31
C LEU B 936 2.77 29.50 -25.08
N SER B 937 3.74 30.40 -24.87
CA SER B 937 3.44 31.81 -24.63
C SER B 937 2.84 32.51 -25.84
N ASP B 938 2.85 31.87 -27.02
CA ASP B 938 2.11 32.41 -28.17
C ASP B 938 0.60 32.38 -27.95
N LEU B 939 0.12 31.56 -27.02
CA LEU B 939 -1.29 31.52 -26.68
C LEU B 939 -1.50 32.51 -25.54
N GLN B 940 -2.20 33.61 -25.83
CA GLN B 940 -2.27 34.73 -24.91
C GLN B 940 -3.62 34.85 -24.20
N ARG B 941 -4.61 34.02 -24.56
CA ARG B 941 -5.91 34.09 -23.91
C ARG B 941 -6.62 32.77 -24.08
N GLU B 942 -7.61 32.53 -23.22
CA GLU B 942 -8.43 31.34 -23.34
C GLU B 942 -9.35 31.49 -24.54
N VAL B 943 -9.32 30.51 -25.43
CA VAL B 943 -10.17 30.47 -26.62
C VAL B 943 -11.18 29.35 -26.42
N PHE B 944 -12.43 29.73 -26.15
CA PHE B 944 -13.42 28.82 -25.61
C PHE B 944 -14.24 28.16 -26.71
N GLY B 945 -13.57 27.30 -27.46
CA GLY B 945 -14.19 26.63 -28.57
C GLY B 945 -13.35 25.45 -29.01
N PRO B 946 -13.71 24.83 -30.15
CA PRO B 946 -13.04 23.58 -30.56
C PRO B 946 -11.72 23.86 -31.27
N VAL B 947 -10.78 24.43 -30.54
CA VAL B 947 -9.51 24.91 -31.09
C VAL B 947 -8.37 24.35 -30.27
N LEU B 948 -7.66 23.39 -30.83
CA LEU B 948 -6.54 22.76 -30.15
C LEU B 948 -5.25 23.37 -30.67
N HIS B 949 -4.39 23.77 -29.75
CA HIS B 949 -3.06 24.25 -30.08
C HIS B 949 -2.06 23.14 -29.80
N VAL B 950 -1.07 23.01 -30.67
CA VAL B 950 -0.09 21.92 -30.55
C VAL B 950 1.30 22.55 -30.49
N ILE B 951 2.07 22.15 -29.49
CA ILE B 951 3.47 22.53 -29.43
C ILE B 951 4.31 21.26 -29.36
N ARG B 952 5.55 21.39 -29.81
CA ARG B 952 6.51 20.29 -29.83
C ARG B 952 7.59 20.60 -28.79
N TYR B 953 8.08 19.58 -28.10
CA TYR B 953 9.13 19.81 -27.12
C TYR B 953 10.19 18.72 -27.19
N ARG B 954 11.42 19.10 -26.83
CA ARG B 954 12.50 18.13 -26.65
C ARG B 954 12.41 17.55 -25.25
N ARG B 955 12.64 16.23 -25.14
CA ARG B 955 12.49 15.57 -23.85
C ARG B 955 13.38 16.20 -22.77
N ASP B 956 14.57 16.66 -23.14
CA ASP B 956 15.43 17.35 -22.18
C ASP B 956 14.81 18.63 -21.66
N ASP B 957 13.80 19.16 -22.34
CA ASP B 957 13.16 20.41 -21.96
C ASP B 957 11.85 20.20 -21.21
N LEU B 958 11.57 18.96 -20.76
CA LEU B 958 10.30 18.67 -20.13
C LEU B 958 10.07 19.54 -18.90
N ASP B 959 11.08 19.71 -18.06
CA ASP B 959 10.86 20.52 -16.86
C ASP B 959 10.54 21.96 -17.21
N ARG B 960 11.21 22.52 -18.22
CA ARG B 960 10.91 23.87 -18.67
C ARG B 960 9.52 23.96 -19.29
N LEU B 961 9.09 22.92 -19.99
CA LEU B 961 7.73 22.88 -20.52
C LEU B 961 6.71 22.92 -19.40
N VAL B 962 6.94 22.17 -18.32
CA VAL B 962 6.03 22.23 -17.17
C VAL B 962 5.95 23.65 -16.63
N ASP B 963 7.09 24.34 -16.55
CA ASP B 963 7.09 25.75 -16.17
C ASP B 963 6.22 26.57 -17.13
N ASP B 964 6.37 26.32 -18.44
CA ASP B 964 5.60 27.04 -19.43
C ASP B 964 4.09 26.84 -19.23
N VAL B 965 3.69 25.61 -18.87
CA VAL B 965 2.28 25.36 -18.60
C VAL B 965 1.82 26.14 -17.37
N ASN B 966 2.61 26.08 -16.29
CA ASN B 966 2.26 26.79 -15.05
C ASN B 966 2.27 28.30 -15.23
N ALA B 967 3.05 28.80 -16.20
CA ALA B 967 3.29 30.23 -16.31
C ALA B 967 2.08 31.00 -16.82
N THR B 968 1.06 30.31 -17.33
CA THR B 968 -0.16 31.01 -17.74
C THR B 968 -0.90 31.58 -16.54
N GLY B 969 -0.63 31.07 -15.34
CA GLY B 969 -1.36 31.45 -14.15
C GLY B 969 -2.58 30.61 -13.86
N TYR B 970 -3.04 29.83 -14.82
CA TYR B 970 -4.16 28.93 -14.64
C TYR B 970 -3.68 27.61 -14.06
N GLY B 971 -4.63 26.79 -13.62
CA GLY B 971 -4.29 25.48 -13.13
C GLY B 971 -5.54 24.66 -12.88
N LEU B 972 -6.27 24.37 -13.94
CA LEU B 972 -7.53 23.62 -13.84
C LEU B 972 -7.30 22.15 -14.13
N THR B 973 -7.38 21.72 -15.37
CA THR B 973 -7.11 20.33 -15.72
C THR B 973 -5.77 20.19 -16.42
N PHE B 974 -5.23 18.98 -16.36
CA PHE B 974 -3.93 18.69 -16.96
C PHE B 974 -3.87 17.20 -17.25
N GLY B 975 -3.35 16.85 -18.42
CA GLY B 975 -3.20 15.46 -18.79
C GLY B 975 -1.75 15.10 -19.07
N LEU B 976 -1.41 13.85 -18.77
CA LEU B 976 -0.09 13.30 -19.09
C LEU B 976 -0.28 11.91 -19.66
N HIS B 977 0.28 11.68 -20.85
CA HIS B 977 0.32 10.35 -21.44
C HIS B 977 1.77 9.89 -21.47
N THR B 978 2.07 8.86 -20.69
CA THR B 978 3.38 8.24 -20.60
C THR B 978 3.22 6.89 -19.95
N ARG B 979 4.12 5.97 -20.27
CA ARG B 979 4.16 4.69 -19.59
C ARG B 979 5.22 4.66 -18.49
N LEU B 980 5.96 5.75 -18.30
CA LEU B 980 7.18 5.73 -17.50
C LEU B 980 6.94 6.37 -16.13
N ASP B 981 7.17 5.59 -15.06
CA ASP B 981 6.93 6.08 -13.71
C ASP B 981 7.79 7.29 -13.37
N GLU B 982 9.03 7.37 -13.89
CA GLU B 982 9.85 8.54 -13.58
C GLU B 982 9.23 9.81 -14.16
N THR B 983 8.66 9.71 -15.36
CA THR B 983 8.02 10.86 -15.98
C THR B 983 6.74 11.23 -15.25
N ILE B 984 5.96 10.22 -14.82
CA ILE B 984 4.77 10.49 -14.03
C ILE B 984 5.13 11.23 -12.75
N ALA B 985 6.14 10.75 -12.02
CA ALA B 985 6.52 11.37 -10.75
C ALA B 985 7.04 12.78 -10.97
N HIS B 986 7.88 12.97 -11.98
CA HIS B 986 8.40 14.30 -12.28
C HIS B 986 7.27 15.26 -12.61
N VAL B 987 6.46 14.90 -13.61
CA VAL B 987 5.47 15.84 -14.10
C VAL B 987 4.43 16.14 -13.02
N THR B 988 3.90 15.09 -12.36
CA THR B 988 2.87 15.35 -11.36
C THR B 988 3.41 16.10 -10.15
N SER B 989 4.72 16.00 -9.87
CA SER B 989 5.27 16.75 -8.74
C SER B 989 5.53 18.22 -9.07
N ARG B 990 5.59 18.58 -10.35
CA ARG B 990 5.94 19.95 -10.73
C ARG B 990 4.79 20.73 -11.34
N ILE B 991 3.79 20.06 -11.90
CA ILE B 991 2.64 20.77 -12.45
C ILE B 991 1.81 21.34 -11.30
N LYS B 992 1.13 22.45 -11.58
CA LYS B 992 0.32 23.13 -10.56
C LYS B 992 -1.11 23.24 -11.10
N ALA B 993 -1.85 22.14 -11.01
CA ALA B 993 -3.21 22.10 -11.51
C ALA B 993 -4.08 21.28 -10.55
N GLY B 994 -5.37 21.61 -10.52
CA GLY B 994 -6.26 20.98 -9.56
C GLY B 994 -6.74 19.60 -9.92
N ASN B 995 -6.80 19.28 -11.20
CA ASN B 995 -7.34 18.00 -11.68
C ASN B 995 -6.36 17.42 -12.69
N LEU B 996 -5.64 16.38 -12.27
CA LEU B 996 -4.64 15.73 -13.09
C LEU B 996 -5.23 14.43 -13.61
N TYR B 997 -4.85 14.07 -14.83
CA TYR B 997 -5.35 12.88 -15.48
C TYR B 997 -4.19 12.17 -16.16
N ILE B 998 -4.01 10.90 -15.86
CA ILE B 998 -2.86 10.13 -16.35
C ILE B 998 -3.37 9.04 -17.28
N ASN B 999 -2.96 9.11 -18.56
CA ASN B 999 -3.25 8.07 -19.54
C ASN B 999 -4.75 7.92 -19.82
N ARG B 1000 -5.45 9.06 -19.81
CA ARG B 1000 -6.88 9.11 -20.09
C ARG B 1000 -7.19 10.54 -20.54
N ASN B 1001 -8.46 10.78 -20.89
CA ASN B 1001 -8.84 12.13 -21.26
C ASN B 1001 -8.90 13.01 -20.01
N ILE B 1002 -9.11 14.31 -20.22
CA ILE B 1002 -9.04 15.28 -19.14
C ILE B 1002 -10.39 15.93 -18.85
N ILE B 1003 -11.48 15.31 -19.31
CA ILE B 1003 -12.80 15.91 -19.20
C ILE B 1003 -13.74 14.98 -18.43
N GLY B 1004 -14.92 15.49 -18.13
CA GLY B 1004 -15.93 14.69 -17.45
C GLY B 1004 -15.59 14.30 -16.02
N ALA B 1005 -15.04 15.24 -15.24
CA ALA B 1005 -14.76 14.95 -13.84
C ALA B 1005 -16.03 14.48 -13.14
N VAL B 1006 -15.86 13.45 -12.31
CA VAL B 1006 -16.98 12.76 -11.68
C VAL B 1006 -17.08 13.21 -10.23
N VAL B 1007 -18.28 13.66 -9.84
CA VAL B 1007 -18.53 14.14 -8.49
C VAL B 1007 -18.08 13.12 -7.45
N GLY B 1008 -17.34 13.58 -6.45
CA GLY B 1008 -16.88 12.74 -5.37
C GLY B 1008 -15.83 11.72 -5.75
N VAL B 1009 -15.41 11.70 -7.01
CA VAL B 1009 -14.39 10.79 -7.51
C VAL B 1009 -13.19 11.57 -8.04
N GLN B 1010 -13.44 12.56 -8.89
CA GLN B 1010 -12.48 13.62 -9.19
C GLN B 1010 -13.11 14.95 -8.79
N PRO B 1011 -13.10 15.28 -7.50
CA PRO B 1011 -13.58 16.61 -7.08
C PRO B 1011 -12.93 17.67 -7.95
N PHE B 1012 -13.73 18.63 -8.42
CA PHE B 1012 -13.34 19.46 -9.56
C PHE B 1012 -13.06 20.90 -9.15
N GLY B 1013 -11.89 21.37 -9.52
CA GLY B 1013 -11.58 22.77 -9.32
C GLY B 1013 -10.09 22.99 -9.28
N GLY B 1014 -9.67 24.19 -9.63
CA GLY B 1014 -8.25 24.49 -9.64
C GLY B 1014 -7.86 25.69 -8.81
N ARG B 1015 -6.67 26.20 -9.10
CA ARG B 1015 -6.03 27.23 -8.33
C ARG B 1015 -5.64 28.38 -9.26
N GLY B 1016 -5.03 29.41 -8.69
CA GLY B 1016 -4.58 30.51 -9.53
C GLY B 1016 -5.76 31.21 -10.19
N LEU B 1017 -5.60 31.51 -11.48
CA LEU B 1017 -6.65 32.14 -12.28
C LEU B 1017 -7.82 31.22 -12.55
N SER B 1018 -7.73 29.95 -12.15
CA SER B 1018 -8.79 28.99 -12.36
C SER B 1018 -9.84 29.00 -11.27
N GLY B 1019 -9.58 29.59 -10.12
CA GLY B 1019 -10.64 29.69 -9.14
C GLY B 1019 -10.14 29.91 -7.73
N THR B 1020 -11.11 30.10 -6.84
CA THR B 1020 -10.86 30.24 -5.42
C THR B 1020 -10.84 28.90 -4.69
N GLY B 1021 -11.52 27.90 -5.23
CA GLY B 1021 -11.87 26.74 -4.44
C GLY B 1021 -12.91 27.14 -3.40
N PRO B 1022 -13.34 26.19 -2.59
CA PRO B 1022 -12.93 24.79 -2.62
C PRO B 1022 -13.52 24.03 -3.80
N LYS B 1023 -13.07 22.81 -4.01
CA LYS B 1023 -13.51 22.04 -5.18
C LYS B 1023 -14.99 21.67 -5.05
N ALA B 1024 -15.71 21.86 -6.15
CA ALA B 1024 -17.05 21.29 -6.27
C ALA B 1024 -16.96 19.78 -6.28
N GLY B 1025 -18.02 19.13 -5.79
CA GLY B 1025 -17.99 17.68 -5.76
C GLY B 1025 -16.95 17.13 -4.84
N GLY B 1026 -16.50 17.91 -3.86
CA GLY B 1026 -15.50 17.49 -2.91
C GLY B 1026 -15.92 17.83 -1.50
N PRO B 1027 -15.13 17.38 -0.52
CA PRO B 1027 -15.59 17.37 0.87
C PRO B 1027 -15.42 18.68 1.60
N LEU B 1028 -14.71 19.65 1.03
CA LEU B 1028 -14.56 20.96 1.65
C LEU B 1028 -15.63 21.95 1.22
N TYR B 1029 -16.49 21.57 0.27
CA TYR B 1029 -17.35 22.54 -0.40
C TYR B 1029 -18.39 23.10 0.55
N LEU B 1030 -19.15 22.23 1.24
CA LEU B 1030 -20.25 22.71 2.07
C LEU B 1030 -19.75 23.61 3.19
N GLY B 1031 -18.54 23.37 3.69
CA GLY B 1031 -18.01 24.15 4.79
C GLY B 1031 -17.81 25.61 4.47
N ARG B 1032 -17.72 25.95 3.19
CA ARG B 1032 -17.60 27.35 2.79
C ARG B 1032 -18.94 28.07 2.83
N LEU B 1033 -20.04 27.34 2.99
CA LEU B 1033 -21.38 27.88 2.87
C LEU B 1033 -22.09 27.96 4.22
N VAL B 1034 -21.33 27.84 5.31
CA VAL B 1034 -21.80 27.99 6.67
C VAL B 1034 -20.81 28.91 7.39
N THR B 1035 -21.23 29.47 8.52
CA THR B 1035 -20.35 30.43 9.20
C THR B 1035 -19.28 29.75 10.04
N THR B 1036 -19.52 28.52 10.48
CA THR B 1036 -18.51 27.71 11.16
C THR B 1036 -18.42 26.39 10.41
N ALA B 1037 -17.24 26.09 9.88
CA ALA B 1037 -17.10 24.91 9.02
C ALA B 1037 -17.03 23.64 9.87
N PRO B 1038 -17.69 22.58 9.42
CA PRO B 1038 -17.54 21.28 10.07
C PRO B 1038 -16.22 20.61 9.66
N VAL B 1039 -15.93 19.51 10.34
CA VAL B 1039 -14.79 18.65 9.99
C VAL B 1039 -15.27 17.69 8.91
N PRO B 1040 -14.76 17.78 7.69
CA PRO B 1040 -15.26 16.90 6.62
C PRO B 1040 -14.92 15.43 6.90
N PRO B 1041 -15.66 14.51 6.30
CA PRO B 1041 -15.28 13.09 6.39
C PRO B 1041 -13.84 12.89 5.93
N GLN B 1042 -13.12 12.03 6.65
CA GLN B 1042 -11.75 11.62 6.31
C GLN B 1042 -10.73 12.75 6.34
N HIS B 1043 -11.08 13.93 6.84
CA HIS B 1043 -10.24 15.13 6.75
C HIS B 1043 -9.32 15.19 7.98
N SER B 1044 -8.13 14.62 7.85
CA SER B 1044 -7.11 14.71 8.89
C SER B 1044 -5.78 14.32 8.27
N SER B 1045 -4.72 14.55 9.02
CA SER B 1045 -3.40 14.11 8.59
C SER B 1045 -2.56 13.80 9.82
N VAL B 1046 -1.74 12.74 9.72
CA VAL B 1046 -0.81 12.43 10.81
C VAL B 1046 0.48 13.22 10.74
N HIS B 1047 0.67 14.02 9.69
CA HIS B 1047 1.92 14.74 9.51
C HIS B 1047 1.84 16.12 10.13
N THR B 1048 2.96 16.56 10.69
CA THR B 1048 3.07 17.89 11.29
C THR B 1048 4.16 18.66 10.55
N ASP B 1049 3.82 19.87 10.12
CA ASP B 1049 4.78 20.67 9.38
C ASP B 1049 5.98 20.97 10.26
N PRO B 1050 7.20 20.74 9.77
CA PRO B 1050 8.38 20.93 10.63
C PRO B 1050 8.68 22.38 10.93
N VAL B 1051 8.31 23.28 10.04
CA VAL B 1051 8.54 24.71 10.30
C VAL B 1051 7.57 25.21 11.36
N LEU B 1052 6.31 24.74 11.31
CA LEU B 1052 5.39 24.96 12.42
C LEU B 1052 6.01 24.52 13.74
N LEU B 1053 6.62 23.33 13.76
CA LEU B 1053 7.20 22.83 15.01
C LEU B 1053 8.30 23.75 15.50
N ASP B 1054 9.16 24.22 14.59
CA ASP B 1054 10.23 25.13 14.99
C ASP B 1054 9.66 26.44 15.51
N PHE B 1055 8.55 26.91 14.92
CA PHE B 1055 7.91 28.15 15.37
C PHE B 1055 7.34 27.98 16.77
N ALA B 1056 6.71 26.84 17.04
CA ALA B 1056 6.16 26.60 18.37
C ALA B 1056 7.25 26.64 19.43
N LYS B 1057 8.40 26.02 19.15
CA LYS B 1057 9.50 26.04 20.11
C LYS B 1057 10.01 27.47 20.33
N TRP B 1058 10.13 28.24 19.25
CA TRP B 1058 10.54 29.63 19.38
C TRP B 1058 9.57 30.41 20.26
N LEU B 1059 8.27 30.18 20.10
CA LEU B 1059 7.29 30.82 20.97
C LEU B 1059 7.44 30.36 22.42
N ASP B 1060 7.69 29.07 22.65
CA ASP B 1060 7.99 28.57 23.99
C ASP B 1060 9.14 29.35 24.62
N GLY B 1061 10.24 29.51 23.88
CA GLY B 1061 11.40 30.19 24.42
C GLY B 1061 11.11 31.61 24.86
N LYS B 1062 10.18 32.28 24.18
CA LYS B 1062 9.81 33.65 24.49
C LYS B 1062 8.76 33.77 25.57
N GLY B 1063 8.26 32.64 26.10
CA GLY B 1063 7.18 32.70 27.06
C GLY B 1063 5.83 33.04 26.48
N ALA B 1064 5.66 32.96 25.16
CA ALA B 1064 4.38 33.21 24.51
C ALA B 1064 3.55 31.92 24.58
N ARG B 1065 3.12 31.60 25.80
CA ARG B 1065 2.56 30.27 26.07
C ARG B 1065 1.23 30.06 25.36
N ALA B 1066 0.35 31.06 25.38
CA ALA B 1066 -0.92 30.93 24.66
C ALA B 1066 -0.69 30.72 23.17
N GLU B 1067 0.27 31.45 22.60
CA GLU B 1067 0.51 31.34 21.16
C GLU B 1067 1.20 30.02 20.81
N ALA B 1068 2.15 29.58 21.64
CA ALA B 1068 2.77 28.28 21.39
C ALA B 1068 1.74 27.15 21.43
N GLU B 1069 0.80 27.24 22.37
CA GLU B 1069 -0.28 26.26 22.43
C GLU B 1069 -1.13 26.30 21.17
N ALA B 1070 -1.49 27.50 20.71
CA ALA B 1070 -2.24 27.62 19.47
C ALA B 1070 -1.46 27.03 18.31
N ALA B 1071 -0.15 27.24 18.29
CA ALA B 1071 0.67 26.72 17.20
C ALA B 1071 0.67 25.20 17.18
N ARG B 1072 0.86 24.58 18.36
CA ARG B 1072 0.79 23.12 18.43
CA ARG B 1072 0.80 23.12 18.42
C ARG B 1072 -0.57 22.60 18.00
N ASN B 1073 -1.64 23.25 18.45
CA ASN B 1073 -2.98 22.81 18.07
C ASN B 1073 -3.20 22.95 16.57
N ALA B 1074 -2.69 24.04 15.98
CA ALA B 1074 -2.80 24.18 14.53
C ALA B 1074 -2.02 23.09 13.83
N GLY B 1075 -0.80 22.80 14.31
CA GLY B 1075 -0.01 21.74 13.70
C GLY B 1075 -0.73 20.41 13.67
N SER B 1076 -1.48 20.10 14.74
CA SER B 1076 -2.21 18.85 14.80
C SER B 1076 -3.46 18.87 13.94
N SER B 1077 -4.22 19.96 13.96
CA SER B 1077 -5.51 19.93 13.28
C SER B 1077 -5.38 20.16 11.78
N SER B 1078 -4.24 20.69 11.33
CA SER B 1078 -4.00 20.81 9.89
C SER B 1078 -4.14 19.45 9.22
N ALA B 1079 -4.75 19.47 8.03
CA ALA B 1079 -4.87 18.27 7.22
C ALA B 1079 -3.86 18.25 6.09
N LEU B 1080 -2.86 19.14 6.12
CA LEU B 1080 -1.79 19.08 5.14
C LEU B 1080 -1.19 17.68 5.12
N GLY B 1081 -1.08 17.11 3.92
CA GLY B 1081 -0.51 15.78 3.78
C GLY B 1081 -1.55 14.68 3.68
N LEU B 1082 -2.83 15.01 3.81
CA LEU B 1082 -3.88 14.04 3.54
CA LEU B 1082 -3.90 14.05 3.53
C LEU B 1082 -3.68 13.44 2.16
N ASP B 1083 -3.84 12.12 2.07
CA ASP B 1083 -3.53 11.41 0.83
C ASP B 1083 -4.46 10.20 0.76
N LEU B 1084 -5.56 10.33 0.03
CA LEU B 1084 -6.66 9.36 0.03
C LEU B 1084 -6.88 8.81 -1.37
N GLU B 1085 -7.36 7.57 -1.43
CA GLU B 1085 -7.92 7.02 -2.66
C GLU B 1085 -9.42 6.98 -2.52
N LEU B 1086 -10.13 7.55 -3.46
CA LEU B 1086 -11.58 7.68 -3.43
C LEU B 1086 -12.22 6.51 -4.16
N PRO B 1087 -13.34 6.00 -3.66
CA PRO B 1087 -14.03 4.89 -4.36
C PRO B 1087 -14.51 5.32 -5.73
N GLY B 1088 -14.34 4.43 -6.70
CA GLY B 1088 -14.69 4.71 -8.07
C GLY B 1088 -14.69 3.45 -8.91
N PRO B 1089 -14.64 3.61 -10.23
CA PRO B 1089 -14.69 2.45 -11.12
C PRO B 1089 -13.40 1.63 -11.07
N VAL B 1090 -13.54 0.35 -11.41
CA VAL B 1090 -12.36 -0.48 -11.60
C VAL B 1090 -11.52 0.08 -12.75
N GLY B 1091 -10.24 -0.27 -12.76
CA GLY B 1091 -9.39 0.19 -13.85
C GLY B 1091 -8.99 1.63 -13.76
N GLU B 1092 -9.21 2.26 -12.62
CA GLU B 1092 -8.82 3.64 -12.39
C GLU B 1092 -8.44 3.76 -10.92
N ARG B 1093 -7.47 4.62 -10.64
CA ARG B 1093 -7.11 4.99 -9.29
C ARG B 1093 -7.33 6.48 -9.16
N ASN B 1094 -8.20 6.87 -8.23
CA ASN B 1094 -8.65 8.25 -8.10
C ASN B 1094 -8.20 8.75 -6.74
N LEU B 1095 -7.26 9.69 -6.76
CA LEU B 1095 -6.54 10.12 -5.57
C LEU B 1095 -6.91 11.57 -5.24
N TYR B 1096 -6.89 11.86 -3.94
CA TYR B 1096 -7.26 13.18 -3.44
C TYR B 1096 -6.26 13.54 -2.36
N THR B 1097 -5.59 14.69 -2.50
CA THR B 1097 -4.48 15.04 -1.65
C THR B 1097 -4.58 16.51 -1.26
N LEU B 1098 -4.06 16.84 -0.07
CA LEU B 1098 -4.04 18.22 0.40
C LEU B 1098 -2.60 18.69 0.55
N HIS B 1099 -2.29 19.80 -0.12
CA HIS B 1099 -0.96 20.38 -0.20
C HIS B 1099 -1.01 21.79 0.35
N ALA B 1100 0.18 22.37 0.53
CA ALA B 1100 0.22 23.79 0.86
C ALA B 1100 -0.37 24.61 -0.29
N ARG B 1101 -0.96 25.77 0.06
CA ARG B 1101 -1.52 26.65 -0.97
CA ARG B 1101 -1.52 26.66 -0.96
C ARG B 1101 -0.43 27.47 -1.65
N GLY B 1102 0.58 27.91 -0.91
CA GLY B 1102 1.62 28.77 -1.44
C GLY B 1102 2.06 29.83 -0.44
N ARG B 1103 2.05 31.10 -0.85
CA ARG B 1103 2.44 32.19 0.03
C ARG B 1103 1.18 32.92 0.45
N ILE B 1104 0.94 33.00 1.76
CA ILE B 1104 -0.26 33.62 2.31
C ILE B 1104 0.07 35.06 2.71
N LEU B 1105 -0.78 35.99 2.28
CA LEU B 1105 -0.66 37.37 2.70
C LEU B 1105 -1.19 37.49 4.13
N LEU B 1106 -0.36 37.97 5.04
CA LEU B 1106 -0.73 38.16 6.43
C LEU B 1106 -0.89 39.65 6.67
N VAL B 1107 -2.06 40.05 7.16
CA VAL B 1107 -2.33 41.44 7.48
C VAL B 1107 -2.66 41.51 8.96
N PRO B 1108 -1.66 41.48 9.84
CA PRO B 1108 -1.93 41.50 11.28
C PRO B 1108 -2.16 42.92 11.76
N ALA B 1109 -2.75 43.00 12.95
CA ALA B 1109 -2.86 44.24 13.71
C ALA B 1109 -2.03 44.24 14.98
N THR B 1110 -1.89 43.08 15.64
CA THR B 1110 -1.21 42.97 16.92
C THR B 1110 -0.18 41.85 16.83
N GLU B 1111 0.78 41.90 17.75
CA GLU B 1111 1.80 40.86 17.81
C GLU B 1111 1.19 39.48 18.01
N SER B 1112 0.26 39.35 18.96
CA SER B 1112 -0.36 38.05 19.19
C SER B 1112 -1.14 37.59 17.95
N GLY B 1113 -1.83 38.52 17.30
CA GLY B 1113 -2.54 38.18 16.08
C GLY B 1113 -1.60 37.68 15.00
N LEU B 1114 -0.43 38.33 14.87
CA LEU B 1114 0.56 37.87 13.90
C LEU B 1114 1.04 36.46 14.23
N TYR B 1115 1.31 36.18 15.52
CA TYR B 1115 1.76 34.85 15.88
C TYR B 1115 0.71 33.80 15.54
N HIS B 1116 -0.58 34.11 15.79
CA HIS B 1116 -1.65 33.18 15.44
C HIS B 1116 -1.79 33.00 13.94
N GLN B 1117 -1.67 34.09 13.18
CA GLN B 1117 -1.72 33.98 11.71
C GLN B 1117 -0.57 33.13 11.19
N LEU B 1118 0.64 33.39 11.71
CA LEU B 1118 1.79 32.59 11.31
CA LEU B 1118 1.79 32.59 11.31
C LEU B 1118 1.58 31.12 11.64
N ALA B 1119 1.08 30.83 12.84
CA ALA B 1119 0.81 29.44 13.21
C ALA B 1119 -0.11 28.77 12.21
N ALA B 1120 -1.21 29.44 11.85
CA ALA B 1120 -2.16 28.87 10.89
C ALA B 1120 -1.49 28.62 9.55
N ALA B 1121 -0.76 29.61 9.03
CA ALA B 1121 -0.17 29.47 7.70
C ALA B 1121 0.93 28.41 7.68
N LEU B 1122 1.78 28.39 8.71
CA LEU B 1122 2.89 27.44 8.74
C LEU B 1122 2.37 26.02 8.93
N ALA B 1123 1.35 25.84 9.77
CA ALA B 1123 0.82 24.50 10.03
C ALA B 1123 0.28 23.85 8.76
N THR B 1124 -0.14 24.67 7.80
CA THR B 1124 -0.65 24.20 6.52
C THR B 1124 0.41 24.26 5.42
N GLY B 1125 1.69 24.37 5.78
CA GLY B 1125 2.78 24.23 4.83
C GLY B 1125 3.12 25.47 4.05
N ASN B 1126 2.51 26.60 4.35
CA ASN B 1126 2.64 27.79 3.53
C ASN B 1126 3.82 28.66 3.96
N SER B 1127 4.28 29.47 3.02
CA SER B 1127 5.10 30.62 3.35
C SER B 1127 4.19 31.81 3.54
N VAL B 1128 4.76 32.93 4.00
CA VAL B 1128 3.97 34.13 4.24
C VAL B 1128 4.66 35.37 3.70
N ALA B 1129 3.82 36.36 3.37
CA ALA B 1129 4.25 37.74 3.18
C ALA B 1129 3.48 38.57 4.19
N ILE B 1130 4.20 39.23 5.10
CA ILE B 1130 3.57 39.98 6.17
C ILE B 1130 3.52 41.44 5.77
N ASP B 1131 2.35 42.05 5.93
CA ASP B 1131 2.18 43.48 5.65
C ASP B 1131 3.15 44.31 6.47
N ALA B 1132 4.07 45.01 5.77
CA ALA B 1132 5.04 45.82 6.49
C ALA B 1132 4.39 47.00 7.20
N ALA B 1133 3.25 47.47 6.69
CA ALA B 1133 2.57 48.59 7.33
C ALA B 1133 2.07 48.26 8.72
N SER B 1134 2.01 46.96 9.09
CA SER B 1134 1.61 46.59 10.43
C SER B 1134 2.60 47.10 11.48
N GLY B 1135 3.85 47.36 11.10
CA GLY B 1135 4.85 47.83 12.04
C GLY B 1135 5.28 46.80 13.07
N LEU B 1136 5.09 45.52 12.80
CA LEU B 1136 5.35 44.45 13.77
C LEU B 1136 6.69 43.77 13.54
N GLN B 1137 7.59 44.39 12.77
CA GLN B 1137 8.86 43.75 12.43
C GLN B 1137 9.64 43.28 13.66
N ALA B 1138 9.61 44.07 14.74
CA ALA B 1138 10.36 43.72 15.94
C ALA B 1138 9.83 42.45 16.62
N SER B 1139 8.61 42.03 16.29
CA SER B 1139 8.01 40.86 16.93
C SER B 1139 8.62 39.55 16.46
N LEU B 1140 9.37 39.57 15.36
CA LEU B 1140 10.01 38.38 14.82
C LEU B 1140 11.53 38.42 14.98
N LYS B 1141 12.01 39.05 16.04
CA LYS B 1141 13.44 39.07 16.30
C LYS B 1141 13.91 37.69 16.76
N ASN B 1142 15.04 37.24 16.21
CA ASN B 1142 15.67 35.98 16.60
C ASN B 1142 14.85 34.76 16.16
N LEU B 1143 14.06 34.91 15.11
CA LEU B 1143 13.33 33.77 14.55
C LEU B 1143 14.33 32.70 14.10
N PRO B 1144 14.02 31.42 14.29
CA PRO B 1144 14.85 30.37 13.70
C PRO B 1144 14.95 30.54 12.19
N GLN B 1145 16.11 30.19 11.64
CA GLN B 1145 16.31 30.30 10.20
C GLN B 1145 15.30 29.46 9.43
N THR B 1146 14.90 28.30 9.97
CA THR B 1146 13.90 27.47 9.30
C THR B 1146 12.60 28.23 9.12
N VAL B 1147 12.23 29.04 10.12
CA VAL B 1147 11.00 29.82 9.99
C VAL B 1147 11.24 31.05 9.14
N GLY B 1148 12.38 31.72 9.34
CA GLY B 1148 12.68 32.91 8.58
C GLY B 1148 12.68 32.70 7.08
N LEU B 1149 13.11 31.53 6.62
CA LEU B 1149 13.12 31.26 5.19
C LEU B 1149 11.72 31.26 4.60
N ARG B 1150 10.69 31.11 5.43
CA ARG B 1150 9.30 31.12 4.97
C ARG B 1150 8.63 32.47 5.14
N VAL B 1151 9.34 33.46 5.68
CA VAL B 1151 8.75 34.73 6.04
C VAL B 1151 9.36 35.82 5.16
N SER B 1152 8.49 36.61 4.52
CA SER B 1152 8.92 37.84 3.89
C SER B 1152 8.01 38.95 4.38
N TRP B 1153 8.46 40.19 4.21
CA TRP B 1153 7.67 41.36 4.54
C TRP B 1153 7.38 42.11 3.25
N SER B 1154 6.14 42.56 3.09
CA SER B 1154 5.72 43.21 1.85
C SER B 1154 5.29 44.65 2.13
N LYS B 1155 5.93 45.58 1.42
CA LYS B 1155 5.51 46.97 1.35
C LYS B 1155 4.71 47.26 0.08
N ASP B 1156 4.38 46.22 -0.69
CA ASP B 1156 3.76 46.41 -2.00
C ASP B 1156 3.08 45.08 -2.34
N TRP B 1157 1.83 44.92 -1.90
CA TRP B 1157 1.17 43.63 -2.03
C TRP B 1157 1.02 43.22 -3.49
N ALA B 1158 0.66 44.16 -4.36
CA ALA B 1158 0.43 43.82 -5.75
C ALA B 1158 1.71 43.40 -6.46
N ALA B 1159 2.84 44.01 -6.12
CA ALA B 1159 4.09 43.65 -6.76
C ALA B 1159 4.66 42.34 -6.23
N ASP B 1160 4.37 42.01 -4.97
CA ASP B 1160 4.98 40.85 -4.32
C ASP B 1160 4.15 39.58 -4.43
N GLY B 1161 2.94 39.66 -4.99
CA GLY B 1161 2.15 38.49 -5.26
C GLY B 1161 2.65 37.77 -6.49
N PRO B 1162 1.89 36.75 -6.96
CA PRO B 1162 0.58 36.38 -6.44
C PRO B 1162 0.66 35.62 -5.14
N PHE B 1163 -0.33 35.86 -4.29
CA PHE B 1163 -0.49 35.11 -3.07
C PHE B 1163 -1.53 34.02 -3.28
N ALA B 1164 -1.65 33.14 -2.30
CA ALA B 1164 -2.59 32.03 -2.39
C ALA B 1164 -3.72 32.12 -1.37
N GLY B 1165 -3.81 33.22 -0.64
CA GLY B 1165 -4.82 33.41 0.38
C GLY B 1165 -4.40 34.56 1.27
N ALA B 1166 -5.28 34.92 2.21
CA ALA B 1166 -4.95 36.03 3.09
C ALA B 1166 -5.60 35.84 4.44
N LEU B 1167 -4.88 36.23 5.48
CA LEU B 1167 -5.42 36.27 6.85
C LEU B 1167 -5.35 37.72 7.32
N VAL B 1168 -6.46 38.21 7.86
CA VAL B 1168 -6.59 39.62 8.22
C VAL B 1168 -7.06 39.72 9.66
N GLU B 1169 -6.45 40.64 10.42
CA GLU B 1169 -6.83 40.95 11.79
C GLU B 1169 -7.23 42.41 11.87
N GLY B 1170 -8.39 42.70 12.44
CA GLY B 1170 -8.78 44.07 12.65
C GLY B 1170 -10.24 44.20 13.01
N ASP B 1171 -10.64 45.46 13.24
CA ASP B 1171 -12.04 45.77 13.46
C ASP B 1171 -12.77 45.81 12.11
N ALA B 1172 -14.08 46.08 12.16
CA ALA B 1172 -14.88 46.00 10.94
C ALA B 1172 -14.39 46.95 9.87
N GLU B 1173 -14.06 48.19 10.25
CA GLU B 1173 -13.57 49.15 9.26
C GLU B 1173 -12.24 48.70 8.66
N ARG B 1174 -11.34 48.18 9.50
CA ARG B 1174 -10.06 47.69 8.99
C ARG B 1174 -10.26 46.50 8.05
N ILE B 1175 -11.14 45.57 8.43
CA ILE B 1175 -11.38 44.40 7.59
C ILE B 1175 -11.89 44.83 6.22
N ARG B 1176 -12.86 45.76 6.19
CA ARG B 1176 -13.42 46.21 4.92
CA ARG B 1176 -13.42 46.22 4.92
C ARG B 1176 -12.36 46.86 4.05
N ALA B 1177 -11.53 47.73 4.64
CA ALA B 1177 -10.49 48.40 3.87
C ALA B 1177 -9.48 47.41 3.31
N VAL B 1178 -9.07 46.43 4.13
CA VAL B 1178 -8.12 45.44 3.65
C VAL B 1178 -8.76 44.58 2.57
N ASN B 1179 -10.02 44.17 2.79
CA ASN B 1179 -10.72 43.34 1.81
C ASN B 1179 -10.81 44.06 0.47
N LYS B 1180 -11.13 45.36 0.48
CA LYS B 1180 -11.18 46.13 -0.75
C LYS B 1180 -9.82 46.16 -1.44
N ALA B 1181 -8.75 46.35 -0.68
CA ALA B 1181 -7.40 46.36 -1.26
C ALA B 1181 -7.05 45.00 -1.85
N ILE B 1182 -7.41 43.93 -1.15
CA ILE B 1182 -7.13 42.59 -1.67
C ILE B 1182 -7.93 42.33 -2.94
N ALA B 1183 -9.18 42.78 -2.99
CA ALA B 1183 -9.98 42.58 -4.19
C ALA B 1183 -9.36 43.27 -5.40
N ALA B 1184 -8.57 44.32 -5.17
CA ALA B 1184 -7.95 45.09 -6.24
C ALA B 1184 -6.59 44.54 -6.66
N LEU B 1185 -6.09 43.50 -6.01
CA LEU B 1185 -4.81 42.96 -6.42
C LEU B 1185 -4.95 42.25 -7.76
N PRO B 1186 -3.94 42.33 -8.62
CA PRO B 1186 -4.00 41.60 -9.89
C PRO B 1186 -3.83 40.11 -9.67
N GLY B 1187 -4.27 39.35 -10.66
CA GLY B 1187 -4.08 37.91 -10.64
C GLY B 1187 -5.21 37.16 -9.96
N PRO B 1188 -4.86 36.10 -9.23
CA PRO B 1188 -5.91 35.22 -8.69
C PRO B 1188 -6.75 35.92 -7.64
N LEU B 1189 -7.99 35.48 -7.53
CA LEU B 1189 -8.89 35.95 -6.47
C LEU B 1189 -8.53 35.26 -5.17
N LEU B 1190 -8.15 36.03 -4.16
CA LEU B 1190 -7.69 35.45 -2.91
C LEU B 1190 -8.85 35.09 -2.00
N LEU B 1191 -8.75 33.92 -1.38
CA LEU B 1191 -9.67 33.52 -0.33
C LEU B 1191 -9.22 34.21 0.96
N VAL B 1192 -10.01 35.17 1.41
CA VAL B 1192 -9.68 36.02 2.55
C VAL B 1192 -10.41 35.51 3.77
N GLN B 1193 -9.68 35.39 4.89
CA GLN B 1193 -10.27 35.13 6.19
C GLN B 1193 -9.91 36.26 7.14
N ALA B 1194 -10.90 36.72 7.91
CA ALA B 1194 -10.68 37.86 8.80
C ALA B 1194 -11.19 37.54 10.20
N ALA B 1195 -10.59 38.19 11.19
CA ALA B 1195 -11.00 38.03 12.58
C ALA B 1195 -10.58 39.28 13.33
N SER B 1196 -11.33 39.60 14.38
CA SER B 1196 -10.91 40.66 15.27
C SER B 1196 -9.85 40.13 16.23
N SER B 1197 -9.11 41.04 16.85
CA SER B 1197 -8.17 40.64 17.88
C SER B 1197 -8.87 39.86 18.98
N GLY B 1198 -10.08 40.27 19.34
CA GLY B 1198 -10.83 39.56 20.37
C GLY B 1198 -11.20 38.15 19.97
N GLU B 1199 -11.65 37.97 18.71
CA GLU B 1199 -11.99 36.63 18.25
C GLU B 1199 -10.75 35.73 18.22
N ILE B 1200 -9.60 36.27 17.79
CA ILE B 1200 -8.37 35.49 17.78
C ILE B 1200 -8.07 34.97 19.19
N ALA B 1201 -8.29 35.81 20.20
CA ALA B 1201 -7.99 35.42 21.57
C ALA B 1201 -8.98 34.41 22.12
N ARG B 1202 -10.25 34.50 21.72
CA ARG B 1202 -11.30 33.67 22.31
CA ARG B 1202 -11.29 33.67 22.31
C ARG B 1202 -11.64 32.43 21.49
N ASN B 1203 -11.36 32.43 20.19
CA ASN B 1203 -11.77 31.33 19.32
C ASN B 1203 -10.55 30.65 18.70
N PRO B 1204 -10.21 29.43 19.10
CA PRO B 1204 -9.10 28.72 18.45
C PRO B 1204 -9.30 28.47 16.96
N ASP B 1205 -10.54 28.52 16.48
CA ASP B 1205 -10.83 28.34 15.07
C ASP B 1205 -11.16 29.67 14.37
N ALA B 1206 -10.67 30.78 14.93
CA ALA B 1206 -10.87 32.09 14.30
C ALA B 1206 -10.47 32.06 12.83
N TYR B 1207 -9.34 31.43 12.52
CA TYR B 1207 -8.91 31.18 11.15
C TYR B 1207 -9.04 29.69 10.88
N CYS B 1208 -9.77 29.36 9.82
CA CYS B 1208 -10.05 27.97 9.49
C CYS B 1208 -8.94 27.41 8.60
N LEU B 1209 -8.31 26.32 9.06
CA LEU B 1209 -7.24 25.72 8.27
C LEU B 1209 -7.73 25.03 7.00
N ASN B 1210 -9.04 24.80 6.88
CA ASN B 1210 -9.57 24.18 5.67
C ASN B 1210 -9.21 24.99 4.44
N TRP B 1211 -9.14 26.32 4.57
CA TRP B 1211 -8.97 27.20 3.41
C TRP B 1211 -7.51 27.53 3.15
N LEU B 1212 -6.58 26.95 3.92
CA LEU B 1212 -5.17 27.24 3.81
C LEU B 1212 -4.39 26.09 3.19
N VAL B 1213 -5.08 25.06 2.73
CA VAL B 1213 -4.48 23.97 1.95
C VAL B 1213 -5.09 23.99 0.56
N GLU B 1214 -4.39 23.36 -0.38
CA GLU B 1214 -4.85 23.24 -1.76
C GLU B 1214 -5.20 21.77 -2.04
N GLU B 1215 -6.40 21.56 -2.59
CA GLU B 1215 -6.82 20.21 -2.97
C GLU B 1215 -6.30 19.87 -4.36
N VAL B 1216 -5.82 18.64 -4.52
CA VAL B 1216 -5.42 18.13 -5.82
C VAL B 1216 -6.08 16.78 -6.03
N SER B 1217 -6.72 16.63 -7.19
CA SER B 1217 -7.30 15.37 -7.60
C SER B 1217 -6.46 14.79 -8.73
N ALA B 1218 -6.19 13.48 -8.68
CA ALA B 1218 -5.46 12.80 -9.74
C ALA B 1218 -6.19 11.52 -10.11
N SER B 1219 -6.48 11.36 -11.40
CA SER B 1219 -7.13 10.15 -11.89
C SER B 1219 -6.17 9.42 -12.82
N ILE B 1220 -5.79 8.21 -12.44
CA ILE B 1220 -4.85 7.40 -13.21
C ILE B 1220 -5.62 6.24 -13.83
N ASN B 1221 -5.54 6.11 -15.15
CA ASN B 1221 -6.12 4.97 -15.86
C ASN B 1221 -5.17 3.80 -15.72
N THR B 1222 -5.51 2.86 -14.83
CA THR B 1222 -4.67 1.70 -14.56
C THR B 1222 -4.93 0.56 -15.51
N ALA B 1223 -5.83 0.74 -16.46
CA ALA B 1223 -6.06 -0.23 -17.52
C ALA B 1223 -5.34 0.16 -18.79
N ALA B 1224 -4.53 1.21 -18.76
CA ALA B 1224 -3.96 1.77 -19.99
C ALA B 1224 -3.01 0.81 -20.70
N ALA B 1225 -2.42 -0.16 -19.99
CA ALA B 1225 -1.51 -1.10 -20.64
C ALA B 1225 -2.25 -2.16 -21.42
N GLY B 1226 -3.57 -2.23 -21.33
CA GLY B 1226 -4.34 -3.20 -22.09
C GLY B 1226 -5.17 -4.14 -21.24
N GLY B 1227 -5.09 -4.06 -19.92
CA GLY B 1227 -5.89 -4.89 -19.05
C GLY B 1227 -5.79 -4.37 -17.63
N ASN B 1228 -6.48 -5.06 -16.72
CA ASN B 1228 -6.64 -4.62 -15.35
C ASN B 1228 -6.01 -5.67 -14.43
N ALA B 1229 -4.87 -5.33 -13.82
CA ALA B 1229 -4.16 -6.28 -12.97
C ALA B 1229 -5.03 -6.72 -11.79
N SER B 1230 -5.71 -5.76 -11.16
CA SER B 1230 -6.52 -6.08 -9.98
C SER B 1230 -7.60 -7.09 -10.32
N LEU B 1231 -8.23 -6.95 -11.49
CA LEU B 1231 -9.29 -7.88 -11.89
C LEU B 1231 -8.77 -9.24 -12.33
N MET B 1232 -7.47 -9.37 -12.59
CA MET B 1232 -6.91 -10.69 -12.87
C MET B 1232 -7.08 -11.65 -11.70
N ALA B 1233 -7.27 -11.13 -10.49
CA ALA B 1233 -7.45 -11.95 -9.30
C ALA B 1233 -8.92 -12.15 -8.93
N ILE B 1234 -9.85 -11.66 -9.75
CA ILE B 1234 -11.28 -11.72 -9.46
C ILE B 1234 -11.91 -12.70 -10.45
N GLY B 1235 -12.34 -13.85 -9.94
CA GLY B 1235 -13.00 -14.87 -10.75
C GLY B 1235 -14.21 -15.47 -10.05
PA FAD C . -12.34 -22.19 17.03
O1A FAD C . -12.78 -21.07 16.06
O2A FAD C . -12.77 -23.55 16.74
O5B FAD C . -10.86 -22.36 17.18
C5B FAD C . -9.98 -21.24 17.08
C4B FAD C . -8.53 -21.66 17.37
O4B FAD C . -7.96 -22.30 16.28
C3B FAD C . -7.56 -20.56 17.69
O3B FAD C . -7.73 -19.97 18.93
C2B FAD C . -6.28 -21.28 17.55
O2B FAD C . -5.94 -22.04 18.65
C1B FAD C . -6.56 -22.18 16.40
N9A FAD C . -6.05 -21.72 15.14
C8A FAD C . -6.45 -20.59 14.43
N7A FAD C . -5.73 -20.49 13.33
C5A FAD C . -4.81 -21.52 13.27
C6A FAD C . -3.84 -21.91 12.37
N6A FAD C . -3.63 -21.14 11.17
N1A FAD C . -3.12 -23.02 12.61
C2A FAD C . -3.31 -23.76 13.73
N3A FAD C . -4.26 -23.42 14.64
C4A FAD C . -5.00 -22.33 14.42
N1 FAD C . -6.19 -20.57 25.69
C2 FAD C . -4.89 -20.95 26.17
O2 FAD C . -3.82 -20.91 25.38
N3 FAD C . -4.70 -21.21 27.50
C4 FAD C . -5.76 -21.25 28.37
O4 FAD C . -5.47 -21.53 29.68
C4X FAD C . -7.15 -21.16 27.86
N5 FAD C . -8.28 -21.43 28.62
C5X FAD C . -9.54 -21.33 28.04
C6 FAD C . -10.69 -21.61 28.78
C7 FAD C . -11.95 -21.52 28.19
C7M FAD C . -13.18 -21.83 29.01
C8 FAD C . -12.10 -21.17 26.86
C8M FAD C . -13.45 -21.07 26.23
C9 FAD C . -10.95 -20.90 26.10
C9A FAD C . -9.70 -20.99 26.69
N10 FAD C . -8.55 -20.72 25.89
C10 FAD C . -7.29 -20.79 26.47
C1' FAD C . -8.71 -20.29 24.49
C2' FAD C . -8.76 -21.38 23.45
O2' FAD C . -7.52 -21.96 23.43
C3' FAD C . -9.10 -20.79 22.08
O3' FAD C . -8.18 -19.83 21.73
C4' FAD C . -10.47 -20.13 21.96
O4' FAD C . -11.35 -20.52 22.95
C5' FAD C . -11.07 -20.34 20.57
O5' FAD C . -11.06 -21.71 20.17
P FAD C . -12.41 -22.53 19.86
O1P FAD C . -12.34 -24.09 20.03
O2P FAD C . -13.41 -21.75 20.81
O3P FAD C . -12.90 -21.98 18.40
C FMT D . 14.67 -26.36 17.89
O1 FMT D . 15.04 -26.20 16.73
O2 FMT D . 14.62 -27.45 18.48
C1 PEG E . 21.30 -19.92 -3.02
O1 PEG E . 22.51 -20.29 -3.62
C2 PEG E . 21.36 -20.21 -1.52
O2 PEG E . 20.09 -20.03 -0.97
C3 PEG E . 19.27 -21.16 -1.01
C4 PEG E . 17.82 -20.75 -0.81
O4 PEG E . 16.98 -21.72 -1.37
CB UY7 F . 24.57 -5.00 15.13
CG UY7 F . 26.01 -5.45 14.88
CD UY7 F . 26.34 -6.35 16.09
CA UY7 F . 23.95 -6.05 16.07
C UY7 F . 23.31 -5.35 17.31
N UY7 F . 25.06 -7.02 16.42
OXT UY7 F . 23.90 -5.47 18.41
O UY7 F . 22.26 -4.70 17.12
O09 UY7 F . 26.02 -6.26 13.73
CB UY7 G . 42.63 -26.62 18.76
CG UY7 G . 41.21 -27.09 19.04
CD UY7 G . 40.48 -25.81 19.24
CA UY7 G . 42.40 -25.38 17.89
C UY7 G . 43.38 -24.26 18.25
N UY7 G . 40.97 -24.98 18.12
OXT UY7 G . 44.61 -24.48 18.10
O UY7 G . 42.86 -23.19 18.64
O09 UY7 G . 40.69 -27.64 17.85
C1 PEG H . 13.32 11.69 -0.20
O1 PEG H . 11.98 12.09 -0.38
C2 PEG H . 13.44 10.77 1.01
O2 PEG H . 12.61 9.65 0.84
C3 PEG H . 12.65 8.76 1.92
C4 PEG H . 11.69 7.59 1.67
O4 PEG H . 10.37 8.06 1.66
S SO4 I . 16.13 -6.08 -8.81
O1 SO4 I . 15.70 -4.69 -8.64
O2 SO4 I . 15.09 -6.99 -8.39
O3 SO4 I . 16.50 -6.34 -10.21
O4 SO4 I . 17.31 -6.26 -7.98
S SO4 J . 43.72 13.88 -15.28
O1 SO4 J . 43.95 15.13 -14.54
O2 SO4 J . 42.78 13.02 -14.56
O3 SO4 J . 43.18 14.21 -16.60
O4 SO4 J . 44.99 13.18 -15.43
S SO4 K . -27.32 -24.62 4.81
O1 SO4 K . -27.14 -23.30 5.39
O2 SO4 K . -28.36 -25.33 5.54
O3 SO4 K . -27.72 -24.49 3.41
O4 SO4 K . -26.07 -25.38 4.87
S SO4 L . 2.81 15.49 30.64
O1 SO4 L . 1.43 15.69 30.19
O2 SO4 L . 3.00 16.09 31.96
O3 SO4 L . 3.09 14.06 30.72
O4 SO4 L . 3.70 16.14 29.67
S SO4 M . -1.19 -3.43 10.88
O1 SO4 M . -2.14 -2.65 10.08
O2 SO4 M . -1.88 -3.99 12.02
O3 SO4 M . -0.63 -4.51 10.06
O4 SO4 M . -0.10 -2.56 11.33
PA FAD N . -10.61 -20.34 -19.61
O1A FAD N . -9.54 -20.11 -18.52
O2A FAD N . -11.50 -21.47 -19.47
O5B FAD N . -11.63 -19.25 -19.70
C5B FAD N . -11.19 -17.90 -19.48
C4B FAD N . -12.29 -16.90 -19.82
O4B FAD N . -13.22 -16.80 -18.78
C3B FAD N . -11.80 -15.49 -19.97
O3B FAD N . -11.17 -15.21 -21.17
C2B FAD N . -13.07 -14.72 -19.85
O2B FAD N . -13.82 -14.79 -21.01
C1B FAD N . -13.77 -15.50 -18.80
N9A FAD N . -13.68 -14.94 -17.48
C8A FAD N . -12.55 -14.72 -16.70
N7A FAD N . -12.91 -14.18 -15.54
C5A FAD N . -14.30 -14.03 -15.51
C6A FAD N . -15.22 -13.55 -14.58
N6A FAD N . -14.78 -13.05 -13.30
N1A FAD N . -16.52 -13.54 -14.92
C2A FAD N . -16.98 -14.01 -16.11
N3A FAD N . -16.10 -14.50 -17.02
C4A FAD N . -14.79 -14.51 -16.75
N1 FAD N . -12.29 -13.75 -27.85
C2 FAD N . -13.25 -12.81 -28.35
O2 FAD N . -13.84 -11.97 -27.50
N3 FAD N . -13.52 -12.67 -29.69
C4 FAD N . -12.95 -13.50 -30.61
O4 FAD N . -13.25 -13.33 -31.93
C4X FAD N . -12.13 -14.64 -30.12
N5 FAD N . -11.69 -15.65 -30.99
C5X FAD N . -10.94 -16.70 -30.45
C6 FAD N . -10.49 -17.72 -31.30
C7 FAD N . -9.76 -18.78 -30.76
C7M FAD N . -9.27 -19.89 -31.65
C8 FAD N . -9.45 -18.85 -29.42
C8M FAD N . -8.66 -19.99 -28.88
C9 FAD N . -9.89 -17.83 -28.57
C9A FAD N . -10.63 -16.78 -29.10
N10 FAD N . -11.08 -15.78 -28.21
C10 FAD N . -11.83 -14.71 -28.71
C1' FAD N . -10.72 -15.82 -26.78
C2' FAD N . -11.68 -16.55 -25.89
O2' FAD N . -12.86 -15.86 -25.90
C3' FAD N . -11.11 -16.60 -24.47
O3' FAD N . -10.91 -15.31 -24.01
C4' FAD N . -9.79 -17.33 -24.28
O4' FAD N . -9.56 -18.23 -25.30
C5' FAD N . -9.75 -18.04 -22.93
O5' FAD N . -10.88 -18.89 -22.75
P FAD N . -10.71 -20.47 -22.47
O1P FAD N . -12.00 -21.35 -22.67
O2P FAD N . -9.46 -20.81 -23.35
O3P FAD N . -10.02 -20.50 -21.00
C1 PGE O . 0.35 14.53 -0.25
O1 PGE O . 1.41 13.61 -0.35
C2 PGE O . 0.88 15.95 -0.12
O2 PGE O . 1.50 16.15 1.11
C3 PGE O . 1.92 17.46 1.33
C4 PGE O . 2.65 17.56 2.67
O4 PGE O . 4.65 13.97 4.12
C6 PGE O . 5.19 15.25 3.98
C5 PGE O . 4.07 16.30 4.02
O3 PGE O . 3.73 16.69 2.72
C1 PEG P . -27.86 3.25 -0.45
O1 PEG P . -26.46 3.38 -0.52
C2 PEG P . -28.48 4.60 -0.79
O2 PEG P . -27.97 5.57 0.08
C3 PEG P . -28.85 6.65 0.28
C4 PEG P . -28.52 7.34 1.59
O4 PEG P . -29.67 7.49 2.37
CB UY7 Q . -16.51 19.51 -14.31
CG UY7 Q . -17.71 20.41 -14.04
CD UY7 Q . -18.48 20.39 -15.38
CA UY7 Q . -16.97 18.51 -15.42
C UY7 Q . -15.92 18.45 -16.57
N UY7 Q . -18.31 18.99 -15.89
OXT UY7 Q . -14.84 17.89 -16.30
O UY7 Q . -16.23 18.97 -17.67
O09 UY7 Q . -18.50 19.82 -13.04
S SO4 R . -14.41 9.29 8.76
O1 SO4 R . -15.14 10.25 7.93
O2 SO4 R . -14.94 9.29 10.12
O3 SO4 R . -14.55 7.96 8.18
O4 SO4 R . -13.00 9.65 8.75
S SO4 S . 11.34 -19.58 -48.86
O1 SO4 S . 9.99 -19.03 -48.75
O2 SO4 S . 12.06 -19.34 -47.61
O3 SO4 S . 11.25 -21.01 -49.12
O4 SO4 S . 12.04 -18.93 -49.96
S SO4 T . -4.85 -34.86 -8.23
O1 SO4 T . -6.26 -34.45 -8.32
O2 SO4 T . -4.59 -35.38 -6.89
O3 SO4 T . -4.58 -35.90 -9.22
O4 SO4 T . -4.00 -33.71 -8.48
S SO4 U . 13.51 14.08 -28.69
O1 SO4 U . 13.59 15.19 -27.74
O2 SO4 U . 12.13 13.62 -28.82
O3 SO4 U . 14.01 14.51 -29.99
O4 SO4 U . 14.35 12.97 -28.19
#